data_1DX5
#
_entry.id   1DX5
#
_cell.length_a   214.400
_cell.length_b   214.400
_cell.length_c   131.410
_cell.angle_alpha   90.00
_cell.angle_beta   90.00
_cell.angle_gamma   120.00
#
_symmetry.space_group_name_H-M   'H 3'
#
loop_
_entity.id
_entity.type
_entity.pdbx_description
1 polymer 'Thrombin light chain'
2 polymer Thrombomodulin
3 polymer 'Thrombin heavy chain'
4 non-polymer 'FORMIC ACID'
5 non-polymer 'CALCIUM ION'
6 non-polymer 'SODIUM ION'
7 non-polymer 2-acetamido-2-deoxy-beta-D-glucopyranose
8 non-polymer L-alpha-glutamyl-N-{(1S)-4-{[amino(iminio)methyl]amino}-1-[(1S)-2-chloro-1-hydroxyethyl]butyl}glycinamide
9 water water
#
loop_
_entity_poly.entity_id
_entity_poly.type
_entity_poly.pdbx_seq_one_letter_code
_entity_poly.pdbx_strand_id
1 'polypeptide(L)' TFGSGEADCGLRPLFEKKSLEDKTERELLESYIDGR A,B,C,D
2 'polypeptide(L)'
;VEPVDPCFRANCEYQCQPLDQTSYLCVCAEGFAPIPHEPHRCQMFCNQTACPADCDPNTQASCECPEGYILDDGFICTDI
DECENGGFCSGVCHNLPGTFECICGPDSALAGQIGTDC
;
I,J,K,L
3 'polypeptide(L)'
;IVEGSDAEIGMSPWQVMLFRKSPQELLCGASLISDRWVLTAAHCLLYPPWDKNFIENDLLVRIGKHSRTRYERNIEKISM
LEKIYIHPRYNWRENLDRDIALMKLKKPVAFSDYIHPVCLPDRETAASLLQAGYKGRVTGWGNLKETWTANVGKGQPSVL
QVVNLPIVERPVCKDSTRIRITDNMFCAGYKPDEGKRGDACEGDSGGPFVMKSPFNNRWYQMGIVSWGEGCDRDGKYGFY
THVFRLKKWIQKVIDQFGE
;
M,N,O,P
#
loop_
_chem_comp.id
_chem_comp.type
_chem_comp.name
_chem_comp.formula
0GJ peptide-like L-alpha-glutamyl-N-{(1S)-4-{[amino(iminio)methyl]amino}-1-[(1S)-2-chloro-1-hydroxyethyl]butyl}glycinamide 'C14 H28 Cl N6 O5 1'
CA non-polymer 'CALCIUM ION' 'Ca 2'
FMT non-polymer 'FORMIC ACID' 'C H2 O2'
NA non-polymer 'SODIUM ION' 'Na 1'
NAG D-saccharide, beta linking 2-acetamido-2-deoxy-beta-D-glucopyranose 'C8 H15 N O6'
#
# COMPACT_ATOMS: atom_id res chain seq x y z
N THR A 1 14.99 -15.68 4.76
CA THR A 1 14.77 -16.42 6.04
C THR A 1 14.27 -17.83 5.79
N PHE A 2 14.08 -18.59 6.87
CA PHE A 2 13.60 -19.97 6.78
C PHE A 2 12.08 -20.03 6.72
N GLY A 3 11.56 -20.93 5.88
CA GLY A 3 10.13 -21.10 5.73
C GLY A 3 9.48 -20.03 4.89
N SER A 4 10.28 -19.28 4.14
CA SER A 4 9.78 -18.20 3.28
C SER A 4 9.06 -18.74 2.04
N GLY A 5 9.44 -19.95 1.62
CA GLY A 5 8.83 -20.54 0.44
C GLY A 5 9.61 -20.25 -0.83
N GLU A 6 10.83 -19.71 -0.67
CA GLU A 6 11.69 -19.36 -1.81
C GLU A 6 12.88 -20.31 -1.98
N ALA A 7 13.19 -21.07 -0.93
CA ALA A 7 14.32 -22.02 -0.96
C ALA A 7 14.12 -23.15 -1.97
N ASP A 8 15.23 -23.65 -2.51
CA ASP A 8 15.16 -24.75 -3.46
C ASP A 8 15.16 -26.07 -2.69
N CYS A 9 13.96 -26.57 -2.42
CA CYS A 9 13.76 -27.81 -1.68
C CYS A 9 12.72 -28.63 -2.42
N GLY A 10 12.57 -29.90 -2.01
CA GLY A 10 11.55 -30.76 -2.58
C GLY A 10 11.71 -31.30 -3.98
N LEU A 11 12.80 -30.96 -4.66
CA LEU A 11 13.03 -31.45 -6.02
C LEU A 11 14.23 -32.40 -5.95
N ARG A 12 14.00 -33.64 -6.37
CA ARG A 12 15.04 -34.66 -6.35
C ARG A 12 15.95 -34.65 -7.58
N PRO A 13 17.27 -34.60 -7.35
CA PRO A 13 18.26 -34.58 -8.44
C PRO A 13 18.05 -35.72 -9.45
N LEU A 14 17.84 -36.93 -8.95
CA LEU A 14 17.65 -38.11 -9.78
C LEU A 14 16.23 -38.30 -10.33
N PHE A 15 15.33 -37.39 -9.99
CA PHE A 15 13.95 -37.50 -10.47
C PHE A 15 13.37 -36.28 -11.15
N GLU A 16 12.83 -35.33 -10.39
CA GLU A 16 12.26 -34.12 -10.98
C GLU A 16 13.30 -33.35 -11.80
N LYS A 17 14.51 -33.23 -11.26
CA LYS A 17 15.59 -32.51 -11.93
C LYS A 17 15.97 -33.11 -13.28
N LYS A 18 15.74 -34.40 -13.45
CA LYS A 18 16.06 -35.09 -14.70
C LYS A 18 14.81 -35.51 -15.46
N SER A 19 13.64 -35.01 -15.02
CA SER A 19 12.35 -35.31 -15.64
C SER A 19 12.02 -36.80 -15.61
N LEU A 20 12.47 -37.47 -14.55
CA LEU A 20 12.21 -38.90 -14.37
C LEU A 20 11.25 -39.06 -13.21
N GLU A 21 10.35 -40.01 -13.32
CA GLU A 21 9.38 -40.26 -12.26
C GLU A 21 9.71 -41.56 -11.57
N ASP A 22 9.48 -41.63 -10.26
CA ASP A 22 9.74 -42.88 -9.57
C ASP A 22 8.58 -43.85 -9.79
N LYS A 23 8.76 -45.10 -9.35
CA LYS A 23 7.77 -46.15 -9.52
C LYS A 23 6.31 -45.95 -9.08
N THR A 24 6.11 -45.42 -7.88
CA THR A 24 4.76 -45.26 -7.33
C THR A 24 4.27 -43.83 -7.17
N GLU A 25 5.00 -42.91 -7.74
CA GLU A 25 4.70 -41.48 -7.70
C GLU A 25 3.30 -41.17 -8.27
N ARG A 26 2.90 -41.91 -9.31
CA ARG A 26 1.61 -41.72 -9.95
C ARG A 26 0.45 -42.02 -9.00
N GLU A 27 0.65 -43.00 -8.12
CA GLU A 27 -0.36 -43.40 -7.15
C GLU A 27 -0.80 -42.26 -6.24
N LEU A 28 0.15 -41.41 -5.85
CA LEU A 28 -0.14 -40.26 -4.97
C LEU A 28 -0.88 -39.19 -5.74
N LEU A 29 -0.48 -38.98 -6.99
CA LEU A 29 -1.08 -38.00 -7.88
C LEU A 29 -2.52 -38.41 -8.19
N GLU A 30 -2.75 -39.72 -8.39
CA GLU A 30 -4.09 -40.23 -8.68
C GLU A 30 -5.04 -40.16 -7.48
N SER A 31 -4.48 -40.07 -6.27
CA SER A 31 -5.30 -39.99 -5.06
C SER A 31 -5.95 -38.61 -4.90
N TYR A 32 -5.40 -37.60 -5.58
CA TYR A 32 -5.93 -36.24 -5.52
C TYR A 32 -7.28 -36.09 -6.24
N ILE A 33 -7.50 -36.89 -7.27
CA ILE A 33 -8.74 -36.86 -8.05
C ILE A 33 -9.91 -37.29 -7.16
N ASP A 34 -10.77 -36.33 -6.84
CA ASP A 34 -11.93 -36.57 -6.00
C ASP A 34 -13.16 -37.01 -6.80
N GLY A 35 -13.94 -37.91 -6.20
CA GLY A 35 -15.16 -38.39 -6.85
C GLY A 35 -16.33 -37.47 -6.58
N ARG A 36 -16.91 -36.94 -7.65
CA ARG A 36 -18.05 -36.03 -7.54
C ARG A 36 -19.38 -36.75 -7.30
N THR B 1 4.60 -12.06 12.71
CA THR B 1 4.56 -11.36 11.40
C THR B 1 3.12 -11.21 10.90
N PHE B 2 2.59 -9.99 10.97
CA PHE B 2 1.23 -9.72 10.54
C PHE B 2 1.17 -9.48 9.04
N GLY B 3 0.15 -10.06 8.41
CA GLY B 3 -0.05 -9.91 6.98
C GLY B 3 0.94 -10.71 6.16
N SER B 4 1.48 -11.77 6.75
CA SER B 4 2.42 -12.66 6.06
C SER B 4 1.66 -13.62 5.14
N GLY B 5 0.42 -13.91 5.51
CA GLY B 5 -0.40 -14.82 4.72
C GLY B 5 -0.36 -16.23 5.28
N GLU B 6 0.20 -16.38 6.47
CA GLU B 6 0.32 -17.70 7.11
C GLU B 6 -0.61 -17.87 8.31
N ALA B 7 -1.20 -16.76 8.78
CA ALA B 7 -2.12 -16.77 9.92
C ALA B 7 -3.39 -17.57 9.62
N ASP B 8 -3.99 -18.15 10.65
CA ASP B 8 -5.21 -18.92 10.49
C ASP B 8 -6.40 -17.99 10.66
N CYS B 9 -6.81 -17.38 9.55
CA CYS B 9 -7.92 -16.45 9.52
C CYS B 9 -8.90 -16.86 8.44
N GLY B 10 -10.09 -16.25 8.44
CA GLY B 10 -11.06 -16.50 7.39
C GLY B 10 -11.87 -17.77 7.39
N LEU B 11 -11.57 -18.69 8.29
CA LEU B 11 -12.33 -19.94 8.35
C LEU B 11 -13.20 -19.87 9.59
N ARG B 12 -14.50 -19.99 9.39
CA ARG B 12 -15.47 -19.92 10.46
C ARG B 12 -15.70 -21.27 11.13
N PRO B 13 -15.61 -21.31 12.48
CA PRO B 13 -15.80 -22.52 13.27
C PRO B 13 -17.13 -23.25 13.03
N LEU B 14 -18.20 -22.48 12.88
CA LEU B 14 -19.53 -23.05 12.65
C LEU B 14 -19.84 -23.36 11.19
N PHE B 15 -18.93 -23.01 10.29
CA PHE B 15 -19.15 -23.27 8.88
C PHE B 15 -18.05 -24.05 8.18
N GLU B 16 -17.03 -23.37 7.65
CA GLU B 16 -15.93 -24.04 6.97
C GLU B 16 -15.36 -25.19 7.78
N LYS B 17 -15.05 -24.93 9.05
CA LYS B 17 -14.47 -25.94 9.94
C LYS B 17 -15.34 -27.19 10.14
N LYS B 18 -16.64 -27.05 9.90
CA LYS B 18 -17.56 -28.18 10.04
C LYS B 18 -18.13 -28.61 8.70
N SER B 19 -17.55 -28.10 7.61
CA SER B 19 -17.99 -28.41 6.25
C SER B 19 -19.45 -28.05 6.02
N LEU B 20 -19.89 -26.98 6.67
CA LEU B 20 -21.25 -26.49 6.53
C LEU B 20 -21.23 -25.18 5.77
N GLU B 21 -22.18 -25.00 4.86
CA GLU B 21 -22.28 -23.77 4.10
C GLU B 21 -23.43 -22.94 4.64
N ASP B 22 -23.28 -21.62 4.59
CA ASP B 22 -24.35 -20.76 5.05
C ASP B 22 -25.37 -20.57 3.93
N LYS B 23 -26.50 -19.98 4.27
CA LYS B 23 -27.61 -19.74 3.35
C LYS B 23 -27.36 -19.16 1.96
N THR B 24 -26.59 -18.08 1.89
CA THR B 24 -26.36 -17.38 0.62
C THR B 24 -24.93 -17.37 0.12
N GLU B 25 -24.10 -18.21 0.71
CA GLU B 25 -22.70 -18.32 0.34
C GLU B 25 -22.53 -18.71 -1.14
N ARG B 26 -23.38 -19.61 -1.61
CA ARG B 26 -23.32 -20.06 -3.01
C ARG B 26 -23.48 -18.89 -3.99
N GLU B 27 -24.29 -17.91 -3.59
CA GLU B 27 -24.54 -16.72 -4.38
C GLU B 27 -23.26 -15.96 -4.74
N LEU B 28 -22.36 -15.83 -3.76
CA LEU B 28 -21.08 -15.13 -3.95
C LEU B 28 -20.16 -15.93 -4.89
N LEU B 29 -20.14 -17.24 -4.71
CA LEU B 29 -19.32 -18.15 -5.51
C LEU B 29 -19.79 -18.06 -6.97
N GLU B 30 -21.10 -18.14 -7.19
CA GLU B 30 -21.66 -18.06 -8.54
C GLU B 30 -21.43 -16.73 -9.26
N SER B 31 -21.10 -15.68 -8.53
CA SER B 31 -20.84 -14.37 -9.16
C SER B 31 -19.47 -14.33 -9.84
N TYR B 32 -18.59 -15.25 -9.46
CA TYR B 32 -17.24 -15.34 -10.03
C TYR B 32 -17.24 -15.81 -11.49
N ILE B 33 -18.17 -16.71 -11.82
CA ILE B 33 -18.30 -17.25 -13.17
C ILE B 33 -18.62 -16.14 -14.17
N ASP B 34 -17.64 -15.83 -15.00
CA ASP B 34 -17.78 -14.77 -16.00
C ASP B 34 -18.38 -15.27 -17.31
N GLY B 35 -19.15 -14.41 -17.96
CA GLY B 35 -19.77 -14.76 -19.23
C GLY B 35 -18.84 -14.47 -20.38
N ARG B 36 -18.52 -15.49 -21.16
CA ARG B 36 -17.64 -15.35 -22.31
C ARG B 36 -18.33 -14.76 -23.54
N THR C 1 10.43 -4.14 2.68
CA THR C 1 10.58 -5.45 1.99
C THR C 1 10.54 -5.29 0.47
N PHE C 2 11.64 -5.63 -0.20
CA PHE C 2 11.73 -5.51 -1.64
C PHE C 2 11.11 -6.68 -2.39
N GLY C 3 11.64 -7.87 -2.15
CA GLY C 3 11.12 -9.06 -2.83
C GLY C 3 10.06 -9.81 -2.05
N SER C 4 8.97 -9.12 -1.71
CA SER C 4 7.89 -9.73 -0.95
C SER C 4 6.79 -10.29 -1.87
N GLY C 5 6.69 -9.76 -3.08
CA GLY C 5 5.66 -10.21 -4.00
C GLY C 5 4.39 -9.42 -3.78
N GLU C 6 4.50 -8.33 -3.02
CA GLU C 6 3.37 -7.47 -2.69
C GLU C 6 3.38 -6.12 -3.39
N ALA C 7 4.54 -5.73 -3.93
CA ALA C 7 4.67 -4.45 -4.64
C ALA C 7 3.88 -4.40 -5.94
N ASP C 8 3.39 -3.22 -6.28
CA ASP C 8 2.61 -3.03 -7.50
C ASP C 8 3.57 -2.84 -8.68
N CYS C 9 3.94 -3.94 -9.31
CA CYS C 9 4.85 -3.95 -10.43
C CYS C 9 4.29 -4.77 -11.57
N GLY C 10 4.90 -4.63 -12.75
CA GLY C 10 4.51 -5.42 -13.90
C GLY C 10 3.20 -5.14 -14.61
N LEU C 11 2.47 -4.12 -14.17
CA LEU C 11 1.22 -3.76 -14.82
C LEU C 11 1.42 -2.41 -15.48
N ARG C 12 1.26 -2.38 -16.80
CA ARG C 12 1.45 -1.18 -17.58
C ARG C 12 0.24 -0.25 -17.61
N PRO C 13 0.44 1.03 -17.26
CA PRO C 13 -0.62 2.05 -17.25
C PRO C 13 -1.41 2.09 -18.56
N LEU C 14 -0.70 2.07 -19.68
CA LEU C 14 -1.31 2.15 -21.00
C LEU C 14 -1.84 0.83 -21.56
N PHE C 15 -1.66 -0.26 -20.81
CA PHE C 15 -2.12 -1.55 -21.28
C PHE C 15 -3.00 -2.31 -20.28
N GLU C 16 -2.41 -3.06 -19.36
CA GLU C 16 -3.20 -3.80 -18.38
C GLU C 16 -4.17 -2.87 -17.61
N LYS C 17 -3.64 -1.73 -17.15
CA LYS C 17 -4.44 -0.77 -16.40
C LYS C 17 -5.65 -0.22 -17.14
N LYS C 18 -5.58 -0.18 -18.47
CA LYS C 18 -6.67 0.32 -19.30
C LYS C 18 -7.38 -0.79 -20.07
N SER C 19 -7.12 -2.05 -19.70
CA SER C 19 -7.70 -3.23 -20.36
C SER C 19 -7.38 -3.31 -21.84
N LEU C 20 -6.25 -2.73 -22.23
CA LEU C 20 -5.80 -2.75 -23.62
C LEU C 20 -4.63 -3.72 -23.76
N GLU C 21 -4.60 -4.46 -24.86
CA GLU C 21 -3.52 -5.41 -25.09
C GLU C 21 -2.62 -4.88 -26.18
N ASP C 22 -1.34 -5.23 -26.11
CA ASP C 22 -0.43 -4.79 -27.15
C ASP C 22 -0.49 -5.74 -28.36
N LYS C 23 0.16 -5.35 -29.44
CA LYS C 23 0.18 -6.09 -30.70
C LYS C 23 0.54 -7.58 -30.73
N THR C 24 1.58 -7.98 -30.01
CA THR C 24 2.04 -9.36 -30.04
C THR C 24 1.98 -10.10 -28.71
N GLU C 25 1.28 -9.52 -27.76
CA GLU C 25 1.12 -10.09 -26.43
C GLU C 25 0.46 -11.50 -26.50
N ARG C 26 -0.50 -11.66 -27.40
CA ARG C 26 -1.19 -12.95 -27.56
C ARG C 26 -0.23 -14.08 -27.90
N GLU C 27 0.81 -13.75 -28.66
CA GLU C 27 1.83 -14.70 -29.07
C GLU C 27 2.55 -15.37 -27.91
N LEU C 28 2.78 -14.62 -26.83
CA LEU C 28 3.46 -15.13 -25.65
C LEU C 28 2.52 -16.04 -24.85
N LEU C 29 1.26 -15.65 -24.77
CA LEU C 29 0.24 -16.40 -24.06
C LEU C 29 -0.01 -17.75 -24.76
N GLU C 30 -0.04 -17.73 -26.09
CA GLU C 30 -0.26 -18.94 -26.87
C GLU C 30 0.89 -19.93 -26.79
N SER C 31 2.08 -19.45 -26.44
CA SER C 31 3.24 -20.35 -26.33
C SER C 31 3.17 -21.21 -25.07
N TYR C 32 2.34 -20.80 -24.12
CA TYR C 32 2.18 -21.55 -22.87
C TYR C 32 1.41 -22.87 -23.08
N ILE C 33 0.52 -22.89 -24.08
CA ILE C 33 -0.26 -24.08 -24.42
C ILE C 33 0.66 -25.21 -24.90
N ASP C 34 0.78 -26.25 -24.08
CA ASP C 34 1.62 -27.39 -24.40
C ASP C 34 0.90 -28.48 -25.17
N GLY C 35 1.63 -29.12 -26.08
CA GLY C 35 1.06 -30.19 -26.88
C GLY C 35 1.15 -31.53 -26.17
N ARG C 36 -0.01 -32.15 -25.94
CA ARG C 36 -0.07 -33.43 -25.25
C ARG C 36 0.26 -34.62 -26.16
N THR D 1 -22.86 57.40 11.52
CA THR D 1 -21.45 57.81 11.25
C THR D 1 -20.64 56.66 10.68
N PHE D 2 -20.29 56.78 9.39
CA PHE D 2 -19.51 55.73 8.73
C PHE D 2 -18.02 55.97 8.91
N GLY D 3 -17.26 54.88 9.07
CA GLY D 3 -15.83 54.99 9.26
C GLY D 3 -15.51 55.59 10.60
N SER D 4 -16.34 55.26 11.59
CA SER D 4 -16.21 55.75 12.95
C SER D 4 -15.22 54.89 13.76
N GLY D 5 -15.12 53.62 13.38
CA GLY D 5 -14.24 52.71 14.10
C GLY D 5 -14.99 51.97 15.20
N GLU D 6 -16.30 52.20 15.29
CA GLU D 6 -17.13 51.56 16.31
C GLU D 6 -18.14 50.55 15.78
N ALA D 7 -18.27 50.45 14.45
CA ALA D 7 -19.20 49.51 13.83
C ALA D 7 -18.78 48.07 14.07
N ASP D 8 -19.76 47.17 14.13
CA ASP D 8 -19.45 45.75 14.34
C ASP D 8 -19.25 45.06 12.98
N CYS D 9 -18.05 45.22 12.46
CA CYS D 9 -17.65 44.67 11.17
C CYS D 9 -16.44 43.76 11.36
N GLY D 10 -16.07 43.05 10.30
CA GLY D 10 -14.88 42.22 10.30
C GLY D 10 -14.80 40.98 11.16
N LEU D 11 -15.87 40.64 11.86
CA LEU D 11 -15.87 39.42 12.68
C LEU D 11 -16.86 38.48 12.03
N ARG D 12 -16.38 37.31 11.63
CA ARG D 12 -17.20 36.31 10.97
C ARG D 12 -18.01 35.44 11.93
N PRO D 13 -19.33 35.32 11.68
CA PRO D 13 -20.24 34.52 12.52
C PRO D 13 -19.81 33.05 12.67
N LEU D 14 -19.31 32.46 11.58
CA LEU D 14 -18.87 31.07 11.58
C LEU D 14 -17.42 30.85 12.03
N PHE D 15 -16.70 31.94 12.29
CA PHE D 15 -15.32 31.82 12.71
C PHE D 15 -14.96 32.52 14.02
N GLU D 16 -14.64 33.82 13.98
CA GLU D 16 -14.30 34.55 15.21
C GLU D 16 -15.39 34.44 16.28
N LYS D 17 -16.64 34.65 15.87
CA LYS D 17 -17.78 34.58 16.78
C LYS D 17 -17.92 33.24 17.52
N LYS D 18 -17.46 32.16 16.90
CA LYS D 18 -17.53 30.83 17.49
C LYS D 18 -16.18 30.33 17.96
N SER D 19 -15.17 31.21 17.98
CA SER D 19 -13.82 30.86 18.40
C SER D 19 -13.23 29.74 17.54
N LEU D 20 -13.53 29.80 16.25
CA LEU D 20 -13.02 28.83 15.27
C LEU D 20 -12.16 29.57 14.26
N GLU D 21 -11.04 28.96 13.89
CA GLU D 21 -10.15 29.57 12.92
C GLU D 21 -10.26 28.83 11.60
N ASP D 22 -10.04 29.54 10.50
CA ASP D 22 -10.09 28.86 9.20
C ASP D 22 -8.77 28.16 8.89
N LYS D 23 -8.72 27.49 7.74
CA LYS D 23 -7.54 26.73 7.33
C LYS D 23 -6.19 27.44 7.20
N THR D 24 -6.17 28.63 6.60
CA THR D 24 -4.92 29.35 6.36
C THR D 24 -4.76 30.68 7.08
N GLU D 25 -5.63 30.93 8.03
CA GLU D 25 -5.63 32.15 8.82
C GLU D 25 -4.29 32.34 9.53
N ARG D 26 -3.76 31.24 10.09
CA ARG D 26 -2.49 31.26 10.81
C ARG D 26 -1.34 31.77 9.95
N GLU D 27 -1.38 31.43 8.66
CA GLU D 27 -0.36 31.87 7.72
C GLU D 27 -0.24 33.39 7.65
N LEU D 28 -1.36 34.09 7.65
CA LEU D 28 -1.37 35.56 7.59
C LEU D 28 -0.81 36.16 8.89
N LEU D 29 -1.13 35.54 10.01
CA LEU D 29 -0.68 35.98 11.32
C LEU D 29 0.84 35.78 11.46
N GLU D 30 1.36 34.71 10.85
CA GLU D 30 2.79 34.43 10.91
C GLU D 30 3.62 35.35 10.01
N SER D 31 2.99 35.98 9.03
CA SER D 31 3.69 36.90 8.15
C SER D 31 4.07 38.20 8.86
N TYR D 32 3.33 38.52 9.93
CA TYR D 32 3.58 39.73 10.73
C TYR D 32 4.89 39.67 11.53
N ILE D 33 5.31 38.47 11.92
CA ILE D 33 6.54 38.28 12.68
C ILE D 33 7.74 38.66 11.80
N ASP D 34 8.33 39.82 12.09
CA ASP D 34 9.47 40.33 11.33
C ASP D 34 10.81 39.76 11.82
N GLY D 35 11.73 39.58 10.88
CA GLY D 35 13.05 39.06 11.20
C GLY D 35 14.00 40.18 11.58
N ARG D 36 14.54 40.10 12.79
CA ARG D 36 15.47 41.11 13.30
C ARG D 36 16.89 40.94 12.77
N VAL E 1 56.24 -65.74 53.01
CA VAL E 1 55.92 -67.13 52.61
C VAL E 1 56.55 -67.39 51.23
N GLU E 2 56.97 -66.30 50.59
CA GLU E 2 57.65 -66.28 49.27
C GLU E 2 57.47 -67.46 48.32
N PRO E 3 57.02 -67.20 47.09
CA PRO E 3 56.65 -65.88 46.56
C PRO E 3 55.13 -65.83 46.29
N VAL E 4 54.55 -64.64 46.39
CA VAL E 4 53.12 -64.50 46.15
C VAL E 4 52.79 -64.05 44.73
N ASP E 5 51.78 -64.70 44.16
CA ASP E 5 51.28 -64.34 42.84
C ASP E 5 50.28 -63.22 43.12
N PRO E 6 50.59 -61.99 42.66
CA PRO E 6 49.72 -60.82 42.87
C PRO E 6 48.36 -60.95 42.19
N CYS E 7 48.31 -61.73 41.12
CA CYS E 7 47.10 -61.94 40.34
C CYS E 7 46.00 -62.72 41.06
N PHE E 8 46.38 -63.46 42.10
CA PHE E 8 45.39 -64.22 42.85
C PHE E 8 44.31 -63.33 43.44
N ARG E 9 44.70 -62.12 43.85
CA ARG E 9 43.79 -61.16 44.47
C ARG E 9 43.27 -60.11 43.49
N ALA E 10 43.63 -60.26 42.22
CA ALA E 10 43.24 -59.32 41.17
C ALA E 10 41.83 -59.56 40.64
N ASN E 11 41.20 -58.50 40.17
CA ASN E 11 39.85 -58.59 39.61
C ASN E 11 39.85 -57.98 38.20
N CYS E 12 40.52 -58.65 37.28
CA CYS E 12 40.59 -58.19 35.89
C CYS E 12 39.44 -58.79 35.10
N GLU E 13 38.95 -58.02 34.14
CA GLU E 13 37.86 -58.47 33.29
C GLU E 13 38.30 -59.62 32.39
N TYR E 14 39.51 -59.51 31.84
CA TYR E 14 39.98 -60.55 30.95
C TYR E 14 41.11 -61.40 31.56
N GLN E 15 42.32 -60.87 31.61
CA GLN E 15 43.45 -61.59 32.19
C GLN E 15 44.27 -60.69 33.09
N CYS E 16 45.20 -61.32 33.82
CA CYS E 16 46.09 -60.64 34.73
C CYS E 16 47.50 -61.14 34.50
N GLN E 17 48.45 -60.22 34.41
CA GLN E 17 49.85 -60.56 34.23
C GLN E 17 50.63 -59.92 35.39
N PRO E 18 51.40 -60.73 36.12
CA PRO E 18 52.17 -60.22 37.25
C PRO E 18 53.44 -59.45 36.85
N LEU E 19 53.74 -58.43 37.64
CA LEU E 19 54.93 -57.60 37.41
C LEU E 19 55.92 -57.93 38.51
N ASP E 20 55.52 -57.68 39.75
CA ASP E 20 56.36 -57.95 40.93
C ASP E 20 55.71 -59.09 41.71
N GLN E 21 56.06 -59.13 42.99
CA GLN E 21 55.52 -60.09 43.93
C GLN E 21 54.32 -59.37 44.53
N THR E 22 54.27 -58.06 44.33
CA THR E 22 53.20 -57.21 44.84
C THR E 22 52.30 -56.59 43.76
N SER E 23 52.87 -56.27 42.60
CA SER E 23 52.09 -55.65 41.53
C SER E 23 51.77 -56.50 40.31
N TYR E 24 50.68 -56.14 39.64
CA TYR E 24 50.22 -56.86 38.46
C TYR E 24 49.64 -55.86 37.47
N LEU E 25 49.11 -56.40 36.38
CA LEU E 25 48.54 -55.56 35.37
C LEU E 25 47.43 -56.34 34.68
N CYS E 26 46.27 -55.70 34.60
CA CYS E 26 45.13 -56.29 33.93
C CYS E 26 45.33 -56.05 32.44
N VAL E 27 45.25 -57.12 31.66
CA VAL E 27 45.43 -57.05 30.21
C VAL E 27 44.22 -57.62 29.48
N CYS E 28 44.24 -57.45 28.16
CA CYS E 28 43.15 -57.88 27.33
C CYS E 28 43.60 -58.78 26.19
N ALA E 29 42.62 -59.28 25.45
CA ALA E 29 42.88 -60.15 24.29
C ALA E 29 43.44 -59.28 23.17
N GLU E 30 44.06 -59.91 22.19
CA GLU E 30 44.62 -59.18 21.06
C GLU E 30 43.46 -58.45 20.37
N GLY E 31 43.70 -57.21 19.97
CA GLY E 31 42.68 -56.39 19.34
C GLY E 31 41.91 -55.57 20.36
N PHE E 32 42.24 -55.73 21.65
CA PHE E 32 41.62 -55.02 22.77
C PHE E 32 42.72 -54.47 23.68
N ALA E 33 42.38 -53.41 24.42
CA ALA E 33 43.35 -52.84 25.34
C ALA E 33 42.56 -52.29 26.51
N PRO E 34 43.20 -52.16 27.68
CA PRO E 34 42.52 -51.63 28.87
C PRO E 34 41.91 -50.26 28.66
N ILE E 35 40.76 -50.00 29.27
CA ILE E 35 40.12 -48.69 29.16
C ILE E 35 40.93 -47.78 30.09
N PRO E 36 41.47 -46.68 29.57
CA PRO E 36 42.26 -45.75 30.38
C PRO E 36 41.63 -45.38 31.73
N HIS E 37 40.35 -45.03 31.73
CA HIS E 37 39.64 -44.66 32.96
C HIS E 37 39.05 -45.86 33.73
N GLU E 38 39.19 -47.05 33.15
CA GLU E 38 38.71 -48.30 33.74
C GLU E 38 39.75 -49.38 33.41
N PRO E 39 40.97 -49.27 33.98
CA PRO E 39 42.10 -50.20 33.77
C PRO E 39 41.85 -51.69 33.94
N HIS E 40 40.82 -52.05 34.69
CA HIS E 40 40.47 -53.45 34.91
C HIS E 40 39.54 -53.93 33.80
N ARG E 41 39.15 -53.02 32.93
CA ARG E 41 38.26 -53.36 31.83
C ARG E 41 38.92 -53.23 30.44
N CYS E 42 38.28 -53.85 29.46
CA CYS E 42 38.75 -53.88 28.08
C CYS E 42 37.80 -53.28 27.05
N GLN E 43 38.39 -52.70 26.01
CA GLN E 43 37.63 -52.13 24.91
C GLN E 43 38.43 -52.35 23.64
N MET E 44 37.72 -52.65 22.57
CA MET E 44 38.28 -52.91 21.25
C MET E 44 39.03 -51.72 20.64
N PHE E 45 40.05 -52.05 19.82
CA PHE E 45 40.80 -51.03 19.09
C PHE E 45 40.98 -51.55 17.66
N CYS E 46 41.28 -50.65 16.74
CA CYS E 46 41.53 -51.04 15.34
C CYS E 46 42.47 -50.02 14.72
N ASN E 47 43.47 -50.47 13.99
CA ASN E 47 44.42 -49.57 13.35
C ASN E 47 44.50 -49.81 11.84
N GLN E 48 43.44 -50.40 11.29
CA GLN E 48 43.35 -50.71 9.87
C GLN E 48 42.06 -50.17 9.28
N THR E 49 41.79 -50.52 8.03
CA THR E 49 40.58 -50.11 7.32
C THR E 49 39.34 -50.69 8.03
N ALA E 50 39.46 -51.91 8.52
CA ALA E 50 38.36 -52.56 9.21
C ALA E 50 38.88 -53.67 10.12
N CYS E 51 38.09 -53.98 11.13
CA CYS E 51 38.36 -55.04 12.09
C CYS E 51 36.97 -55.53 12.51
N PRO E 52 36.84 -56.81 12.89
CA PRO E 52 35.53 -57.32 13.31
C PRO E 52 35.01 -56.52 14.50
N ALA E 53 33.71 -56.26 14.56
CA ALA E 53 33.13 -55.52 15.66
C ALA E 53 33.10 -56.32 16.94
N ASP E 54 33.05 -55.61 18.07
CA ASP E 54 33.00 -56.27 19.34
C ASP E 54 31.51 -56.52 19.65
N CYS E 55 31.02 -57.71 19.31
CA CYS E 55 29.61 -58.05 19.54
C CYS E 55 29.37 -58.94 20.76
N ASP E 56 28.31 -58.62 21.50
CA ASP E 56 27.95 -59.40 22.69
C ASP E 56 27.07 -60.59 22.33
N PRO E 57 27.58 -61.82 22.52
CA PRO E 57 26.76 -62.99 22.20
C PRO E 57 25.54 -63.27 23.08
N ASN E 58 25.40 -62.53 24.18
CA ASN E 58 24.25 -62.65 25.07
C ASN E 58 23.04 -61.87 24.55
N THR E 59 23.25 -61.17 23.44
CA THR E 59 22.20 -60.39 22.82
C THR E 59 22.51 -60.26 21.35
N GLN E 60 21.63 -60.81 20.52
CA GLN E 60 21.78 -60.78 19.08
C GLN E 60 22.01 -59.39 18.47
N ALA E 61 23.06 -59.29 17.66
CA ALA E 61 23.43 -58.07 16.94
C ALA E 61 23.76 -56.82 17.75
N SER E 62 24.23 -56.97 18.99
CA SER E 62 24.60 -55.79 19.77
C SER E 62 26.13 -55.68 19.67
N CYS E 63 26.57 -54.78 18.81
CA CYS E 63 27.99 -54.58 18.55
C CYS E 63 28.56 -53.22 18.89
N GLU E 64 29.86 -53.20 19.18
CA GLU E 64 30.60 -51.99 19.52
C GLU E 64 31.76 -51.79 18.54
N CYS E 65 32.13 -50.54 18.32
CA CYS E 65 33.23 -50.19 17.44
C CYS E 65 34.00 -49.11 18.13
N PRO E 66 35.33 -49.04 17.91
CA PRO E 66 36.10 -47.98 18.57
C PRO E 66 35.75 -46.62 17.95
N GLU E 67 36.17 -45.54 18.61
CA GLU E 67 35.91 -44.19 18.11
C GLU E 67 36.56 -44.08 16.72
N GLY E 68 35.88 -43.39 15.80
CA GLY E 68 36.41 -43.23 14.46
C GLY E 68 36.05 -44.35 13.50
N TYR E 69 35.34 -45.35 14.01
CA TYR E 69 34.91 -46.49 13.21
C TYR E 69 33.39 -46.59 13.25
N ILE E 70 32.80 -47.20 12.23
CA ILE E 70 31.36 -47.34 12.17
C ILE E 70 31.03 -48.75 11.70
N LEU E 71 29.98 -49.33 12.27
CA LEU E 71 29.55 -50.68 11.92
C LEU E 71 29.19 -50.77 10.44
N ASP E 72 29.62 -51.86 9.82
CA ASP E 72 29.42 -52.08 8.39
C ASP E 72 28.93 -53.51 8.21
N ASP E 73 28.74 -53.92 6.96
CA ASP E 73 28.29 -55.27 6.64
C ASP E 73 29.17 -56.37 7.22
N GLY E 74 28.52 -57.45 7.64
CA GLY E 74 29.24 -58.57 8.22
C GLY E 74 29.71 -58.27 9.62
N PHE E 75 29.04 -57.32 10.28
CA PHE E 75 29.37 -56.92 11.65
C PHE E 75 30.85 -56.56 11.77
N ILE E 76 31.28 -55.68 10.86
CA ILE E 76 32.67 -55.24 10.84
C ILE E 76 32.73 -53.74 11.06
N CYS E 77 33.72 -53.30 11.81
CA CYS E 77 33.92 -51.89 12.08
C CYS E 77 34.85 -51.35 11.00
N THR E 78 34.38 -50.37 10.26
CA THR E 78 35.19 -49.79 9.19
C THR E 78 35.54 -48.32 9.52
N ASP E 79 36.72 -47.89 9.10
CA ASP E 79 37.17 -46.54 9.38
C ASP E 79 36.36 -45.43 8.70
N ILE E 80 36.07 -44.38 9.47
CA ILE E 80 35.37 -43.22 8.95
C ILE E 80 36.46 -42.31 8.34
N ASP E 81 36.33 -41.99 7.06
CA ASP E 81 37.30 -41.14 6.38
C ASP E 81 36.79 -39.70 6.56
N GLU E 82 37.20 -39.08 7.67
CA GLU E 82 36.78 -37.72 8.01
C GLU E 82 37.19 -36.68 6.98
N CYS E 83 38.29 -36.94 6.28
CA CYS E 83 38.75 -35.99 5.27
C CYS E 83 37.83 -36.03 4.06
N GLU E 84 37.57 -37.23 3.54
CA GLU E 84 36.69 -37.38 2.39
C GLU E 84 35.26 -36.99 2.75
N ASN E 85 34.85 -37.28 3.99
CA ASN E 85 33.52 -36.95 4.46
C ASN E 85 33.32 -35.45 4.53
N GLY E 86 34.30 -34.76 5.11
CA GLY E 86 34.21 -33.31 5.23
C GLY E 86 33.59 -32.89 6.55
N GLY E 87 33.72 -31.61 6.89
CA GLY E 87 33.14 -31.11 8.12
C GLY E 87 33.93 -31.33 9.40
N PHE E 88 34.97 -32.15 9.35
CA PHE E 88 35.78 -32.44 10.53
C PHE E 88 37.04 -31.58 10.63
N CYS E 89 37.56 -31.21 9.46
CA CYS E 89 38.77 -30.40 9.38
C CYS E 89 38.65 -29.37 8.25
N SER E 90 38.84 -28.09 8.59
CA SER E 90 38.77 -27.01 7.62
C SER E 90 40.12 -26.74 6.92
N GLY E 91 41.20 -27.21 7.54
CA GLY E 91 42.52 -27.05 6.95
C GLY E 91 42.90 -28.28 6.14
N VAL E 92 44.19 -28.63 6.15
CA VAL E 92 44.66 -29.80 5.41
C VAL E 92 44.38 -31.04 6.27
N CYS E 93 43.75 -32.04 5.66
CA CYS E 93 43.36 -33.24 6.37
C CYS E 93 43.99 -34.54 5.88
N HIS E 94 44.52 -35.31 6.82
CA HIS E 94 45.10 -36.62 6.53
C HIS E 94 44.30 -37.64 7.35
N ASN E 95 43.72 -38.62 6.68
CA ASN E 95 42.92 -39.63 7.32
C ASN E 95 43.80 -40.64 8.04
N LEU E 96 43.28 -41.15 9.16
CA LEU E 96 43.99 -42.14 9.94
C LEU E 96 43.01 -43.22 10.34
N PRO E 97 43.51 -44.41 10.70
CA PRO E 97 42.59 -45.47 11.09
C PRO E 97 42.13 -45.14 12.51
N GLY E 98 40.89 -44.70 12.66
CA GLY E 98 40.38 -44.37 13.99
C GLY E 98 40.24 -42.90 14.31
N THR E 99 40.98 -42.05 13.59
CA THR E 99 40.91 -40.60 13.79
C THR E 99 41.41 -39.91 12.52
N PHE E 100 41.92 -38.69 12.64
CA PHE E 100 42.43 -37.96 11.49
C PHE E 100 43.40 -36.88 11.96
N GLU E 101 44.28 -36.44 11.07
CA GLU E 101 45.21 -35.36 11.39
C GLU E 101 44.78 -34.09 10.65
N CYS E 102 44.62 -33.00 11.39
CA CYS E 102 44.20 -31.74 10.81
C CYS E 102 45.32 -30.73 10.98
N ILE E 103 45.83 -30.24 9.85
CA ILE E 103 46.88 -29.24 9.87
C ILE E 103 46.23 -27.87 9.80
N CYS E 104 46.55 -27.01 10.76
CA CYS E 104 46.00 -25.67 10.80
C CYS E 104 47.06 -24.58 10.77
N GLY E 105 46.75 -23.47 10.09
CA GLY E 105 47.70 -22.37 9.97
C GLY E 105 47.02 -21.01 10.01
N PRO E 106 47.27 -20.14 9.02
CA PRO E 106 48.18 -20.34 7.89
C PRO E 106 49.60 -19.87 8.18
N ASP E 107 49.98 -19.88 9.46
CA ASP E 107 51.30 -19.45 9.89
C ASP E 107 52.40 -20.46 9.56
N SER E 108 53.63 -20.13 9.94
CA SER E 108 54.78 -21.00 9.69
C SER E 108 54.73 -22.27 10.53
N ALA E 109 55.39 -23.32 10.02
CA ALA E 109 55.45 -24.63 10.67
C ALA E 109 54.13 -25.39 10.63
N LEU E 110 53.04 -24.69 10.89
CA LEU E 110 51.68 -25.26 10.90
C LEU E 110 51.51 -26.36 11.94
N ALA E 111 50.48 -26.21 12.76
CA ALA E 111 50.17 -27.17 13.83
C ALA E 111 49.45 -28.41 13.35
N GLY E 112 49.97 -29.57 13.75
CA GLY E 112 49.34 -30.83 13.38
C GLY E 112 48.48 -31.30 14.52
N GLN E 113 47.16 -31.17 14.38
CA GLN E 113 46.22 -31.60 15.42
C GLN E 113 45.65 -32.98 15.11
N ILE E 114 45.46 -33.78 16.16
CA ILE E 114 44.90 -35.11 16.01
C ILE E 114 43.45 -35.16 16.49
N GLY E 115 42.53 -35.51 15.58
CA GLY E 115 41.13 -35.65 15.93
C GLY E 115 40.32 -34.38 16.16
N THR E 116 40.93 -33.21 16.00
CA THR E 116 40.22 -31.95 16.19
C THR E 116 40.37 -31.01 14.99
N ASP E 117 39.43 -30.08 14.89
CA ASP E 117 39.41 -29.09 13.82
C ASP E 117 40.22 -27.86 14.21
N CYS E 118 40.32 -26.90 13.29
CA CYS E 118 41.05 -25.66 13.51
C CYS E 118 40.18 -24.68 14.33
N VAL F 1 -31.27 35.19 66.24
CA VAL F 1 -31.11 34.06 65.28
C VAL F 1 -32.47 33.45 64.94
N GLU F 2 -32.99 33.80 63.77
CA GLU F 2 -34.29 33.30 63.32
C GLU F 2 -34.15 32.06 62.45
N PRO F 3 -34.90 30.99 62.78
CA PRO F 3 -34.88 29.72 62.03
C PRO F 3 -35.36 29.89 60.60
N VAL F 4 -34.54 29.46 59.65
CA VAL F 4 -34.84 29.55 58.23
C VAL F 4 -34.51 28.26 57.48
N ASP F 5 -35.16 28.06 56.34
CA ASP F 5 -34.96 26.89 55.50
C ASP F 5 -33.83 27.17 54.50
N PRO F 6 -32.70 26.48 54.66
CA PRO F 6 -31.50 26.59 53.81
C PRO F 6 -31.77 26.20 52.36
N CYS F 7 -32.72 25.28 52.17
CA CYS F 7 -33.09 24.78 50.85
C CYS F 7 -33.77 25.78 49.92
N PHE F 8 -34.32 26.85 50.48
CA PHE F 8 -34.97 27.87 49.68
C PHE F 8 -33.98 28.46 48.65
N ARG F 9 -32.72 28.58 49.07
CA ARG F 9 -31.67 29.14 48.24
C ARG F 9 -30.82 28.09 47.52
N ALA F 10 -31.13 26.81 47.72
CA ALA F 10 -30.39 25.71 47.11
C ALA F 10 -30.74 25.50 45.64
N ASN F 11 -29.79 24.96 44.91
CA ASN F 11 -29.99 24.70 43.49
C ASN F 11 -29.66 23.21 43.22
N CYS F 12 -30.53 22.34 43.71
CA CYS F 12 -30.36 20.90 43.52
C CYS F 12 -31.13 20.44 42.30
N GLU F 13 -30.55 19.48 41.59
CA GLU F 13 -31.19 18.93 40.41
C GLU F 13 -32.49 18.18 40.75
N TYR F 14 -32.47 17.42 41.83
CA TYR F 14 -33.65 16.66 42.20
C TYR F 14 -34.34 17.22 43.45
N GLN F 15 -33.77 16.96 44.62
CA GLN F 15 -34.33 17.45 45.87
C GLN F 15 -33.27 18.00 46.81
N CYS F 16 -33.75 18.71 47.83
CA CYS F 16 -32.90 19.31 48.83
C CYS F 16 -33.39 18.92 50.20
N GLN F 17 -32.46 18.53 51.07
CA GLN F 17 -32.78 18.14 52.44
C GLN F 17 -31.97 19.03 53.40
N PRO F 18 -32.66 19.74 54.30
CA PRO F 18 -31.99 20.63 55.27
C PRO F 18 -31.26 19.88 56.39
N LEU F 19 -30.13 20.43 56.80
CA LEU F 19 -29.31 19.85 57.86
C LEU F 19 -29.34 20.81 59.05
N ASP F 20 -29.16 22.09 58.76
CA ASP F 20 -29.14 23.16 59.77
C ASP F 20 -30.01 24.29 59.26
N GLN F 21 -29.71 25.49 59.75
CA GLN F 21 -30.40 26.70 59.36
C GLN F 21 -29.57 27.30 58.22
N THR F 22 -28.35 26.79 58.10
CA THR F 22 -27.42 27.25 57.06
C THR F 22 -27.00 26.14 56.10
N SER F 23 -26.82 24.93 56.61
CA SER F 23 -26.40 23.81 55.78
C SER F 23 -27.53 22.91 55.24
N TYR F 24 -27.28 22.32 54.07
CA TYR F 24 -28.25 21.44 53.41
C TYR F 24 -27.51 20.46 52.50
N LEU F 25 -28.23 19.44 52.05
CA LEU F 25 -27.66 18.44 51.15
C LEU F 25 -28.59 18.22 49.98
N CYS F 26 -28.02 18.18 48.78
CA CYS F 26 -28.78 17.89 47.59
C CYS F 26 -28.83 16.36 47.57
N VAL F 27 -30.04 15.81 47.40
CA VAL F 27 -30.25 14.38 47.37
C VAL F 27 -30.95 13.97 46.09
N CYS F 28 -30.95 12.66 45.86
CA CYS F 28 -31.53 12.10 44.65
C CYS F 28 -32.65 11.13 44.91
N ALA F 29 -33.27 10.68 43.82
CA ALA F 29 -34.35 9.71 43.90
C ALA F 29 -33.73 8.37 44.28
N GLU F 30 -34.58 7.46 44.75
CA GLU F 30 -34.15 6.12 45.11
C GLU F 30 -33.50 5.49 43.86
N GLY F 31 -32.34 4.86 44.05
CA GLY F 31 -31.62 4.26 42.93
C GLY F 31 -30.66 5.23 42.28
N PHE F 32 -30.53 6.44 42.87
CA PHE F 32 -29.64 7.50 42.39
C PHE F 32 -28.92 8.10 43.60
N ALA F 33 -27.75 8.68 43.34
CA ALA F 33 -26.98 9.31 44.39
C ALA F 33 -26.25 10.49 43.74
N PRO F 34 -25.87 11.49 44.54
CA PRO F 34 -25.16 12.66 44.02
C PRO F 34 -23.85 12.29 43.32
N ILE F 35 -23.53 12.99 42.22
CA ILE F 35 -22.29 12.76 41.50
C ILE F 35 -21.22 13.36 42.41
N PRO F 36 -20.22 12.56 42.83
CA PRO F 36 -19.17 13.04 43.71
C PRO F 36 -18.53 14.39 43.33
N HIS F 37 -18.21 14.56 42.04
CA HIS F 37 -17.60 15.80 41.53
C HIS F 37 -18.62 16.87 41.14
N GLU F 38 -19.90 16.53 41.23
CA GLU F 38 -21.02 17.43 40.94
C GLU F 38 -22.12 17.09 41.96
N PRO F 39 -21.91 17.48 43.23
CA PRO F 39 -22.88 17.21 44.32
C PRO F 39 -24.31 17.69 44.18
N HIS F 40 -24.54 18.66 43.30
CA HIS F 40 -25.90 19.15 43.09
C HIS F 40 -26.62 18.30 42.03
N ARG F 41 -25.87 17.38 41.42
CA ARG F 41 -26.44 16.50 40.40
C ARG F 41 -26.56 15.02 40.81
N CYS F 42 -27.32 14.28 40.03
CA CYS F 42 -27.60 12.88 40.27
C CYS F 42 -27.21 11.89 39.17
N GLN F 43 -26.83 10.69 39.58
CA GLN F 43 -26.51 9.64 38.62
C GLN F 43 -26.94 8.31 39.23
N MET F 44 -27.45 7.45 38.36
CA MET F 44 -27.95 6.13 38.71
C MET F 44 -26.87 5.20 39.29
N PHE F 45 -27.31 4.26 40.12
CA PHE F 45 -26.41 3.24 40.67
C PHE F 45 -27.19 1.94 40.68
N CYS F 46 -26.47 0.83 40.80
CA CYS F 46 -27.10 -0.47 40.86
C CYS F 46 -26.16 -1.38 41.63
N ASN F 47 -26.74 -2.26 42.45
CA ASN F 47 -25.98 -3.18 43.26
C ASN F 47 -26.51 -4.61 43.10
N GLN F 48 -27.18 -4.85 41.98
CA GLN F 48 -27.77 -6.14 41.66
C GLN F 48 -27.36 -6.60 40.27
N THR F 49 -27.93 -7.70 39.81
CA THR F 49 -27.60 -8.22 38.49
C THR F 49 -28.12 -7.26 37.41
N ALA F 50 -29.19 -6.54 37.73
CA ALA F 50 -29.75 -5.60 36.77
C ALA F 50 -30.66 -4.57 37.44
N CYS F 51 -30.77 -3.41 36.81
CA CYS F 51 -31.64 -2.33 37.30
C CYS F 51 -32.14 -1.60 36.05
N PRO F 52 -33.35 -1.04 36.09
CA PRO F 52 -33.84 -0.31 34.92
C PRO F 52 -32.84 0.79 34.56
N ALA F 53 -32.56 0.98 33.29
CA ALA F 53 -31.62 2.02 32.87
C ALA F 53 -32.19 3.42 33.09
N ASP F 54 -31.30 4.41 33.18
CA ASP F 54 -31.69 5.80 33.34
C ASP F 54 -31.90 6.38 31.94
N CYS F 55 -33.14 6.41 31.47
CA CYS F 55 -33.44 6.92 30.12
C CYS F 55 -34.07 8.30 30.11
N ASP F 56 -33.66 9.12 29.15
CA ASP F 56 -34.17 10.48 29.00
C ASP F 56 -35.43 10.49 28.14
N PRO F 57 -36.60 10.75 28.74
CA PRO F 57 -37.86 10.78 27.97
C PRO F 57 -38.01 11.89 26.91
N ASN F 58 -37.07 12.83 26.87
CA ASN F 58 -37.08 13.89 25.87
C ASN F 58 -36.51 13.41 24.54
N THR F 59 -35.85 12.26 24.57
CA THR F 59 -35.26 11.66 23.38
C THR F 59 -35.80 10.24 23.32
N GLN F 60 -35.55 9.54 22.23
CA GLN F 60 -36.00 8.16 22.17
C GLN F 60 -34.80 7.25 22.37
N ALA F 61 -34.98 6.27 23.24
CA ALA F 61 -33.96 5.28 23.54
C ALA F 61 -32.60 5.80 23.98
N SER F 62 -32.56 6.98 24.59
CA SER F 62 -31.28 7.49 25.09
C SER F 62 -31.19 7.11 26.56
N CYS F 63 -30.38 6.09 26.86
CA CYS F 63 -30.24 5.56 28.20
C CYS F 63 -28.82 5.50 28.73
N GLU F 64 -28.72 5.63 30.06
CA GLU F 64 -27.45 5.58 30.77
C GLU F 64 -27.41 4.41 31.75
N CYS F 65 -26.21 3.86 31.94
CA CYS F 65 -26.01 2.76 32.89
C CYS F 65 -24.80 3.11 33.73
N PRO F 66 -24.80 2.72 35.00
CA PRO F 66 -23.63 3.03 35.83
C PRO F 66 -22.42 2.25 35.32
N GLU F 67 -21.23 2.67 35.74
CA GLU F 67 -20.01 2.00 35.32
C GLU F 67 -20.08 0.54 35.76
N GLY F 68 -19.61 -0.37 34.89
CA GLY F 68 -19.65 -1.79 35.21
C GLY F 68 -20.95 -2.48 34.80
N TYR F 69 -21.88 -1.69 34.27
CA TYR F 69 -23.16 -2.21 33.79
C TYR F 69 -23.29 -1.93 32.29
N ILE F 70 -24.13 -2.71 31.61
CA ILE F 70 -24.30 -2.51 30.18
C ILE F 70 -25.78 -2.63 29.84
N LEU F 71 -26.25 -1.77 28.94
CA LEU F 71 -27.65 -1.78 28.50
C LEU F 71 -28.01 -3.12 27.87
N ASP F 72 -29.13 -3.69 28.29
CA ASP F 72 -29.61 -5.00 27.86
C ASP F 72 -31.07 -4.83 27.42
N ASP F 73 -31.71 -5.93 27.01
CA ASP F 73 -33.11 -5.92 26.56
C ASP F 73 -34.04 -5.28 27.58
N GLY F 74 -35.03 -4.55 27.09
CA GLY F 74 -35.99 -3.90 27.98
C GLY F 74 -35.44 -2.63 28.60
N PHE F 75 -34.37 -2.08 28.03
CA PHE F 75 -33.76 -0.86 28.55
C PHE F 75 -33.37 -1.06 30.01
N ILE F 76 -32.70 -2.17 30.27
CA ILE F 76 -32.26 -2.53 31.61
C ILE F 76 -30.74 -2.63 31.64
N CYS F 77 -30.12 -2.17 32.72
CA CYS F 77 -28.67 -2.25 32.85
C CYS F 77 -28.35 -3.54 33.57
N THR F 78 -27.54 -4.37 32.94
CA THR F 78 -27.16 -5.66 33.52
C THR F 78 -25.66 -5.64 33.85
N ASP F 79 -25.29 -6.28 34.96
CA ASP F 79 -23.90 -6.32 35.39
C ASP F 79 -22.99 -7.03 34.41
N ILE F 80 -21.82 -6.44 34.19
CA ILE F 80 -20.79 -7.04 33.35
C ILE F 80 -19.98 -7.95 34.28
N ASP F 81 -19.90 -9.23 33.97
CA ASP F 81 -19.15 -10.18 34.79
C ASP F 81 -17.72 -10.19 34.25
N GLU F 82 -16.88 -9.32 34.80
CA GLU F 82 -15.50 -9.18 34.35
C GLU F 82 -14.67 -10.43 34.52
N CYS F 83 -15.03 -11.25 35.50
CA CYS F 83 -14.27 -12.48 35.74
C CYS F 83 -14.50 -13.49 34.64
N GLU F 84 -15.77 -13.74 34.32
CA GLU F 84 -16.14 -14.69 33.27
C GLU F 84 -15.76 -14.14 31.90
N ASN F 85 -15.77 -12.81 31.77
CA ASN F 85 -15.41 -12.17 30.51
C ASN F 85 -13.92 -12.32 30.23
N GLY F 86 -13.10 -12.04 31.23
CA GLY F 86 -11.67 -12.13 31.09
C GLY F 86 -11.05 -10.80 30.69
N GLY F 87 -9.73 -10.70 30.80
CA GLY F 87 -9.04 -9.47 30.45
C GLY F 87 -9.04 -8.35 31.46
N PHE F 88 -9.79 -8.51 32.56
CA PHE F 88 -9.83 -7.46 33.58
C PHE F 88 -8.97 -7.79 34.80
N CYS F 89 -8.78 -9.08 35.07
CA CYS F 89 -7.99 -9.51 36.20
C CYS F 89 -7.11 -10.71 35.86
N SER F 90 -5.82 -10.58 36.15
CA SER F 90 -4.81 -11.62 35.89
C SER F 90 -4.76 -12.64 37.05
N GLY F 91 -5.10 -12.18 38.26
CA GLY F 91 -5.10 -13.05 39.42
C GLY F 91 -6.46 -13.69 39.67
N VAL F 92 -6.82 -13.82 40.94
CA VAL F 92 -8.11 -14.41 41.31
C VAL F 92 -9.18 -13.32 41.23
N CYS F 93 -10.25 -13.59 40.47
CA CYS F 93 -11.31 -12.62 40.27
C CYS F 93 -12.64 -12.99 40.89
N HIS F 94 -13.20 -12.06 41.66
CA HIS F 94 -14.50 -12.24 42.27
C HIS F 94 -15.39 -11.12 41.71
N ASN F 95 -16.41 -11.52 40.96
CA ASN F 95 -17.31 -10.57 40.34
C ASN F 95 -18.18 -9.85 41.37
N LEU F 96 -18.49 -8.60 41.05
CA LEU F 96 -19.32 -7.78 41.92
C LEU F 96 -20.28 -7.04 41.03
N PRO F 97 -21.39 -6.55 41.61
CA PRO F 97 -22.31 -5.83 40.74
C PRO F 97 -21.76 -4.40 40.58
N GLY F 98 -21.39 -4.06 39.35
CA GLY F 98 -20.85 -2.74 39.06
C GLY F 98 -19.35 -2.70 38.94
N THR F 99 -18.67 -3.69 39.51
CA THR F 99 -17.20 -3.76 39.45
C THR F 99 -16.76 -5.21 39.71
N PHE F 100 -15.54 -5.39 40.19
CA PHE F 100 -15.01 -6.73 40.48
C PHE F 100 -13.85 -6.60 41.46
N GLU F 101 -13.52 -7.71 42.11
CA GLU F 101 -12.39 -7.72 43.03
C GLU F 101 -11.31 -8.61 42.43
N CYS F 102 -10.08 -8.09 42.36
CA CYS F 102 -8.97 -8.83 41.80
C CYS F 102 -7.92 -9.08 42.88
N ILE F 103 -7.71 -10.34 43.21
CA ILE F 103 -6.72 -10.71 44.23
C ILE F 103 -5.38 -10.89 43.55
N CYS F 104 -4.44 -10.00 43.87
CA CYS F 104 -3.10 -10.05 43.29
C CYS F 104 -2.07 -10.59 44.28
N GLY F 105 -0.88 -10.91 43.79
CA GLY F 105 0.16 -11.44 44.66
C GLY F 105 1.54 -11.49 44.03
N PRO F 106 2.62 -11.39 44.82
CA PRO F 106 2.58 -11.24 46.28
C PRO F 106 2.30 -9.80 46.73
N ASP F 107 3.25 -8.91 46.43
CA ASP F 107 3.15 -7.49 46.77
C ASP F 107 2.85 -7.26 48.25
N SER F 108 3.91 -7.08 49.04
CA SER F 108 3.82 -6.84 50.48
C SER F 108 3.30 -8.06 51.24
N ALA F 109 2.00 -8.35 51.10
CA ALA F 109 1.39 -9.49 51.79
C ALA F 109 0.13 -10.00 51.09
N LEU F 110 -1.01 -9.40 51.42
CA LEU F 110 -2.29 -9.79 50.85
C LEU F 110 -2.52 -9.32 49.41
N ALA F 111 -3.16 -8.16 49.28
CA ALA F 111 -3.49 -7.51 48.00
C ALA F 111 -4.83 -7.93 47.40
N GLY F 112 -5.83 -7.09 47.62
CA GLY F 112 -7.16 -7.31 47.09
C GLY F 112 -7.61 -5.98 46.51
N GLN F 113 -7.52 -5.84 45.19
CA GLN F 113 -7.91 -4.60 44.50
C GLN F 113 -9.33 -4.63 43.95
N ILE F 114 -9.95 -3.46 43.85
CA ILE F 114 -11.30 -3.34 43.32
C ILE F 114 -11.31 -2.59 41.98
N GLY F 115 -11.88 -3.22 40.95
CA GLY F 115 -11.98 -2.59 39.65
C GLY F 115 -10.67 -2.34 38.91
N THR F 116 -9.61 -2.97 39.38
CA THR F 116 -8.29 -2.83 38.78
C THR F 116 -7.59 -4.18 38.70
N ASP F 117 -6.75 -4.32 37.68
CA ASP F 117 -5.98 -5.54 37.44
C ASP F 117 -4.65 -5.45 38.19
N CYS F 118 -3.90 -6.55 38.19
CA CYS F 118 -2.59 -6.62 38.84
C CYS F 118 -1.54 -5.85 38.02
N VAL G 1 65.31 40.45 -33.86
CA VAL G 1 65.79 41.77 -33.40
C VAL G 1 64.63 42.69 -33.02
N GLU G 2 64.29 42.68 -31.73
CA GLU G 2 63.23 43.48 -31.10
C GLU G 2 61.76 42.96 -31.06
N PRO G 3 60.95 43.14 -32.14
CA PRO G 3 59.55 42.67 -32.10
C PRO G 3 59.37 41.15 -32.03
N VAL G 4 58.95 40.66 -30.86
CA VAL G 4 58.72 39.24 -30.64
C VAL G 4 57.24 38.86 -30.71
N ASP G 5 56.92 37.87 -31.54
CA ASP G 5 55.56 37.36 -31.62
C ASP G 5 55.57 36.15 -30.70
N PRO G 6 54.94 36.27 -29.52
CA PRO G 6 54.88 35.18 -28.53
C PRO G 6 54.23 33.92 -29.06
N CYS G 7 53.30 34.09 -30.00
CA CYS G 7 52.56 32.97 -30.58
C CYS G 7 53.36 31.98 -31.43
N PHE G 8 54.52 32.42 -31.92
CA PHE G 8 55.33 31.52 -32.74
C PHE G 8 55.78 30.26 -31.97
N ARG G 9 55.98 30.42 -30.67
CA ARG G 9 56.43 29.33 -29.81
C ARG G 9 55.29 28.67 -29.04
N ALA G 10 54.06 29.14 -29.27
CA ALA G 10 52.87 28.62 -28.59
C ALA G 10 52.41 27.30 -29.19
N ASN G 11 51.78 26.48 -28.37
CA ASN G 11 51.27 25.19 -28.82
C ASN G 11 49.77 25.12 -28.50
N CYS G 12 48.98 25.98 -29.14
CA CYS G 12 47.55 26.02 -28.92
C CYS G 12 46.83 25.06 -29.85
N GLU G 13 45.77 24.44 -29.34
CA GLU G 13 44.97 23.52 -30.12
C GLU G 13 44.27 24.20 -31.30
N TYR G 14 43.74 25.40 -31.06
CA TYR G 14 43.04 26.11 -32.11
C TYR G 14 43.81 27.33 -32.64
N GLN G 15 43.70 28.46 -31.95
CA GLN G 15 44.42 29.66 -32.35
C GLN G 15 45.15 30.29 -31.18
N CYS G 16 46.07 31.20 -31.51
CA CYS G 16 46.86 31.90 -30.51
C CYS G 16 46.70 33.39 -30.75
N GLN G 17 46.51 34.14 -29.67
CA GLN G 17 46.37 35.58 -29.73
C GLN G 17 47.41 36.20 -28.82
N PRO G 18 48.28 37.04 -29.38
CA PRO G 18 49.34 37.68 -28.58
C PRO G 18 48.80 38.76 -27.64
N LEU G 19 49.32 38.77 -26.42
CA LEU G 19 48.90 39.75 -25.42
C LEU G 19 49.98 40.81 -25.33
N ASP G 20 51.22 40.32 -25.27
CA ASP G 20 52.41 41.17 -25.17
C ASP G 20 53.45 40.69 -26.15
N GLN G 21 54.69 41.03 -25.82
CA GLN G 21 55.86 40.66 -26.57
C GLN G 21 56.30 39.35 -25.91
N THR G 22 55.92 39.19 -24.65
CA THR G 22 56.28 38.01 -23.87
C THR G 22 55.11 37.14 -23.43
N SER G 23 53.89 37.49 -23.81
CA SER G 23 52.74 36.68 -23.42
C SER G 23 51.66 36.54 -24.49
N TYR G 24 50.96 35.41 -24.43
CA TYR G 24 49.90 35.09 -25.38
C TYR G 24 48.76 34.38 -24.67
N LEU G 25 47.74 34.06 -25.43
CA LEU G 25 46.60 33.36 -24.89
C LEU G 25 46.05 32.46 -25.97
N CYS G 26 45.87 31.18 -25.63
CA CYS G 26 45.30 30.23 -26.56
C CYS G 26 43.80 30.49 -26.54
N VAL G 27 43.21 30.61 -27.73
CA VAL G 27 41.78 30.86 -27.86
C VAL G 27 41.12 29.82 -28.75
N CYS G 28 39.80 29.88 -28.79
CA CYS G 28 39.03 28.93 -29.54
C CYS G 28 38.07 29.59 -30.50
N ALA G 29 37.43 28.76 -31.31
CA ALA G 29 36.45 29.21 -32.30
C ALA G 29 35.23 29.67 -31.52
N GLU G 30 34.33 30.39 -32.19
CA GLU G 30 33.11 30.86 -31.55
C GLU G 30 32.29 29.65 -31.13
N GLY G 31 31.70 29.70 -29.94
CA GLY G 31 30.93 28.58 -29.43
C GLY G 31 31.82 27.62 -28.63
N PHE G 32 33.11 27.94 -28.51
CA PHE G 32 34.09 27.13 -27.75
C PHE G 32 34.89 28.07 -26.85
N ALA G 33 35.40 27.52 -25.76
CA ALA G 33 36.20 28.30 -24.83
C ALA G 33 37.28 27.35 -24.29
N PRO G 34 38.43 27.91 -23.89
CA PRO G 34 39.53 27.10 -23.34
C PRO G 34 39.12 26.27 -22.11
N ILE G 35 39.59 25.03 -22.03
CA ILE G 35 39.28 24.16 -20.90
C ILE G 35 40.04 24.76 -19.71
N PRO G 36 39.34 25.12 -18.63
CA PRO G 36 39.99 25.71 -17.46
C PRO G 36 41.25 24.98 -16.96
N HIS G 37 41.21 23.66 -16.90
CA HIS G 37 42.34 22.84 -16.45
C HIS G 37 43.32 22.46 -17.56
N GLU G 38 42.99 22.86 -18.79
CA GLU G 38 43.82 22.60 -19.96
C GLU G 38 43.64 23.80 -20.89
N PRO G 39 44.15 24.99 -20.48
CA PRO G 39 44.07 26.25 -21.23
C PRO G 39 44.50 26.24 -22.70
N HIS G 40 45.25 25.23 -23.10
CA HIS G 40 45.69 25.12 -24.49
C HIS G 40 44.66 24.35 -25.32
N ARG G 41 43.64 23.85 -24.65
CA ARG G 41 42.58 23.08 -25.33
C ARG G 41 41.22 23.80 -25.32
N CYS G 42 40.31 23.28 -26.14
CA CYS G 42 38.98 23.84 -26.30
C CYS G 42 37.84 22.84 -26.08
N GLN G 43 36.70 23.36 -25.61
CA GLN G 43 35.50 22.57 -25.39
C GLN G 43 34.33 23.48 -25.67
N MET G 44 33.26 22.95 -26.28
CA MET G 44 32.10 23.77 -26.61
C MET G 44 31.27 24.21 -25.40
N PHE G 45 30.54 25.29 -25.59
CA PHE G 45 29.66 25.79 -24.56
C PHE G 45 28.37 26.12 -25.28
N CYS G 46 27.29 26.31 -24.52
CA CYS G 46 26.02 26.68 -25.09
C CYS G 46 25.28 27.45 -24.03
N ASN G 47 24.61 28.54 -24.41
CA ASN G 47 23.88 29.36 -23.45
C ASN G 47 22.45 29.54 -23.90
N GLN G 48 21.96 28.60 -24.71
CA GLN G 48 20.59 28.65 -25.22
C GLN G 48 19.91 27.30 -25.13
N THR G 49 18.71 27.18 -25.69
CA THR G 49 17.99 25.91 -25.62
C THR G 49 18.75 24.80 -26.36
N ALA G 50 19.42 25.15 -27.44
CA ALA G 50 20.17 24.18 -28.21
C ALA G 50 21.28 24.80 -29.03
N CYS G 51 22.34 24.03 -29.22
CA CYS G 51 23.49 24.42 -30.03
C CYS G 51 23.96 23.14 -30.70
N PRO G 52 24.47 23.23 -31.94
CA PRO G 52 24.97 22.04 -32.65
C PRO G 52 26.01 21.31 -31.79
N ALA G 53 25.97 19.99 -31.78
CA ALA G 53 26.94 19.25 -30.97
C ALA G 53 28.35 19.34 -31.53
N ASP G 54 29.32 19.05 -30.68
CA ASP G 54 30.71 19.05 -31.10
C ASP G 54 31.05 17.62 -31.53
N CYS G 55 30.90 17.35 -32.83
CA CYS G 55 31.17 16.03 -33.37
C CYS G 55 32.51 15.93 -34.08
N ASP G 56 33.17 14.79 -33.92
CA ASP G 56 34.48 14.53 -34.53
C ASP G 56 34.30 13.84 -35.87
N PRO G 57 34.64 14.53 -36.98
CA PRO G 57 34.51 13.95 -38.33
C PRO G 57 35.37 12.72 -38.64
N ASN G 58 36.37 12.43 -37.79
CA ASN G 58 37.22 11.26 -37.96
C ASN G 58 36.54 9.99 -37.44
N THR G 59 35.44 10.16 -36.72
CA THR G 59 34.68 9.05 -36.16
C THR G 59 33.21 9.38 -36.32
N GLN G 60 32.54 8.66 -37.21
CA GLN G 60 31.11 8.88 -37.47
C GLN G 60 30.22 8.91 -36.23
N ALA G 61 29.43 9.97 -36.11
CA ALA G 61 28.48 10.15 -35.02
C ALA G 61 29.05 10.21 -33.60
N SER G 62 30.31 10.58 -33.45
CA SER G 62 30.91 10.72 -32.12
C SER G 62 30.79 12.19 -31.75
N CYS G 63 29.80 12.51 -30.92
CA CYS G 63 29.53 13.87 -30.51
C CYS G 63 29.63 14.17 -29.02
N GLU G 64 29.96 15.41 -28.71
CA GLU G 64 30.11 15.90 -27.34
C GLU G 64 29.15 17.06 -27.09
N CYS G 65 28.68 17.18 -25.85
CA CYS G 65 27.79 18.26 -25.47
C CYS G 65 28.30 18.82 -24.16
N PRO G 66 28.08 20.12 -23.91
CA PRO G 66 28.57 20.67 -22.63
C PRO G 66 27.74 20.11 -21.50
N GLU G 67 28.20 20.28 -20.27
CA GLU G 67 27.49 19.80 -19.10
C GLU G 67 26.12 20.47 -19.04
N GLY G 68 25.08 19.71 -18.68
CA GLY G 68 23.75 20.27 -18.61
C GLY G 68 22.99 20.20 -19.91
N TYR G 69 23.65 19.68 -20.95
CA TYR G 69 23.05 19.51 -22.27
C TYR G 69 23.09 18.02 -22.64
N ILE G 70 22.20 17.60 -23.54
CA ILE G 70 22.14 16.22 -23.97
C ILE G 70 21.91 16.16 -25.49
N LEU G 71 22.57 15.21 -26.13
CA LEU G 71 22.45 15.02 -27.59
C LEU G 71 21.00 14.75 -27.97
N ASP G 72 20.56 15.41 -29.05
CA ASP G 72 19.19 15.32 -29.53
C ASP G 72 19.22 15.14 -31.04
N ASP G 73 18.04 15.00 -31.65
CA ASP G 73 17.91 14.85 -33.10
C ASP G 73 18.70 15.91 -33.88
N GLY G 74 19.29 15.48 -34.99
CA GLY G 74 20.07 16.37 -35.82
C GLY G 74 21.42 16.66 -35.22
N PHE G 75 21.88 15.81 -34.32
CA PHE G 75 23.17 15.97 -33.67
C PHE G 75 23.28 17.35 -33.04
N ILE G 76 22.27 17.68 -32.25
CA ILE G 76 22.20 18.97 -31.56
C ILE G 76 22.15 18.77 -30.05
N CYS G 77 22.84 19.63 -29.31
CA CYS G 77 22.85 19.55 -27.86
C CYS G 77 21.72 20.42 -27.36
N THR G 78 20.82 19.84 -26.60
CA THR G 78 19.66 20.57 -26.07
C THR G 78 19.73 20.63 -24.55
N ASP G 79 19.29 21.75 -23.98
CA ASP G 79 19.32 21.93 -22.53
C ASP G 79 18.46 20.94 -21.78
N ILE G 80 19.00 20.43 -20.68
CA ILE G 80 18.26 19.54 -19.80
C ILE G 80 17.55 20.46 -18.79
N ASP G 81 16.23 20.37 -18.70
CA ASP G 81 15.46 21.18 -17.76
C ASP G 81 15.40 20.41 -16.43
N GLU G 82 16.36 20.71 -15.56
CA GLU G 82 16.48 20.03 -14.27
C GLU G 82 15.30 20.28 -13.36
N CYS G 83 14.66 21.43 -13.53
CA CYS G 83 13.51 21.78 -12.73
C CYS G 83 12.32 20.91 -13.11
N GLU G 84 12.00 20.90 -14.41
CA GLU G 84 10.90 20.10 -14.91
C GLU G 84 11.18 18.60 -14.77
N ASN G 85 12.45 18.21 -14.91
CA ASN G 85 12.85 16.80 -14.78
C ASN G 85 12.63 16.32 -13.36
N GLY G 86 13.12 17.11 -12.40
CA GLY G 86 12.97 16.75 -11.00
C GLY G 86 14.20 16.02 -10.49
N GLY G 87 14.33 15.92 -9.17
CA GLY G 87 15.45 15.23 -8.57
C GLY G 87 16.76 15.98 -8.47
N PHE G 88 16.83 17.20 -8.99
CA PHE G 88 18.05 17.99 -8.93
C PHE G 88 18.02 19.09 -7.86
N CYS G 89 16.83 19.60 -7.59
CA CYS G 89 16.65 20.68 -6.61
C CYS G 89 15.40 20.41 -5.79
N SER G 90 15.54 20.27 -4.48
CA SER G 90 14.41 20.01 -3.58
C SER G 90 13.72 21.31 -3.14
N GLY G 91 14.35 22.44 -3.44
CA GLY G 91 13.78 23.73 -3.11
C GLY G 91 13.14 24.37 -4.34
N VAL G 92 13.31 25.69 -4.49
CA VAL G 92 12.75 26.41 -5.64
C VAL G 92 13.80 26.33 -6.75
N CYS G 93 13.38 25.85 -7.91
CA CYS G 93 14.28 25.66 -9.03
C CYS G 93 14.01 26.56 -10.23
N HIS G 94 15.06 27.21 -10.70
CA HIS G 94 14.99 28.04 -11.89
C HIS G 94 15.95 27.41 -12.90
N ASN G 95 15.41 27.01 -14.04
CA ASN G 95 16.21 26.37 -15.07
C ASN G 95 17.10 27.38 -15.80
N LEU G 96 18.31 26.94 -16.16
CA LEU G 96 19.24 27.79 -16.87
C LEU G 96 19.79 27.00 -18.05
N PRO G 97 20.37 27.69 -19.04
CA PRO G 97 20.91 26.92 -20.15
C PRO G 97 22.25 26.34 -19.68
N GLY G 98 22.32 25.03 -19.49
CA GLY G 98 23.57 24.41 -19.07
C GLY G 98 23.67 24.01 -17.61
N THR G 99 22.78 24.54 -16.78
CA THR G 99 22.73 24.23 -15.36
C THR G 99 21.37 24.68 -14.82
N PHE G 100 21.30 25.00 -13.53
CA PHE G 100 20.05 25.44 -12.92
C PHE G 100 20.38 26.16 -11.63
N GLU G 101 19.43 26.95 -11.14
CA GLU G 101 19.60 27.65 -9.87
C GLU G 101 18.65 27.04 -8.85
N CYS G 102 19.17 26.72 -7.68
CA CYS G 102 18.39 26.11 -6.62
C CYS G 102 18.36 27.03 -5.40
N ILE G 103 17.18 27.55 -5.08
CA ILE G 103 17.03 28.41 -3.90
C ILE G 103 16.78 27.51 -2.69
N CYS G 104 17.66 27.60 -1.70
CA CYS G 104 17.54 26.79 -0.50
C CYS G 104 17.40 27.64 0.77
N GLY G 105 16.20 27.68 1.33
CA GLY G 105 15.98 28.46 2.53
C GLY G 105 14.51 28.65 2.85
N PRO G 106 14.18 29.19 4.04
CA PRO G 106 12.80 29.43 4.48
C PRO G 106 12.09 30.48 3.63
N ASP G 107 12.35 31.76 3.92
CA ASP G 107 11.73 32.87 3.21
C ASP G 107 12.47 34.17 3.53
N SER G 108 12.99 34.26 4.75
CA SER G 108 13.72 35.43 5.20
C SER G 108 15.15 35.45 4.65
N ALA G 109 15.95 34.46 5.06
CA ALA G 109 17.33 34.36 4.60
C ALA G 109 17.55 33.13 3.73
N LEU G 110 17.28 33.28 2.44
CA LEU G 110 17.46 32.19 1.48
C LEU G 110 18.85 32.21 0.84
N ALA G 111 19.16 31.17 0.07
CA ALA G 111 20.46 31.08 -0.58
C ALA G 111 20.37 30.35 -1.92
N GLY G 112 20.56 31.11 -3.00
CA GLY G 112 20.51 30.54 -4.35
C GLY G 112 21.82 29.91 -4.75
N GLN G 113 21.78 28.62 -5.09
CA GLN G 113 22.97 27.88 -5.50
C GLN G 113 22.86 27.49 -6.97
N ILE G 114 23.99 27.40 -7.66
CA ILE G 114 24.00 27.02 -9.06
C ILE G 114 24.48 25.59 -9.29
N GLY G 115 23.64 24.77 -9.91
CA GLY G 115 24.00 23.40 -10.21
C GLY G 115 24.01 22.38 -9.09
N THR G 116 23.70 22.80 -7.86
CA THR G 116 23.69 21.89 -6.72
C THR G 116 22.38 21.97 -5.97
N ASP G 117 22.06 20.89 -5.27
CA ASP G 117 20.84 20.79 -4.48
C ASP G 117 21.05 21.31 -3.06
N CYS G 118 19.96 21.38 -2.31
CA CYS G 118 19.98 21.84 -0.92
C CYS G 118 20.58 20.76 -0.02
N VAL H 1 -53.15 36.44 -57.80
CA VAL H 1 -54.24 35.59 -58.33
C VAL H 1 -55.04 34.99 -57.17
N GLU H 2 -55.74 35.88 -56.45
CA GLU H 2 -56.61 35.56 -55.31
C GLU H 2 -56.02 35.09 -53.96
N PRO H 3 -55.80 33.75 -53.76
CA PRO H 3 -55.25 33.38 -52.44
C PRO H 3 -53.79 33.81 -52.21
N VAL H 4 -53.63 34.85 -51.39
CA VAL H 4 -52.30 35.38 -51.06
C VAL H 4 -51.81 34.83 -49.74
N ASP H 5 -50.56 34.38 -49.72
CA ASP H 5 -49.95 33.91 -48.48
C ASP H 5 -49.17 35.11 -47.98
N PRO H 6 -49.70 35.82 -46.96
CA PRO H 6 -49.05 37.00 -46.40
C PRO H 6 -47.68 36.74 -45.78
N CYS H 7 -47.44 35.49 -45.39
CA CYS H 7 -46.16 35.08 -44.79
C CYS H 7 -44.97 35.10 -45.74
N PHE H 8 -45.24 35.02 -47.03
CA PHE H 8 -44.18 35.03 -48.02
C PHE H 8 -43.34 36.31 -47.93
N ARG H 9 -44.00 37.41 -47.62
CA ARG H 9 -43.34 38.71 -47.49
C ARG H 9 -42.96 39.09 -46.06
N ALA H 10 -43.24 38.20 -45.11
CA ALA H 10 -42.93 38.44 -43.70
C ALA H 10 -41.47 38.20 -43.34
N ASN H 11 -41.00 38.90 -42.33
CA ASN H 11 -39.62 38.77 -41.87
C ASN H 11 -39.65 38.45 -40.36
N CYS H 12 -40.12 37.26 -40.02
CA CYS H 12 -40.19 36.83 -38.63
C CYS H 12 -38.91 36.11 -38.25
N GLU H 13 -38.49 36.30 -37.01
CA GLU H 13 -37.29 35.65 -36.50
C GLU H 13 -37.43 34.13 -36.45
N TYR H 14 -38.58 33.66 -35.98
CA TYR H 14 -38.81 32.23 -35.88
C TYR H 14 -39.73 31.70 -36.97
N GLN H 15 -41.04 31.80 -36.74
CA GLN H 15 -42.03 31.35 -37.73
C GLN H 15 -43.09 32.41 -37.98
N CYS H 16 -43.87 32.19 -39.04
CA CYS H 16 -44.94 33.09 -39.45
C CYS H 16 -46.22 32.28 -39.59
N GLN H 17 -47.32 32.80 -39.06
CA GLN H 17 -48.62 32.16 -39.16
C GLN H 17 -49.59 33.15 -39.80
N PRO H 18 -50.17 32.80 -40.96
CA PRO H 18 -51.12 33.66 -41.67
C PRO H 18 -52.48 33.75 -40.97
N LEU H 19 -53.06 34.94 -40.98
CA LEU H 19 -54.36 35.19 -40.37
C LEU H 19 -55.38 35.35 -41.50
N ASP H 20 -55.00 36.16 -42.49
CA ASP H 20 -55.81 36.45 -43.67
C ASP H 20 -54.90 36.29 -44.88
N GLN H 21 -55.23 37.02 -45.94
CA GLN H 21 -54.45 37.05 -47.16
C GLN H 21 -53.54 38.27 -47.04
N THR H 22 -53.90 39.17 -46.13
CA THR H 22 -53.15 40.39 -45.90
C THR H 22 -52.34 40.34 -44.59
N SER H 23 -52.99 39.89 -43.52
CA SER H 23 -52.36 39.83 -42.21
C SER H 23 -51.70 38.50 -41.80
N TYR H 24 -50.76 38.59 -40.89
CA TYR H 24 -50.03 37.43 -40.38
C TYR H 24 -49.49 37.75 -39.00
N LEU H 25 -49.04 36.71 -38.31
CA LEU H 25 -48.48 36.89 -36.99
C LEU H 25 -47.14 36.19 -36.90
N CYS H 26 -46.14 36.92 -36.43
CA CYS H 26 -44.84 36.31 -36.21
C CYS H 26 -45.02 35.57 -34.89
N VAL H 27 -44.66 34.29 -34.87
CA VAL H 27 -44.78 33.46 -33.68
C VAL H 27 -43.46 32.81 -33.31
N CYS H 28 -43.41 32.23 -32.13
CA CYS H 28 -42.21 31.63 -31.62
C CYS H 28 -42.37 30.16 -31.26
N ALA H 29 -41.26 29.54 -30.87
CA ALA H 29 -41.28 28.13 -30.47
C ALA H 29 -41.92 28.06 -29.09
N GLU H 30 -42.38 26.88 -28.71
CA GLU H 30 -43.00 26.69 -27.40
C GLU H 30 -41.99 27.12 -26.32
N GLY H 31 -42.47 27.86 -25.32
CA GLY H 31 -41.60 28.35 -24.26
C GLY H 31 -41.02 29.71 -24.61
N PHE H 32 -41.43 30.25 -25.76
CA PHE H 32 -41.00 31.56 -26.24
C PHE H 32 -42.24 32.30 -26.72
N ALA H 33 -42.19 33.62 -26.67
CA ALA H 33 -43.30 34.45 -27.12
C ALA H 33 -42.68 35.71 -27.71
N PRO H 34 -43.40 36.35 -28.64
CA PRO H 34 -42.91 37.58 -29.28
C PRO H 34 -42.56 38.68 -28.25
N ILE H 35 -41.51 39.44 -28.52
CA ILE H 35 -41.11 40.54 -27.63
C ILE H 35 -42.15 41.61 -27.93
N PRO H 36 -42.88 42.09 -26.90
CA PRO H 36 -43.91 43.11 -27.11
C PRO H 36 -43.48 44.31 -27.95
N HIS H 37 -42.30 44.86 -27.67
CA HIS H 37 -41.77 46.02 -28.40
C HIS H 37 -41.03 45.66 -29.69
N GLU H 38 -40.91 44.36 -29.95
CA GLU H 38 -40.28 43.83 -31.16
C GLU H 38 -41.05 42.55 -31.52
N PRO H 39 -42.29 42.69 -32.02
CA PRO H 39 -43.16 41.56 -32.39
C PRO H 39 -42.63 40.56 -33.39
N HIS H 40 -41.56 40.93 -34.10
CA HIS H 40 -40.96 40.01 -35.06
C HIS H 40 -39.87 39.18 -34.39
N ARG H 41 -39.60 39.49 -33.12
CA ARG H 41 -38.59 38.75 -32.36
C ARG H 41 -39.17 37.92 -31.21
N CYS H 42 -38.35 37.02 -30.67
CA CYS H 42 -38.72 36.12 -29.60
C CYS H 42 -37.82 36.16 -28.36
N GLN H 43 -38.41 35.89 -27.21
CA GLN H 43 -37.71 35.84 -25.94
C GLN H 43 -38.44 34.78 -25.13
N MET H 44 -37.71 33.96 -24.40
CA MET H 44 -38.29 32.90 -23.59
C MET H 44 -39.12 33.38 -22.39
N PHE H 45 -39.98 32.48 -21.92
CA PHE H 45 -40.80 32.74 -20.76
C PHE H 45 -40.77 31.49 -19.90
N CYS H 46 -41.20 31.62 -18.65
CA CYS H 46 -41.26 30.48 -17.74
C CYS H 46 -42.34 30.78 -16.71
N ASN H 47 -43.16 29.78 -16.41
CA ASN H 47 -44.22 29.93 -15.42
C ASN H 47 -44.13 28.83 -14.36
N GLN H 48 -42.95 28.26 -14.22
CA GLN H 48 -42.67 27.18 -13.28
C GLN H 48 -41.49 27.54 -12.38
N THR H 49 -41.07 26.61 -11.53
CA THR H 49 -39.94 26.88 -10.64
C THR H 49 -38.65 27.02 -11.47
N ALA H 50 -38.56 26.27 -12.56
CA ALA H 50 -37.39 26.31 -13.42
C ALA H 50 -37.74 25.89 -14.84
N CYS H 51 -36.97 26.42 -15.80
CA CYS H 51 -37.11 26.11 -17.21
C CYS H 51 -35.70 26.20 -17.78
N PRO H 52 -35.37 25.39 -18.80
CA PRO H 52 -34.02 25.46 -19.39
C PRO H 52 -33.74 26.89 -19.85
N ALA H 53 -32.51 27.36 -19.65
CA ALA H 53 -32.15 28.71 -20.09
C ALA H 53 -32.05 28.81 -21.61
N ASP H 54 -32.19 30.02 -22.11
CA ASP H 54 -32.09 30.28 -23.53
C ASP H 54 -30.63 30.60 -23.85
N CYS H 55 -29.88 29.57 -24.23
CA CYS H 55 -28.45 29.74 -24.54
C CYS H 55 -28.14 29.80 -26.02
N ASP H 56 -27.17 30.65 -26.37
CA ASP H 56 -26.73 30.83 -27.76
C ASP H 56 -25.59 29.88 -28.06
N PRO H 57 -25.83 28.88 -28.94
CA PRO H 57 -24.77 27.92 -29.27
C PRO H 57 -23.57 28.45 -30.09
N ASN H 58 -23.65 29.70 -30.54
CA ASN H 58 -22.55 30.33 -31.28
C ASN H 58 -21.50 30.88 -30.34
N THR H 59 -21.85 31.03 -29.07
CA THR H 59 -20.93 31.55 -28.07
C THR H 59 -20.71 30.47 -27.01
N GLN H 60 -19.87 30.76 -26.04
CA GLN H 60 -19.60 29.79 -24.98
C GLN H 60 -20.41 30.13 -23.73
N ALA H 61 -21.41 29.29 -23.46
CA ALA H 61 -22.27 29.43 -22.29
C ALA H 61 -22.90 30.80 -22.09
N SER H 62 -23.35 31.42 -23.15
CA SER H 62 -24.01 32.73 -23.08
C SER H 62 -25.52 32.43 -23.04
N CYS H 63 -26.09 32.51 -21.84
CA CYS H 63 -27.50 32.22 -21.60
C CYS H 63 -28.36 33.37 -21.11
N GLU H 64 -29.67 33.25 -21.35
CA GLU H 64 -30.65 34.25 -20.96
C GLU H 64 -31.78 33.64 -20.11
N CYS H 65 -32.34 34.45 -19.23
CA CYS H 65 -33.44 34.00 -18.38
C CYS H 65 -34.45 35.11 -18.39
N PRO H 66 -35.74 34.77 -18.27
CA PRO H 66 -36.74 35.85 -18.26
C PRO H 66 -36.61 36.63 -16.97
N GLU H 67 -37.26 37.80 -16.92
CA GLU H 67 -37.23 38.61 -15.71
C GLU H 67 -37.81 37.79 -14.57
N GLY H 68 -37.22 37.91 -13.37
CA GLY H 68 -37.72 37.15 -12.24
C GLY H 68 -37.08 35.78 -12.08
N TYR H 69 -36.25 35.40 -13.06
CA TYR H 69 -35.55 34.12 -13.05
C TYR H 69 -34.04 34.38 -13.05
N ILE H 70 -33.28 33.45 -12.49
CA ILE H 70 -31.83 33.60 -12.44
C ILE H 70 -31.19 32.28 -12.87
N LEU H 71 -30.03 32.35 -13.53
CA LEU H 71 -29.32 31.17 -14.00
C LEU H 71 -28.88 30.30 -12.84
N ASP H 72 -29.06 28.99 -13.01
CA ASP H 72 -28.75 28.03 -11.99
C ASP H 72 -27.99 26.87 -12.62
N ASP H 73 -27.60 25.89 -11.80
CA ASP H 73 -26.87 24.71 -12.27
C ASP H 73 -27.55 24.00 -13.43
N GLY H 74 -26.75 23.54 -14.39
CA GLY H 74 -27.29 22.85 -15.55
C GLY H 74 -27.86 23.80 -16.58
N PHE H 75 -27.45 25.07 -16.51
CA PHE H 75 -27.92 26.10 -17.46
C PHE H 75 -29.44 26.15 -17.45
N ILE H 76 -29.98 26.25 -16.23
CA ILE H 76 -31.41 26.31 -16.02
C ILE H 76 -31.78 27.63 -15.34
N CYS H 77 -32.91 28.21 -15.74
CA CYS H 77 -33.40 29.45 -15.17
C CYS H 77 -34.36 29.07 -14.05
N THR H 78 -34.05 29.51 -12.83
CA THR H 78 -34.86 29.22 -11.65
C THR H 78 -35.52 30.49 -11.13
N ASP H 79 -36.74 30.35 -10.63
CA ASP H 79 -37.48 31.48 -10.12
C ASP H 79 -36.82 32.11 -8.88
N ILE H 80 -36.80 33.44 -8.87
CA ILE H 80 -36.30 34.18 -7.72
C ILE H 80 -37.50 34.31 -6.78
N ASP H 81 -37.36 33.87 -5.54
CA ASP H 81 -38.44 33.98 -4.57
C ASP H 81 -38.28 35.32 -3.85
N GLU H 82 -38.90 36.35 -4.41
CA GLU H 82 -38.81 37.71 -3.88
C GLU H 82 -39.32 37.85 -2.46
N CYS H 83 -40.30 37.03 -2.10
CA CYS H 83 -40.87 37.09 -0.76
C CYS H 83 -39.90 36.55 0.27
N GLU H 84 -39.32 35.39 0.00
CA GLU H 84 -38.36 34.79 0.91
C GLU H 84 -37.04 35.57 0.89
N ASN H 85 -36.71 36.16 -0.25
CA ASN H 85 -35.48 36.93 -0.37
C ASN H 85 -35.59 38.22 0.43
N GLY H 86 -36.73 38.90 0.29
CA GLY H 86 -36.94 40.14 1.02
C GLY H 86 -36.47 41.36 0.24
N GLY H 87 -36.92 42.53 0.67
CA GLY H 87 -36.53 43.76 0.02
C GLY H 87 -37.31 44.14 -1.24
N PHE H 88 -38.25 43.31 -1.65
CA PHE H 88 -39.06 43.61 -2.85
C PHE H 88 -40.46 44.08 -2.51
N CYS H 89 -40.99 43.57 -1.41
CA CYS H 89 -42.35 43.92 -0.97
C CYS H 89 -42.37 44.14 0.53
N SER H 90 -42.85 45.31 0.95
CA SER H 90 -42.94 45.66 2.37
C SER H 90 -44.28 45.23 2.97
N GLY H 91 -45.22 44.88 2.10
CA GLY H 91 -46.52 44.43 2.53
C GLY H 91 -46.60 42.91 2.57
N VAL H 92 -47.77 42.37 2.23
CA VAL H 92 -47.96 40.93 2.22
C VAL H 92 -47.46 40.46 0.85
N CYS H 93 -46.54 39.50 0.86
CA CYS H 93 -45.96 39.01 -0.36
C CYS H 93 -46.32 37.58 -0.76
N HIS H 94 -46.69 37.41 -2.02
CA HIS H 94 -47.02 36.10 -2.55
C HIS H 94 -46.10 35.92 -3.76
N ASN H 95 -45.23 34.93 -3.69
CA ASN H 95 -44.31 34.64 -4.76
C ASN H 95 -45.04 34.08 -5.99
N LEU H 96 -44.51 34.42 -7.16
CA LEU H 96 -45.09 33.95 -8.41
C LEU H 96 -43.95 33.53 -9.31
N PRO H 97 -44.24 32.70 -10.32
CA PRO H 97 -43.16 32.30 -11.21
C PRO H 97 -42.84 33.51 -12.11
N GLY H 98 -41.68 34.12 -11.93
CA GLY H 98 -41.30 35.25 -12.75
C GLY H 98 -41.52 36.62 -12.16
N THR H 99 -42.37 36.71 -11.15
CA THR H 99 -42.65 37.97 -10.48
C THR H 99 -43.16 37.64 -9.06
N PHE H 100 -43.88 38.57 -8.45
CA PHE H 100 -44.42 38.38 -7.10
C PHE H 100 -45.63 39.31 -6.94
N GLU H 101 -46.48 38.99 -5.98
CA GLU H 101 -47.63 39.86 -5.72
C GLU H 101 -47.43 40.53 -4.38
N CYS H 102 -47.62 41.84 -4.37
CA CYS H 102 -47.44 42.62 -3.17
C CYS H 102 -48.75 43.29 -2.76
N ILE H 103 -49.29 42.88 -1.62
CA ILE H 103 -50.53 43.45 -1.12
C ILE H 103 -50.16 44.69 -0.31
N CYS H 104 -50.66 45.84 -0.75
CA CYS H 104 -50.41 47.11 -0.08
C CYS H 104 -51.70 47.71 0.48
N GLY H 105 -51.57 48.80 1.23
CA GLY H 105 -52.74 49.46 1.80
C GLY H 105 -52.41 50.69 2.62
N PRO H 106 -53.30 51.71 2.71
CA PRO H 106 -54.63 51.86 2.11
C PRO H 106 -54.78 52.98 1.06
N ASP H 107 -54.84 52.58 -0.20
CA ASP H 107 -54.98 53.47 -1.35
C ASP H 107 -54.35 52.76 -2.54
N SER H 108 -53.90 53.50 -3.56
CA SER H 108 -53.26 52.90 -4.72
C SER H 108 -54.18 51.92 -5.46
N ALA H 109 -53.90 50.62 -5.33
CA ALA H 109 -54.69 49.59 -5.98
C ALA H 109 -55.52 48.76 -5.00
N LEU H 110 -55.30 48.97 -3.71
CA LEU H 110 -56.01 48.25 -2.65
C LEU H 110 -55.80 46.73 -2.69
N ALA H 111 -54.72 46.28 -2.07
CA ALA H 111 -54.38 44.86 -1.99
C ALA H 111 -54.28 44.17 -3.35
N GLY H 112 -53.33 44.61 -4.17
CA GLY H 112 -53.17 44.00 -5.49
C GLY H 112 -52.18 44.64 -6.44
N GLN H 113 -50.89 44.46 -6.19
CA GLN H 113 -49.83 45.01 -7.06
C GLN H 113 -48.91 43.88 -7.53
N ILE H 114 -48.63 43.85 -8.83
CA ILE H 114 -47.77 42.83 -9.41
C ILE H 114 -46.35 43.32 -9.69
N GLY H 115 -45.37 42.66 -9.08
CA GLY H 115 -43.96 42.99 -9.29
C GLY H 115 -43.50 44.36 -8.85
N THR H 116 -44.26 44.99 -7.96
CA THR H 116 -43.96 46.33 -7.46
C THR H 116 -44.17 46.36 -5.95
N ASP H 117 -43.39 47.20 -5.28
CA ASP H 117 -43.48 47.36 -3.84
C ASP H 117 -44.53 48.44 -3.53
N CYS H 118 -44.83 48.61 -2.25
CA CYS H 118 -45.78 49.62 -1.78
C CYS H 118 -45.12 51.00 -1.78
N ILE I 1 9.03 -50.26 8.28
CA ILE I 1 7.92 -50.12 7.32
C ILE I 1 7.32 -51.49 7.02
N VAL I 2 6.02 -51.62 7.29
CA VAL I 2 5.31 -52.87 7.04
C VAL I 2 4.58 -52.75 5.69
N GLU I 3 4.71 -53.80 4.88
CA GLU I 3 4.07 -53.86 3.57
C GLU I 3 4.56 -52.81 2.59
N GLY I 4 5.80 -52.38 2.75
CA GLY I 4 6.38 -51.41 1.85
C GLY I 4 7.22 -52.12 0.79
N SER I 5 8.10 -51.37 0.15
CA SER I 5 8.96 -51.95 -0.86
C SER I 5 10.27 -51.18 -0.85
N ASP I 6 11.27 -51.72 -1.53
CA ASP I 6 12.58 -51.10 -1.60
C ASP I 6 12.50 -49.73 -2.26
N ALA I 7 13.06 -48.73 -1.59
CA ALA I 7 13.09 -47.38 -2.11
C ALA I 7 14.12 -47.38 -3.25
N GLU I 8 13.93 -46.51 -4.24
CA GLU I 8 14.88 -46.41 -5.33
C GLU I 8 16.01 -45.47 -4.87
N ILE I 9 17.18 -45.60 -5.48
CA ILE I 9 18.31 -44.74 -5.16
C ILE I 9 17.85 -43.30 -5.43
N GLY I 10 18.06 -42.42 -4.44
CA GLY I 10 17.68 -41.02 -4.57
C GLY I 10 16.21 -40.70 -4.52
N MET I 11 15.39 -41.66 -4.10
CA MET I 11 13.95 -41.46 -4.01
C MET I 11 13.51 -40.56 -2.85
N SER I 12 14.31 -40.52 -1.78
CA SER I 12 14.05 -39.70 -0.58
C SER I 12 15.39 -39.12 -0.13
N PRO I 13 15.95 -38.15 -0.88
CA PRO I 13 17.25 -37.53 -0.55
C PRO I 13 17.27 -36.81 0.79
N TRP I 14 16.09 -36.57 1.35
CA TRP I 14 15.94 -35.90 2.63
C TRP I 14 15.94 -36.87 3.79
N GLN I 15 15.79 -38.16 3.50
CA GLN I 15 15.78 -39.19 4.54
C GLN I 15 17.10 -39.25 5.33
N VAL I 16 17.00 -39.11 6.64
CA VAL I 16 18.17 -39.15 7.54
C VAL I 16 18.07 -40.36 8.47
N MET I 17 19.22 -40.92 8.82
CA MET I 17 19.29 -42.04 9.75
C MET I 17 19.98 -41.58 11.01
N LEU I 18 19.28 -41.63 12.14
CA LEU I 18 19.92 -41.27 13.40
C LEU I 18 20.54 -42.59 13.88
N PHE I 19 21.87 -42.59 14.03
CA PHE I 19 22.62 -43.78 14.40
C PHE I 19 23.28 -43.71 15.78
N ARG I 20 22.95 -44.69 16.62
CA ARG I 20 23.52 -44.75 17.96
C ARG I 20 24.96 -45.28 17.89
N LYS I 21 25.87 -44.62 18.60
CA LYS I 21 27.27 -44.99 18.61
C LYS I 21 27.59 -46.24 19.44
N SER I 22 26.93 -46.34 20.59
CA SER I 22 27.15 -47.44 21.54
C SER I 22 25.87 -47.96 22.21
N PRO I 23 25.38 -49.14 21.79
CA PRO I 23 25.95 -49.98 20.73
C PRO I 23 25.70 -49.35 19.35
N GLN I 24 26.41 -49.84 18.33
CA GLN I 24 26.26 -49.35 16.98
C GLN I 24 24.94 -49.84 16.41
N GLU I 25 23.93 -48.97 16.37
CA GLU I 25 22.64 -49.39 15.85
C GLU I 25 21.73 -48.25 15.44
N LEU I 26 20.73 -48.58 14.63
CA LEU I 26 19.74 -47.61 14.18
C LEU I 26 18.96 -47.14 15.40
N LEU I 27 18.80 -45.84 15.52
CA LEU I 27 18.02 -45.27 16.61
C LEU I 27 16.62 -44.89 16.07
N CYS I 28 16.60 -44.12 15.00
CA CYS I 28 15.37 -43.62 14.39
C CYS I 28 15.67 -42.96 13.05
N GLY I 29 14.61 -42.56 12.36
CA GLY I 29 14.77 -41.84 11.12
C GLY I 29 14.66 -40.35 11.43
N ALA I 30 14.85 -39.52 10.41
CA ALA I 30 14.76 -38.07 10.55
C ALA I 30 14.72 -37.49 9.15
N SER I 31 14.66 -36.17 9.05
CA SER I 31 14.61 -35.53 7.75
C SER I 31 15.50 -34.29 7.69
N LEU I 32 16.05 -34.03 6.50
CA LEU I 32 16.89 -32.87 6.26
C LEU I 32 15.95 -31.74 5.76
N ILE I 33 15.83 -30.66 6.53
CA ILE I 33 14.96 -29.55 6.14
C ILE I 33 15.74 -28.30 5.67
N SER I 34 17.07 -28.37 5.76
CA SER I 34 17.98 -27.31 5.32
C SER I 34 19.39 -27.91 5.39
N ASP I 35 20.40 -27.15 4.97
CA ASP I 35 21.75 -27.67 4.98
C ASP I 35 22.39 -27.80 6.36
N ARG I 36 21.68 -27.32 7.38
CA ARG I 36 22.18 -27.41 8.74
C ARG I 36 21.14 -27.82 9.79
N TRP I 37 19.93 -28.13 9.33
CA TRP I 37 18.87 -28.52 10.24
C TRP I 37 18.23 -29.85 9.87
N VAL I 38 17.98 -30.65 10.90
CA VAL I 38 17.40 -31.96 10.73
C VAL I 38 16.19 -32.06 11.66
N LEU I 39 15.11 -32.62 11.15
CA LEU I 39 13.89 -32.76 11.93
C LEU I 39 13.64 -34.22 12.29
N THR I 40 13.20 -34.47 13.53
CA THR I 40 12.90 -35.82 13.96
C THR I 40 11.80 -35.80 15.03
N ALA I 41 11.53 -36.97 15.61
CA ALA I 41 10.52 -37.10 16.66
C ALA I 41 11.18 -37.01 18.03
N ALA I 42 10.55 -36.29 18.95
CA ALA I 42 11.07 -36.13 20.31
C ALA I 42 11.22 -37.41 21.12
N HIS I 43 10.32 -38.37 20.94
CA HIS I 43 10.38 -39.63 21.72
C HIS I 43 11.58 -40.51 21.37
N CYS I 44 12.19 -40.25 20.22
CA CYS I 44 13.37 -40.97 19.75
C CYS I 44 14.57 -40.57 20.61
N LEU I 45 14.51 -39.34 21.11
CA LEU I 45 15.59 -38.76 21.88
C LEU I 45 15.35 -38.70 23.38
N LEU I 46 14.10 -38.47 23.77
CA LEU I 46 13.75 -38.33 25.18
C LEU I 46 12.46 -39.01 25.60
N TYR I 47 12.57 -39.88 26.58
CA TYR I 47 11.41 -40.58 27.16
C TYR I 47 11.76 -40.98 28.60
N PRO I 48 11.56 -40.06 29.55
CA PRO I 48 11.84 -40.26 30.98
C PRO I 48 11.44 -41.60 31.62
N PRO I 49 10.22 -42.11 31.34
CA PRO I 49 9.80 -43.38 31.92
C PRO I 49 10.81 -44.50 31.75
N TRP I 50 11.42 -44.60 30.58
CA TRP I 50 12.41 -45.64 30.30
C TRP I 50 13.82 -45.10 30.45
N ASP I 51 13.94 -43.93 31.07
CA ASP I 51 15.24 -43.28 31.29
C ASP I 51 16.01 -43.05 29.99
N LYS I 52 15.27 -42.75 28.92
CA LYS I 52 15.86 -42.48 27.62
C LYS I 52 16.19 -41.00 27.57
N ASN I 53 17.41 -40.67 27.16
CA ASN I 53 17.86 -39.28 27.09
C ASN I 53 19.16 -39.21 26.31
N PHE I 54 19.06 -39.23 24.98
CA PHE I 54 20.23 -39.16 24.12
C PHE I 54 20.73 -37.74 23.89
N ILE I 55 22.04 -37.55 24.03
CA ILE I 55 22.64 -36.24 23.84
C ILE I 55 23.41 -36.19 22.51
N GLU I 56 23.92 -35.01 22.17
CA GLU I 56 24.65 -34.76 20.93
C GLU I 56 25.74 -35.78 20.60
N ASN I 57 26.52 -36.16 21.61
CA ASN I 57 27.62 -37.09 21.44
C ASN I 57 27.27 -38.58 21.41
N ASP I 58 26.02 -38.92 21.66
CA ASP I 58 25.60 -40.31 21.63
C ASP I 58 25.23 -40.78 20.24
N LEU I 59 25.04 -39.84 19.32
CA LEU I 59 24.60 -40.21 17.98
C LEU I 59 25.40 -39.68 16.83
N LEU I 60 25.13 -40.27 15.67
CA LEU I 60 25.72 -39.89 14.40
C LEU I 60 24.52 -39.65 13.47
N VAL I 61 24.58 -38.59 12.67
CA VAL I 61 23.54 -38.28 11.71
C VAL I 61 24.06 -38.72 10.34
N ARG I 62 23.39 -39.69 9.74
CA ARG I 62 23.81 -40.26 8.46
C ARG I 62 22.84 -39.89 7.35
N ILE I 63 23.32 -39.07 6.43
CA ILE I 63 22.51 -38.58 5.32
C ILE I 63 22.93 -39.20 4.01
N GLY I 64 21.97 -39.34 3.09
CA GLY I 64 22.25 -39.95 1.79
C GLY I 64 22.30 -41.47 1.76
N LYS I 65 21.77 -42.12 2.78
CA LYS I 65 21.81 -43.58 2.84
C LYS I 65 20.71 -44.30 2.08
N HIS I 66 21.01 -45.54 1.70
CA HIS I 66 20.05 -46.40 1.01
C HIS I 66 20.00 -47.71 1.82
N SER I 67 21.10 -48.45 1.79
CA SER I 67 21.23 -49.69 2.53
C SER I 67 21.19 -49.38 4.03
N ARG I 68 20.53 -50.25 4.79
CA ARG I 68 20.42 -50.09 6.24
C ARG I 68 21.74 -50.38 6.97
N THR I 69 22.47 -51.39 6.52
CA THR I 69 23.71 -51.81 7.17
C THR I 69 25.03 -51.34 6.57
N ARG I 70 25.10 -51.25 5.25
CA ARG I 70 26.36 -50.85 4.62
C ARG I 70 26.79 -49.43 4.90
N TYR I 71 28.10 -49.25 5.03
CA TYR I 71 28.66 -47.93 5.22
C TYR I 71 28.88 -47.48 3.80
N GLU I 72 27.95 -46.66 3.31
CA GLU I 72 28.00 -46.18 1.94
C GLU I 72 29.01 -45.05 1.70
N ARG I 73 30.28 -45.43 1.78
CA ARG I 73 31.41 -44.52 1.59
C ARG I 73 31.31 -43.69 0.30
N ASN I 74 31.55 -42.39 0.45
CA ASN I 74 31.49 -41.43 -0.66
C ASN I 74 30.07 -41.18 -1.20
N ILE I 75 29.08 -41.80 -0.59
CA ILE I 75 27.68 -41.61 -0.96
C ILE I 75 27.00 -40.95 0.25
N GLU I 76 26.99 -41.66 1.36
CA GLU I 76 26.40 -41.10 2.58
C GLU I 76 27.37 -40.16 3.26
N LYS I 77 26.86 -39.23 4.06
CA LYS I 77 27.66 -38.27 4.78
C LYS I 77 27.28 -38.27 6.25
N ILE I 78 28.28 -38.20 7.12
CA ILE I 78 28.05 -38.19 8.54
C ILE I 78 28.16 -36.76 9.02
N SER I 79 27.17 -36.31 9.77
CA SER I 79 27.17 -34.97 10.30
C SER I 79 27.17 -35.05 11.83
N MET I 80 27.92 -34.16 12.45
CA MET I 80 27.99 -34.12 13.91
C MET I 80 26.92 -33.16 14.42
N LEU I 81 26.30 -33.51 15.54
CA LEU I 81 25.26 -32.68 16.13
C LEU I 81 25.82 -31.56 16.98
N GLU I 82 25.36 -30.35 16.72
CA GLU I 82 25.79 -29.20 17.49
C GLU I 82 24.84 -29.05 18.69
N LYS I 83 23.54 -29.12 18.42
CA LYS I 83 22.53 -29.00 19.47
C LYS I 83 21.19 -29.65 19.10
N ILE I 84 20.60 -30.31 20.10
CA ILE I 84 19.30 -30.97 19.97
C ILE I 84 18.26 -30.04 20.63
N TYR I 85 17.16 -29.77 19.94
CA TYR I 85 16.10 -28.90 20.48
C TYR I 85 14.78 -29.65 20.53
N ILE I 86 14.43 -30.13 21.72
CA ILE I 86 13.19 -30.87 21.91
C ILE I 86 12.09 -29.88 22.25
N HIS I 87 10.92 -30.05 21.65
CA HIS I 87 9.80 -29.16 21.89
C HIS I 87 9.52 -29.09 23.41
N PRO I 88 9.51 -27.86 23.97
CA PRO I 88 9.27 -27.65 25.40
C PRO I 88 7.95 -28.20 25.93
N ARG I 89 6.94 -28.29 25.08
CA ARG I 89 5.65 -28.80 25.50
C ARG I 89 5.37 -30.23 25.04
N TYR I 90 6.44 -30.97 24.71
CA TYR I 90 6.36 -32.36 24.30
C TYR I 90 5.74 -33.13 25.47
N ASN I 91 4.58 -33.73 25.21
CA ASN I 91 3.83 -34.47 26.23
C ASN I 91 4.16 -35.96 26.31
N TRP I 92 5.31 -36.28 26.90
CA TRP I 92 5.72 -37.69 27.06
C TRP I 92 4.93 -38.33 28.19
N ARG I 93 4.32 -37.48 29.01
CA ARG I 93 3.54 -37.88 30.17
C ARG I 93 2.30 -38.69 29.77
N GLU I 94 1.74 -38.40 28.61
CA GLU I 94 0.54 -39.12 28.19
C GLU I 94 0.39 -39.48 26.71
N ASN I 95 0.09 -38.47 25.89
CA ASN I 95 -0.17 -38.59 24.46
C ASN I 95 1.00 -38.61 23.48
N LEU I 96 2.16 -38.11 23.90
CA LEU I 96 3.31 -37.99 23.01
C LEU I 96 2.93 -36.83 22.05
N ASP I 97 2.10 -35.92 22.57
CA ASP I 97 1.63 -34.72 21.87
C ASP I 97 2.85 -33.86 21.63
N ARG I 98 2.93 -33.23 20.46
CA ARG I 98 4.05 -32.39 20.08
C ARG I 98 5.35 -33.22 20.08
N ASP I 99 5.27 -34.37 19.43
CA ASP I 99 6.40 -35.31 19.34
C ASP I 99 7.32 -34.80 18.23
N ILE I 100 8.16 -33.83 18.58
CA ILE I 100 9.01 -33.20 17.58
C ILE I 100 10.28 -32.63 18.19
N ALA I 101 11.38 -32.73 17.44
CA ALA I 101 12.69 -32.23 17.86
C ALA I 101 13.50 -31.74 16.66
N LEU I 102 14.31 -30.72 16.89
CA LEU I 102 15.17 -30.15 15.85
C LEU I 102 16.62 -30.42 16.20
N MET I 103 17.44 -30.66 15.19
CA MET I 103 18.85 -30.91 15.41
C MET I 103 19.67 -30.01 14.52
N LYS I 104 20.48 -29.15 15.12
CA LYS I 104 21.35 -28.26 14.35
C LYS I 104 22.66 -29.01 14.16
N LEU I 105 23.12 -29.08 12.92
CA LEU I 105 24.37 -29.76 12.59
C LEU I 105 25.54 -28.78 12.77
N LYS I 106 26.68 -29.29 13.22
CA LYS I 106 27.88 -28.46 13.42
C LYS I 106 28.32 -27.76 12.14
N LYS I 107 28.24 -28.49 11.02
CA LYS I 107 28.65 -27.98 9.72
C LYS I 107 27.57 -28.24 8.68
N PRO I 108 27.49 -27.39 7.63
CA PRO I 108 26.48 -27.60 6.60
C PRO I 108 26.73 -28.84 5.74
N VAL I 109 25.70 -29.64 5.53
CA VAL I 109 25.84 -30.86 4.72
C VAL I 109 25.96 -30.51 3.26
N ALA I 110 26.73 -31.31 2.52
CA ALA I 110 26.92 -31.09 1.10
C ALA I 110 25.79 -31.77 0.35
N PHE I 111 25.06 -30.98 -0.44
CA PHE I 111 23.96 -31.51 -1.24
C PHE I 111 24.55 -32.34 -2.36
N SER I 112 23.78 -33.29 -2.86
CA SER I 112 24.22 -34.18 -3.92
C SER I 112 23.00 -34.89 -4.47
N ASP I 113 23.23 -35.93 -5.27
CA ASP I 113 22.14 -36.71 -5.86
C ASP I 113 21.38 -37.48 -4.79
N TYR I 114 22.05 -37.75 -3.68
CA TYR I 114 21.48 -38.52 -2.58
C TYR I 114 21.13 -37.67 -1.37
N ILE I 115 21.61 -36.44 -1.34
CA ILE I 115 21.35 -35.53 -0.23
C ILE I 115 20.71 -34.23 -0.73
N HIS I 116 19.52 -33.95 -0.22
CA HIS I 116 18.78 -32.76 -0.58
C HIS I 116 17.54 -32.64 0.30
N PRO I 117 17.35 -31.46 0.92
CA PRO I 117 16.25 -31.11 1.82
C PRO I 117 14.86 -31.11 1.21
N VAL I 118 13.90 -31.53 2.03
CA VAL I 118 12.50 -31.57 1.64
C VAL I 118 11.90 -30.22 2.05
N CYS I 119 10.81 -29.81 1.41
CA CYS I 119 10.16 -28.56 1.76
C CYS I 119 9.23 -28.76 2.94
N LEU I 120 8.99 -27.70 3.70
CA LEU I 120 8.06 -27.74 4.80
C LEU I 120 6.83 -26.98 4.28
N PRO I 121 5.62 -27.52 4.52
CA PRO I 121 4.37 -26.89 4.06
C PRO I 121 4.07 -25.52 4.64
N ASP I 122 3.46 -24.68 3.82
CA ASP I 122 3.03 -23.37 4.28
C ASP I 122 1.52 -23.54 4.49
N ARG I 123 0.80 -22.46 4.80
CA ARG I 123 -0.63 -22.54 5.06
C ARG I 123 -1.46 -23.16 3.96
N GLU I 124 -1.25 -22.71 2.73
CA GLU I 124 -1.97 -23.20 1.56
C GLU I 124 -1.69 -24.65 1.21
N THR I 125 -0.41 -25.03 1.25
CA THR I 125 0.01 -26.41 0.98
C THR I 125 -0.67 -27.35 1.98
N ALA I 126 -0.63 -26.96 3.25
CA ALA I 126 -1.22 -27.76 4.32
C ALA I 126 -2.72 -27.93 4.13
N ALA I 127 -3.42 -26.85 3.77
CA ALA I 127 -4.86 -26.90 3.58
C ALA I 127 -5.25 -27.77 2.37
N SER I 128 -4.55 -27.58 1.26
CA SER I 128 -4.81 -28.30 0.02
C SER I 128 -4.46 -29.78 0.01
N LEU I 129 -3.32 -30.12 0.62
CA LEU I 129 -2.84 -31.50 0.63
C LEU I 129 -3.32 -32.40 1.78
N LEU I 130 -3.43 -31.85 2.99
CA LEU I 130 -3.86 -32.63 4.16
C LEU I 130 -5.34 -32.93 4.19
N GLN I 131 -5.78 -33.84 3.33
CA GLN I 131 -7.19 -34.22 3.27
C GLN I 131 -7.32 -35.73 3.19
N ALA I 132 -8.35 -36.26 3.86
CA ALA I 132 -8.65 -37.69 3.88
C ALA I 132 -8.73 -38.22 2.46
N GLY I 133 -8.14 -39.39 2.24
CA GLY I 133 -8.14 -39.99 0.91
C GLY I 133 -6.86 -39.69 0.17
N TYR I 134 -6.32 -38.49 0.37
CA TYR I 134 -5.06 -38.12 -0.30
C TYR I 134 -3.94 -38.98 0.27
N LYS I 135 -3.12 -39.50 -0.62
CA LYS I 135 -2.00 -40.34 -0.22
C LYS I 135 -0.69 -39.58 -0.02
N GLY I 136 0.02 -39.99 1.02
CA GLY I 136 1.31 -39.44 1.35
C GLY I 136 2.29 -40.60 1.31
N ARG I 137 3.54 -40.34 1.60
CA ARG I 137 4.56 -41.39 1.56
C ARG I 137 5.43 -41.39 2.81
N VAL I 138 5.68 -42.57 3.35
CA VAL I 138 6.48 -42.74 4.55
C VAL I 138 7.66 -43.66 4.20
N THR I 139 8.84 -43.34 4.75
CA THR I 139 10.06 -44.10 4.48
C THR I 139 10.77 -44.38 5.77
N GLY I 140 11.55 -45.45 5.80
CA GLY I 140 12.27 -45.80 7.01
C GLY I 140 12.97 -47.14 6.97
N TRP I 141 13.86 -47.36 7.94
CA TRP I 141 14.62 -48.61 8.06
C TRP I 141 14.12 -49.44 9.23
N GLY I 142 12.94 -49.11 9.76
CA GLY I 142 12.40 -49.84 10.88
C GLY I 142 11.93 -51.26 10.61
N ASN I 143 11.32 -51.88 11.63
CA ASN I 143 10.84 -53.25 11.53
C ASN I 143 9.83 -53.48 10.42
N LEU I 144 9.96 -54.63 9.75
CA LEU I 144 9.08 -55.02 8.66
C LEU I 144 7.78 -55.63 9.18
N LYS I 145 7.74 -55.87 10.48
CA LYS I 145 6.57 -56.46 11.12
C LYS I 145 6.54 -56.07 12.56
N GLU I 146 5.38 -56.20 13.19
CA GLU I 146 5.21 -55.85 14.59
C GLU I 146 6.18 -56.61 15.52
N THR I 147 6.75 -57.71 15.01
CA THR I 147 7.72 -58.50 15.75
C THR I 147 7.46 -58.72 17.26
N TRP I 148 8.53 -58.54 18.06
CA TRP I 148 8.53 -58.73 19.52
C TRP I 148 7.50 -59.72 20.06
N THR I 149 7.56 -60.91 19.49
CA THR I 149 6.73 -62.07 19.77
C THR I 149 7.03 -62.97 18.57
N ALA I 150 6.13 -63.87 18.24
CA ALA I 150 6.33 -64.76 17.10
C ALA I 150 5.76 -64.13 15.82
N ASN I 151 6.54 -64.18 14.74
CA ASN I 151 6.13 -63.61 13.46
C ASN I 151 7.09 -63.99 12.33
N VAL I 152 6.52 -64.36 11.18
CA VAL I 152 7.32 -64.75 10.01
C VAL I 152 7.65 -63.53 9.14
N GLY I 153 8.93 -63.16 9.12
CA GLY I 153 9.37 -62.02 8.33
C GLY I 153 10.87 -61.86 8.34
N LYS I 154 11.39 -60.89 7.58
CA LYS I 154 12.83 -60.67 7.53
C LYS I 154 13.32 -59.78 8.67
N GLY I 155 12.40 -59.40 9.55
CA GLY I 155 12.71 -58.55 10.69
C GLY I 155 13.06 -57.13 10.30
N GLN I 156 14.33 -56.93 9.95
CA GLN I 156 14.81 -55.62 9.54
C GLN I 156 15.14 -55.69 8.06
N PRO I 157 14.86 -54.61 7.32
CA PRO I 157 15.11 -54.57 5.88
C PRO I 157 16.59 -54.39 5.56
N SER I 158 16.99 -54.75 4.36
CA SER I 158 18.38 -54.57 3.96
C SER I 158 18.54 -53.19 3.31
N VAL I 159 17.44 -52.63 2.85
CA VAL I 159 17.44 -51.32 2.17
C VAL I 159 16.24 -50.45 2.63
N LEU I 160 16.38 -49.13 2.52
CA LEU I 160 15.33 -48.20 2.90
C LEU I 160 13.99 -48.63 2.32
N GLN I 161 12.96 -48.66 3.16
CA GLN I 161 11.61 -49.05 2.74
C GLN I 161 10.72 -47.84 2.52
N VAL I 162 9.77 -48.01 1.61
CA VAL I 162 8.83 -46.94 1.28
C VAL I 162 7.41 -47.48 1.13
N VAL I 163 6.44 -46.71 1.64
CA VAL I 163 5.04 -47.09 1.51
C VAL I 163 4.17 -45.85 1.27
N ASN I 164 3.15 -45.98 0.43
CA ASN I 164 2.23 -44.88 0.14
C ASN I 164 0.96 -45.13 0.95
N LEU I 165 0.63 -44.20 1.85
CA LEU I 165 -0.54 -44.34 2.71
C LEU I 165 -1.46 -43.13 2.65
N PRO I 166 -2.78 -43.38 2.55
CA PRO I 166 -3.76 -42.30 2.48
C PRO I 166 -4.12 -41.71 3.85
N ILE I 167 -4.35 -40.40 3.90
CA ILE I 167 -4.73 -39.72 5.12
C ILE I 167 -6.16 -40.17 5.45
N VAL I 168 -6.43 -40.35 6.74
CA VAL I 168 -7.73 -40.80 7.22
C VAL I 168 -8.45 -39.64 7.92
N GLU I 169 -9.76 -39.57 7.75
CA GLU I 169 -10.55 -38.52 8.37
C GLU I 169 -10.44 -38.59 9.90
N ARG I 170 -10.38 -37.42 10.54
CA ARG I 170 -10.21 -37.32 11.98
C ARG I 170 -11.09 -38.17 12.88
N PRO I 171 -12.42 -38.23 12.62
CA PRO I 171 -13.29 -39.05 13.47
C PRO I 171 -12.97 -40.56 13.42
N VAL I 172 -12.53 -41.05 12.26
CA VAL I 172 -12.17 -42.46 12.12
C VAL I 172 -10.88 -42.74 12.91
N CYS I 173 -9.96 -41.78 12.92
CA CYS I 173 -8.69 -41.90 13.66
C CYS I 173 -9.02 -41.93 15.14
N LYS I 174 -9.93 -41.04 15.52
CA LYS I 174 -10.38 -40.91 16.90
C LYS I 174 -11.02 -42.19 17.46
N ASP I 175 -11.89 -42.81 16.67
CA ASP I 175 -12.59 -44.01 17.08
C ASP I 175 -11.75 -45.29 17.05
N SER I 176 -10.57 -45.22 16.42
CA SER I 176 -9.69 -46.38 16.31
C SER I 176 -8.84 -46.63 17.55
N THR I 177 -8.76 -45.65 18.43
CA THR I 177 -7.94 -45.78 19.63
C THR I 177 -8.61 -45.16 20.86
N ARG I 178 -8.13 -45.54 22.04
CA ARG I 178 -8.67 -44.99 23.28
C ARG I 178 -7.77 -43.85 23.73
N ILE I 179 -6.66 -43.67 23.01
CA ILE I 179 -5.70 -42.62 23.30
C ILE I 179 -6.23 -41.29 22.76
N ARG I 180 -6.10 -40.22 23.54
CA ARG I 180 -6.57 -38.91 23.11
C ARG I 180 -5.76 -38.40 21.92
N ILE I 181 -6.47 -37.97 20.87
CA ILE I 181 -5.83 -37.45 19.68
C ILE I 181 -5.91 -35.92 19.70
N THR I 182 -4.77 -35.27 19.48
CA THR I 182 -4.74 -33.80 19.45
C THR I 182 -4.66 -33.33 18.01
N ASP I 183 -4.79 -32.03 17.80
CA ASP I 183 -4.71 -31.46 16.47
C ASP I 183 -3.28 -31.41 15.96
N ASN I 184 -2.33 -31.69 16.84
CA ASN I 184 -0.92 -31.72 16.48
C ASN I 184 -0.55 -33.09 15.92
N MET I 185 -1.58 -33.88 15.63
CA MET I 185 -1.37 -35.19 15.05
C MET I 185 -2.46 -35.54 14.06
N PHE I 186 -2.12 -36.42 13.13
CA PHE I 186 -3.05 -36.92 12.15
C PHE I 186 -2.71 -38.39 11.94
N CYS I 187 -3.66 -39.16 11.45
CA CYS I 187 -3.39 -40.58 11.25
C CYS I 187 -3.54 -40.94 9.77
N ALA I 188 -2.84 -41.99 9.36
CA ALA I 188 -2.87 -42.43 7.97
C ALA I 188 -2.83 -43.94 7.85
N GLY I 189 -3.20 -44.46 6.68
CA GLY I 189 -3.22 -45.88 6.47
C GLY I 189 -4.54 -46.34 5.85
N TYR I 190 -4.55 -47.54 5.30
CA TYR I 190 -5.75 -48.09 4.69
C TYR I 190 -6.76 -48.65 5.69
N LYS I 191 -8.03 -48.64 5.29
CA LYS I 191 -9.12 -49.15 6.10
C LYS I 191 -9.28 -50.61 5.71
N PRO I 192 -9.80 -51.45 6.62
CA PRO I 192 -10.00 -52.88 6.34
C PRO I 192 -10.63 -53.23 5.00
N ASP I 193 -11.61 -52.44 4.58
CA ASP I 193 -12.29 -52.71 3.31
C ASP I 193 -11.53 -52.32 2.04
N GLU I 194 -10.37 -51.68 2.20
CA GLU I 194 -9.57 -51.27 1.06
C GLU I 194 -8.66 -52.40 0.55
N GLY I 195 -8.40 -53.38 1.42
CA GLY I 195 -7.57 -54.50 1.02
C GLY I 195 -6.09 -54.23 1.09
N LYS I 196 -5.65 -53.16 0.43
CA LYS I 196 -4.24 -52.77 0.44
C LYS I 196 -3.89 -52.43 1.88
N ARG I 197 -2.63 -52.65 2.24
CA ARG I 197 -2.19 -52.32 3.59
C ARG I 197 -0.83 -51.64 3.65
N GLY I 198 -0.28 -51.52 4.85
CA GLY I 198 1.01 -50.87 5.03
C GLY I 198 0.96 -49.97 6.25
N ASP I 199 2.12 -49.72 6.83
CA ASP I 199 2.18 -48.89 8.02
C ASP I 199 3.63 -48.71 8.43
N ALA I 200 3.86 -47.70 9.28
CA ALA I 200 5.20 -47.46 9.82
C ALA I 200 5.30 -48.39 11.05
N CYS I 201 6.51 -48.57 11.56
CA CYS I 201 6.69 -49.45 12.70
C CYS I 201 7.91 -49.02 13.51
N GLU I 202 8.25 -49.79 14.54
CA GLU I 202 9.39 -49.52 15.41
C GLU I 202 10.65 -49.22 14.60
N GLY I 203 11.32 -48.11 14.93
CA GLY I 203 12.53 -47.72 14.22
C GLY I 203 12.27 -46.73 13.10
N ASP I 204 11.01 -46.56 12.72
CA ASP I 204 10.62 -45.64 11.66
C ASP I 204 10.37 -44.22 12.15
N SER I 205 10.25 -44.07 13.46
CA SER I 205 9.97 -42.79 14.09
C SER I 205 10.95 -41.72 13.63
N GLY I 206 10.45 -40.50 13.45
CA GLY I 206 11.27 -39.40 13.00
C GLY I 206 11.32 -39.31 11.50
N GLY I 207 11.01 -40.41 10.82
CA GLY I 207 10.99 -40.41 9.38
C GLY I 207 9.86 -39.52 8.91
N PRO I 208 9.95 -38.99 7.68
CA PRO I 208 8.93 -38.12 7.09
C PRO I 208 7.77 -38.77 6.33
N PHE I 209 6.61 -38.10 6.43
CA PHE I 209 5.40 -38.48 5.73
C PHE I 209 5.35 -37.32 4.73
N VAL I 210 5.74 -37.61 3.50
CA VAL I 210 5.79 -36.59 2.46
C VAL I 210 4.69 -36.70 1.42
N MET I 211 4.37 -35.56 0.80
CA MET I 211 3.35 -35.48 -0.24
C MET I 211 3.92 -34.65 -1.39
N LYS I 212 3.73 -35.12 -2.63
CA LYS I 212 4.22 -34.39 -3.79
C LYS I 212 3.13 -33.44 -4.29
N SER I 213 3.46 -32.15 -4.36
CA SER I 213 2.49 -31.15 -4.80
C SER I 213 2.16 -31.21 -6.29
N PRO I 214 0.87 -31.37 -6.62
CA PRO I 214 0.41 -31.43 -8.01
C PRO I 214 0.54 -30.05 -8.67
N PHE I 215 0.76 -29.04 -7.83
CA PHE I 215 0.89 -27.66 -8.30
C PHE I 215 2.30 -27.32 -8.77
N ASN I 216 3.28 -27.42 -7.86
CA ASN I 216 4.65 -27.10 -8.22
C ASN I 216 5.61 -28.30 -8.32
N ASN I 217 5.07 -29.51 -8.20
CA ASN I 217 5.86 -30.73 -8.28
C ASN I 217 6.92 -30.95 -7.19
N ARG I 218 6.86 -30.17 -6.11
CA ARG I 218 7.81 -30.31 -5.01
C ARG I 218 7.23 -31.23 -3.94
N TRP I 219 8.12 -31.90 -3.21
CA TRP I 219 7.74 -32.77 -2.11
C TRP I 219 7.74 -31.96 -0.82
N TYR I 220 6.73 -32.19 0.03
CA TYR I 220 6.61 -31.47 1.30
C TYR I 220 6.44 -32.45 2.44
N GLN I 221 7.09 -32.16 3.56
CA GLN I 221 6.94 -33.03 4.72
C GLN I 221 5.75 -32.58 5.57
N MET I 222 4.65 -33.33 5.47
CA MET I 222 3.44 -33.02 6.21
C MET I 222 3.42 -33.62 7.61
N GLY I 223 4.20 -34.70 7.81
CA GLY I 223 4.22 -35.36 9.09
C GLY I 223 5.54 -36.05 9.45
N ILE I 224 5.60 -36.46 10.72
CA ILE I 224 6.73 -37.16 11.30
C ILE I 224 6.18 -38.44 11.93
N VAL I 225 6.78 -39.58 11.64
CA VAL I 225 6.32 -40.83 12.23
C VAL I 225 6.45 -40.65 13.74
N SER I 226 5.31 -40.71 14.42
CA SER I 226 5.26 -40.50 15.86
C SER I 226 4.90 -41.74 16.67
N TRP I 227 3.69 -42.25 16.47
CA TRP I 227 3.26 -43.41 17.25
C TRP I 227 2.17 -44.25 16.63
N GLY I 228 1.85 -45.33 17.34
CA GLY I 228 0.82 -46.26 16.91
C GLY I 228 0.62 -47.34 17.95
N GLU I 229 -0.27 -48.28 17.67
CA GLU I 229 -0.53 -49.41 18.57
C GLU I 229 -0.34 -50.64 17.70
N GLY I 230 0.81 -51.28 17.89
CA GLY I 230 1.14 -52.42 17.07
C GLY I 230 1.60 -51.85 15.74
N CYS I 231 1.52 -52.64 14.68
CA CYS I 231 1.95 -52.20 13.36
C CYS I 231 1.15 -52.89 12.29
N ASP I 232 0.46 -52.09 11.49
CA ASP I 232 -0.36 -52.58 10.38
C ASP I 232 -1.51 -53.51 10.79
N ARG I 233 -2.15 -53.21 11.91
CA ARG I 233 -3.31 -53.99 12.38
C ARG I 233 -4.56 -53.46 11.70
N ASP I 234 -5.60 -54.30 11.64
CA ASP I 234 -6.87 -53.88 11.04
C ASP I 234 -7.59 -52.95 12.02
N GLY I 235 -8.05 -51.80 11.51
CA GLY I 235 -8.76 -50.86 12.35
C GLY I 235 -7.84 -49.91 13.09
N LYS I 236 -6.54 -50.07 12.89
CA LYS I 236 -5.55 -49.18 13.51
C LYS I 236 -4.90 -48.35 12.41
N TYR I 237 -4.36 -47.19 12.77
CA TYR I 237 -3.72 -46.31 11.80
C TYR I 237 -2.50 -45.69 12.46
N GLY I 238 -1.46 -45.50 11.67
CA GLY I 238 -0.24 -44.87 12.19
C GLY I 238 -0.52 -43.40 12.47
N PHE I 239 0.00 -42.90 13.58
CA PHE I 239 -0.19 -41.51 13.95
C PHE I 239 1.09 -40.71 13.69
N TYR I 240 0.90 -39.53 13.09
CA TYR I 240 2.00 -38.67 12.73
C TYR I 240 1.94 -37.28 13.37
N THR I 241 3.10 -36.72 13.62
CA THR I 241 3.19 -35.38 14.18
C THR I 241 2.89 -34.42 13.02
N HIS I 242 1.87 -33.58 13.22
CA HIS I 242 1.42 -32.60 12.23
C HIS I 242 2.46 -31.47 12.13
N VAL I 243 3.26 -31.50 11.08
CA VAL I 243 4.34 -30.53 10.88
C VAL I 243 3.92 -29.08 10.78
N PHE I 244 2.90 -28.79 9.97
CA PHE I 244 2.45 -27.42 9.82
C PHE I 244 1.98 -26.79 11.13
N ARG I 245 1.21 -27.55 11.92
CA ARG I 245 0.69 -27.08 13.20
C ARG I 245 1.81 -26.63 14.13
N LEU I 246 2.97 -27.24 14.01
CA LEU I 246 4.11 -26.90 14.86
C LEU I 246 5.16 -26.05 14.11
N LYS I 247 4.85 -25.64 12.88
CA LYS I 247 5.79 -24.86 12.06
C LYS I 247 6.27 -23.57 12.72
N LYS I 248 5.41 -22.94 13.51
CA LYS I 248 5.73 -21.70 14.22
C LYS I 248 6.94 -21.94 15.13
N TRP I 249 6.89 -23.04 15.88
CA TRP I 249 7.99 -23.41 16.77
C TRP I 249 9.26 -23.76 15.97
N ILE I 250 9.09 -24.46 14.84
CA ILE I 250 10.22 -24.82 13.99
C ILE I 250 10.92 -23.54 13.54
N GLN I 251 10.16 -22.58 13.01
CA GLN I 251 10.70 -21.31 12.54
C GLN I 251 11.30 -20.48 13.67
N LYS I 252 10.75 -20.62 14.88
CA LYS I 252 11.26 -19.89 16.04
C LYS I 252 12.67 -20.31 16.47
N VAL I 253 12.91 -21.61 16.64
CA VAL I 253 14.24 -22.07 17.06
C VAL I 253 15.29 -21.90 15.96
N ILE I 254 14.88 -22.04 14.71
CA ILE I 254 15.80 -21.88 13.59
C ILE I 254 16.22 -20.40 13.43
N ASP I 255 15.30 -19.47 13.67
CA ASP I 255 15.59 -18.04 13.58
C ASP I 255 16.41 -17.55 14.78
N GLN I 256 16.02 -18.00 15.97
CA GLN I 256 16.72 -17.61 17.19
C GLN I 256 18.12 -18.21 17.26
N PHE I 257 18.21 -19.52 17.05
CA PHE I 257 19.50 -20.20 17.10
C PHE I 257 20.24 -20.26 15.77
N GLY I 258 19.84 -19.40 14.85
CA GLY I 258 20.48 -19.31 13.55
C GLY I 258 20.31 -20.49 12.61
N GLU I 259 20.49 -20.20 11.33
CA GLU I 259 20.37 -21.21 10.28
C GLU I 259 21.75 -21.80 9.95
N ILE J 1 -28.21 -1.94 7.58
CA ILE J 1 -28.31 -2.73 6.32
C ILE J 1 -29.73 -2.70 5.76
N VAL J 2 -29.85 -2.24 4.51
CA VAL J 2 -31.14 -2.17 3.84
C VAL J 2 -31.32 -3.37 2.92
N GLU J 3 -32.51 -3.94 2.92
CA GLU J 3 -32.84 -5.10 2.09
C GLU J 3 -31.95 -6.32 2.33
N GLY J 4 -31.42 -6.44 3.53
CA GLY J 4 -30.58 -7.56 3.87
C GLY J 4 -31.42 -8.56 4.64
N SER J 5 -30.77 -9.52 5.29
CA SER J 5 -31.49 -10.51 6.05
C SER J 5 -30.75 -10.83 7.35
N ASP J 6 -31.41 -11.59 8.20
CA ASP J 6 -30.85 -11.99 9.48
C ASP J 6 -29.61 -12.85 9.26
N ALA J 7 -28.49 -12.43 9.85
CA ALA J 7 -27.27 -13.21 9.75
C ALA J 7 -27.45 -14.45 10.60
N GLU J 8 -26.84 -15.56 10.18
CA GLU J 8 -26.90 -16.80 10.95
C GLU J 8 -25.89 -16.71 12.09
N ILE J 9 -26.08 -17.53 13.12
CA ILE J 9 -25.17 -17.57 14.25
C ILE J 9 -23.78 -17.98 13.75
N GLY J 10 -22.76 -17.19 14.10
CA GLY J 10 -21.40 -17.48 13.69
C GLY J 10 -21.09 -17.29 12.21
N MET J 11 -21.93 -16.56 11.50
CA MET J 11 -21.73 -16.30 10.07
C MET J 11 -20.64 -15.25 9.79
N SER J 12 -20.40 -14.37 10.75
CA SER J 12 -19.39 -13.30 10.66
C SER J 12 -18.73 -13.20 12.04
N PRO J 13 -17.87 -14.18 12.40
CA PRO J 13 -17.19 -14.21 13.69
C PRO J 13 -16.23 -13.05 13.90
N TRP J 14 -15.96 -12.31 12.82
CA TRP J 14 -15.07 -11.17 12.85
C TRP J 14 -15.81 -9.86 13.07
N GLN J 15 -17.13 -9.89 12.98
CA GLN J 15 -17.96 -8.69 13.17
C GLN J 15 -17.82 -8.16 14.58
N VAL J 16 -17.39 -6.90 14.70
CA VAL J 16 -17.24 -6.26 16.00
C VAL J 16 -18.25 -5.11 16.13
N MET J 17 -18.77 -4.90 17.34
CA MET J 17 -19.67 -3.81 17.57
C MET J 17 -18.98 -2.76 18.44
N LEU J 18 -18.84 -1.54 17.93
CA LEU J 18 -18.26 -0.47 18.73
C LEU J 18 -19.45 0.11 19.49
N PHE J 19 -19.40 0.02 20.82
CA PHE J 19 -20.47 0.49 21.70
C PHE J 19 -20.10 1.69 22.55
N ARG J 20 -20.93 2.73 22.46
CA ARG J 20 -20.72 3.94 23.24
C ARG J 20 -21.24 3.75 24.68
N LYS J 21 -20.44 4.15 25.67
CA LYS J 21 -20.84 4.02 27.07
C LYS J 21 -21.89 5.03 27.53
N SER J 22 -21.81 6.24 27.01
CA SER J 22 -22.71 7.32 27.42
C SER J 22 -23.15 8.28 26.31
N PRO J 23 -24.41 8.16 25.84
CA PRO J 23 -25.39 7.18 26.29
C PRO J 23 -25.03 5.78 25.80
N GLN J 24 -25.69 4.76 26.31
CA GLN J 24 -25.44 3.37 25.91
C GLN J 24 -26.07 3.13 24.55
N GLU J 25 -25.26 3.05 23.51
CA GLU J 25 -25.79 2.86 22.16
C GLU J 25 -24.73 2.44 21.17
N LEU J 26 -25.19 1.85 20.07
CA LEU J 26 -24.32 1.42 18.99
C LEU J 26 -23.67 2.64 18.37
N LEU J 27 -22.36 2.60 18.24
CA LEU J 27 -21.62 3.67 17.61
C LEU J 27 -21.40 3.33 16.13
N CYS J 28 -20.79 2.18 15.89
CA CYS J 28 -20.45 1.73 14.55
C CYS J 28 -20.05 0.26 14.58
N GLY J 29 -19.81 -0.30 13.40
CA GLY J 29 -19.35 -1.67 13.31
C GLY J 29 -17.82 -1.63 13.27
N ALA J 30 -17.20 -2.80 13.14
CA ALA J 30 -15.75 -2.93 13.06
C ALA J 30 -15.44 -4.38 12.76
N SER J 31 -14.16 -4.73 12.62
CA SER J 31 -13.78 -6.10 12.34
C SER J 31 -12.59 -6.56 13.17
N LEU J 32 -12.53 -7.86 13.44
CA LEU J 32 -11.42 -8.45 14.18
C LEU J 32 -10.42 -8.98 13.16
N ILE J 33 -9.22 -8.39 13.13
CA ILE J 33 -8.20 -8.81 12.17
C ILE J 33 -7.05 -9.63 12.80
N SER J 34 -7.09 -9.82 14.12
CA SER J 34 -6.14 -10.61 14.89
C SER J 34 -6.71 -10.69 16.31
N ASP J 35 -5.98 -11.32 17.23
CA ASP J 35 -6.47 -11.43 18.60
C ASP J 35 -6.31 -10.13 19.41
N ARG J 36 -5.64 -9.15 18.82
CA ARG J 36 -5.44 -7.88 19.52
C ARG J 36 -5.72 -6.63 18.67
N TRP J 37 -6.05 -6.82 17.39
CA TRP J 37 -6.31 -5.67 16.52
C TRP J 37 -7.69 -5.66 15.90
N VAL J 38 -8.28 -4.47 15.89
CA VAL J 38 -9.61 -4.27 15.35
C VAL J 38 -9.56 -3.16 14.31
N LEU J 39 -10.25 -3.38 13.22
CA LEU J 39 -10.28 -2.40 12.14
C LEU J 39 -11.64 -1.71 12.05
N THR J 40 -11.65 -0.40 11.81
CA THR J 40 -12.91 0.31 11.66
C THR J 40 -12.75 1.53 10.77
N ALA J 41 -13.83 2.32 10.64
CA ALA J 41 -13.82 3.56 9.85
C ALA J 41 -13.41 4.73 10.75
N ALA J 42 -12.57 5.61 10.21
CA ALA J 42 -12.11 6.77 10.95
C ALA J 42 -13.22 7.77 11.28
N HIS J 43 -14.20 7.94 10.40
CA HIS J 43 -15.29 8.90 10.63
C HIS J 43 -16.22 8.56 11.80
N CYS J 44 -16.14 7.31 12.26
CA CYS J 44 -16.93 6.83 13.39
C CYS J 44 -16.36 7.38 14.69
N LEU J 45 -15.05 7.60 14.67
CA LEU J 45 -14.31 8.06 15.82
C LEU J 45 -13.96 9.54 15.77
N LEU J 46 -13.69 10.05 14.56
CA LEU J 46 -13.30 11.43 14.39
C LEU J 46 -13.93 12.17 13.22
N TYR J 47 -14.49 13.35 13.53
CA TYR J 47 -15.10 14.23 12.54
C TYR J 47 -15.23 15.62 13.18
N PRO J 48 -14.17 16.45 13.06
CA PRO J 48 -14.12 17.81 13.62
C PRO J 48 -15.32 18.73 13.40
N PRO J 49 -15.89 18.77 12.17
CA PRO J 49 -17.04 19.65 11.95
C PRO J 49 -18.15 19.46 12.97
N TRP J 50 -18.45 18.21 13.33
CA TRP J 50 -19.50 17.93 14.32
C TRP J 50 -18.91 17.77 15.72
N ASP J 51 -17.67 18.23 15.90
CA ASP J 51 -16.96 18.15 17.18
C ASP J 51 -16.94 16.74 17.74
N LYS J 52 -16.71 15.77 16.85
CA LYS J 52 -16.66 14.38 17.23
C LYS J 52 -15.24 13.82 17.34
N ASN J 53 -14.92 13.33 18.53
CA ASN J 53 -13.64 12.68 18.78
C ASN J 53 -13.79 11.76 19.98
N PHE J 54 -14.01 10.48 19.72
CA PHE J 54 -14.16 9.49 20.78
C PHE J 54 -12.80 8.95 21.18
N ILE J 55 -12.56 8.91 22.49
CA ILE J 55 -11.30 8.39 23.01
C ILE J 55 -11.51 6.96 23.47
N GLU J 56 -10.43 6.34 23.95
CA GLU J 56 -10.44 4.96 24.42
C GLU J 56 -11.52 4.66 25.44
N ASN J 57 -11.59 5.49 26.48
CA ASN J 57 -12.56 5.31 27.57
C ASN J 57 -14.03 5.60 27.24
N ASP J 58 -14.31 6.08 26.04
CA ASP J 58 -15.69 6.38 25.65
C ASP J 58 -16.41 5.18 25.07
N LEU J 59 -15.67 4.14 24.75
CA LEU J 59 -16.28 2.98 24.09
C LEU J 59 -15.93 1.62 24.65
N LEU J 60 -16.70 0.65 24.18
CA LEU J 60 -16.54 -0.76 24.52
C LEU J 60 -16.53 -1.51 23.19
N VAL J 61 -15.64 -2.49 23.06
CA VAL J 61 -15.56 -3.30 21.85
C VAL J 61 -16.25 -4.63 22.17
N ARG J 62 -17.35 -4.88 21.48
CA ARG J 62 -18.15 -6.08 21.71
C ARG J 62 -18.02 -7.07 20.53
N ILE J 63 -17.35 -8.18 20.83
CA ILE J 63 -17.06 -9.21 19.84
C ILE J 63 -17.88 -10.47 20.10
N GLY J 64 -18.24 -11.18 19.04
CA GLY J 64 -19.04 -12.38 19.18
C GLY J 64 -20.55 -12.16 19.27
N LYS J 65 -21.01 -10.96 18.90
CA LYS J 65 -22.44 -10.65 18.99
C LYS J 65 -23.32 -11.07 17.81
N HIS J 66 -24.59 -11.29 18.11
CA HIS J 66 -25.59 -11.65 17.10
C HIS J 66 -26.72 -10.63 17.24
N SER J 67 -27.36 -10.65 18.41
CA SER J 67 -28.44 -9.73 18.75
C SER J 67 -27.87 -8.32 18.90
N ARG J 68 -28.66 -7.32 18.51
CA ARG J 68 -28.26 -5.92 18.60
C ARG J 68 -28.35 -5.34 20.01
N THR J 69 -29.41 -5.72 20.73
CA THR J 69 -29.68 -5.20 22.06
C THR J 69 -29.32 -6.12 23.23
N ARG J 70 -29.46 -7.42 23.05
CA ARG J 70 -29.18 -8.36 24.12
C ARG J 70 -27.72 -8.44 24.51
N TYR J 71 -27.48 -8.56 25.82
CA TYR J 71 -26.12 -8.72 26.32
C TYR J 71 -25.97 -10.22 26.28
N GLU J 72 -25.25 -10.70 25.28
CA GLU J 72 -25.07 -12.13 25.11
C GLU J 72 -23.98 -12.68 26.02
N ARG J 73 -24.34 -12.81 27.29
CA ARG J 73 -23.46 -13.31 28.33
C ARG J 73 -22.83 -14.67 27.97
N ASN J 74 -21.53 -14.78 28.21
CA ASN J 74 -20.76 -16.01 27.93
C ASN J 74 -20.64 -16.36 26.43
N ILE J 75 -21.17 -15.50 25.56
CA ILE J 75 -21.05 -15.69 24.12
C ILE J 75 -20.23 -14.51 23.59
N GLU J 76 -20.73 -13.29 23.80
CA GLU J 76 -20.01 -12.11 23.37
C GLU J 76 -18.94 -11.79 24.41
N LYS J 77 -17.88 -11.11 23.98
CA LYS J 77 -16.79 -10.74 24.85
C LYS J 77 -16.47 -9.27 24.70
N ILE J 78 -16.30 -8.58 25.82
CA ILE J 78 -15.99 -7.16 25.82
C ILE J 78 -14.49 -6.97 25.97
N SER J 79 -13.91 -6.14 25.09
CA SER J 79 -12.48 -5.83 25.15
C SER J 79 -12.29 -4.33 25.33
N MET J 80 -11.35 -3.96 26.18
CA MET J 80 -11.05 -2.55 26.43
C MET J 80 -10.01 -2.05 25.42
N LEU J 81 -10.15 -0.80 25.01
CA LEU J 81 -9.24 -0.18 24.06
C LEU J 81 -7.96 0.33 24.68
N GLU J 82 -6.82 -0.15 24.19
CA GLU J 82 -5.55 0.33 24.68
C GLU J 82 -5.22 1.62 23.93
N LYS J 83 -5.33 1.58 22.61
CA LYS J 83 -5.03 2.74 21.79
C LYS J 83 -5.74 2.77 20.44
N ILE J 84 -6.19 3.95 20.05
CA ILE J 84 -6.85 4.17 18.76
C ILE J 84 -5.83 4.81 17.79
N TYR J 85 -5.73 4.26 16.58
CA TYR J 85 -4.81 4.78 15.56
C TYR J 85 -5.57 5.23 14.32
N ILE J 86 -5.79 6.52 14.20
CA ILE J 86 -6.50 7.06 13.04
C ILE J 86 -5.49 7.37 11.94
N HIS J 87 -5.86 7.08 10.69
CA HIS J 87 -4.97 7.34 9.58
C HIS J 87 -4.62 8.82 9.53
N PRO J 88 -3.32 9.14 9.62
CA PRO J 88 -2.81 10.52 9.60
C PRO J 88 -3.24 11.37 8.39
N ARG J 89 -3.61 10.73 7.29
CA ARG J 89 -4.05 11.45 6.11
C ARG J 89 -5.53 11.30 5.82
N TYR J 90 -6.30 10.95 6.85
CA TYR J 90 -7.75 10.80 6.75
C TYR J 90 -8.32 12.17 6.38
N ASN J 91 -8.90 12.24 5.19
CA ASN J 91 -9.45 13.47 4.63
C ASN J 91 -10.89 13.76 5.06
N TRP J 92 -11.06 14.20 6.30
CA TRP J 92 -12.40 14.52 6.81
C TRP J 92 -12.87 15.86 6.24
N ARG J 93 -11.91 16.61 5.70
CA ARG J 93 -12.15 17.93 5.13
C ARG J 93 -13.05 17.91 3.90
N GLU J 94 -12.93 16.86 3.09
CA GLU J 94 -13.75 16.77 1.89
C GLU J 94 -14.37 15.41 1.55
N ASN J 95 -13.52 14.50 1.07
CA ASN J 95 -13.91 13.17 0.60
C ASN J 95 -14.11 12.04 1.61
N LEU J 96 -13.51 12.17 2.80
CA LEU J 96 -13.57 11.10 3.80
C LEU J 96 -12.61 10.01 3.26
N ASP J 97 -11.66 10.47 2.44
CA ASP J 97 -10.64 9.62 1.81
C ASP J 97 -9.79 9.02 2.91
N ARG J 98 -9.42 7.75 2.74
CA ARG J 98 -8.63 7.02 3.74
C ARG J 98 -9.42 6.96 5.04
N ASP J 99 -10.68 6.57 4.93
CA ASP J 99 -11.60 6.44 6.06
C ASP J 99 -11.31 5.10 6.76
N ILE J 100 -10.26 5.11 7.58
CA ILE J 100 -9.82 3.90 8.25
C ILE J 100 -9.09 4.21 9.56
N ALA J 101 -9.29 3.33 10.54
CA ALA J 101 -8.68 3.45 11.86
C ALA J 101 -8.41 2.06 12.43
N LEU J 102 -7.38 1.95 13.26
CA LEU J 102 -7.03 0.69 13.90
C LEU J 102 -7.18 0.84 15.41
N MET J 103 -7.59 -0.23 16.07
CA MET J 103 -7.77 -0.18 17.52
C MET J 103 -7.03 -1.34 18.14
N LYS J 104 -6.12 -1.02 19.07
CA LYS J 104 -5.37 -2.05 19.76
C LYS J 104 -6.11 -2.36 21.07
N LEU J 105 -6.35 -3.64 21.30
CA LEU J 105 -7.04 -4.10 22.50
C LEU J 105 -6.02 -4.28 23.60
N LYS J 106 -6.40 -3.96 24.84
CA LYS J 106 -5.52 -4.09 26.00
C LYS J 106 -5.07 -5.54 26.21
N LYS J 107 -5.98 -6.47 25.93
CA LYS J 107 -5.71 -7.90 26.10
C LYS J 107 -6.17 -8.68 24.88
N PRO J 108 -5.54 -9.83 24.61
CA PRO J 108 -5.94 -10.64 23.45
C PRO J 108 -7.32 -11.29 23.62
N VAL J 109 -8.14 -11.28 22.58
CA VAL J 109 -9.45 -11.88 22.68
C VAL J 109 -9.38 -13.39 22.54
N ALA J 110 -10.25 -14.07 23.26
CA ALA J 110 -10.31 -15.52 23.21
C ALA J 110 -11.17 -15.90 22.01
N PHE J 111 -10.59 -16.68 21.09
CA PHE J 111 -11.31 -17.13 19.92
C PHE J 111 -12.31 -18.20 20.35
N SER J 112 -13.40 -18.32 19.61
CA SER J 112 -14.46 -19.28 19.92
C SER J 112 -15.27 -19.51 18.65
N ASP J 113 -16.41 -20.18 18.78
CA ASP J 113 -17.28 -20.42 17.62
C ASP J 113 -17.87 -19.13 17.08
N TYR J 114 -17.90 -18.10 17.93
CA TYR J 114 -18.47 -16.80 17.61
C TYR J 114 -17.42 -15.70 17.40
N ILE J 115 -16.19 -15.98 17.82
CA ILE J 115 -15.11 -15.01 17.68
C ILE J 115 -13.92 -15.60 16.93
N HIS J 116 -13.61 -14.98 15.79
CA HIS J 116 -12.50 -15.39 14.94
C HIS J 116 -12.22 -14.31 13.90
N PRO J 117 -10.93 -13.97 13.72
CA PRO J 117 -10.47 -12.94 12.77
C PRO J 117 -10.61 -13.26 11.29
N VAL J 118 -10.88 -12.23 10.52
CA VAL J 118 -11.04 -12.33 9.08
C VAL J 118 -9.64 -12.10 8.49
N CYS J 119 -9.43 -12.58 7.27
CA CYS J 119 -8.14 -12.37 6.61
C CYS J 119 -8.12 -11.02 5.90
N LEU J 120 -6.91 -10.47 5.75
CA LEU J 120 -6.74 -9.24 5.00
C LEU J 120 -6.16 -9.70 3.67
N PRO J 121 -6.65 -9.13 2.56
CA PRO J 121 -6.17 -9.52 1.23
C PRO J 121 -4.72 -9.14 0.96
N ASP J 122 -4.03 -10.01 0.22
CA ASP J 122 -2.65 -9.74 -0.21
C ASP J 122 -2.80 -9.20 -1.64
N ARG J 123 -1.68 -9.03 -2.36
CA ARG J 123 -1.74 -8.49 -3.73
C ARG J 123 -2.59 -9.28 -4.70
N GLU J 124 -2.39 -10.59 -4.73
CA GLU J 124 -3.11 -11.50 -5.62
C GLU J 124 -4.60 -11.65 -5.33
N THR J 125 -4.96 -11.73 -4.04
CA THR J 125 -6.36 -11.87 -3.64
C THR J 125 -7.13 -10.62 -4.07
N ALA J 126 -6.52 -9.46 -3.90
CA ALA J 126 -7.17 -8.20 -4.28
C ALA J 126 -7.37 -8.10 -5.79
N ALA J 127 -6.35 -8.46 -6.56
CA ALA J 127 -6.43 -8.40 -8.02
C ALA J 127 -7.48 -9.37 -8.55
N SER J 128 -7.50 -10.58 -7.99
CA SER J 128 -8.43 -11.60 -8.42
C SER J 128 -9.90 -11.36 -8.03
N LEU J 129 -10.12 -11.01 -6.76
CA LEU J 129 -11.46 -10.79 -6.22
C LEU J 129 -12.12 -9.43 -6.45
N LEU J 130 -11.35 -8.35 -6.40
CA LEU J 130 -11.90 -7.00 -6.59
C LEU J 130 -12.21 -6.67 -8.05
N GLN J 131 -13.28 -7.26 -8.56
CA GLN J 131 -13.68 -7.04 -9.94
C GLN J 131 -15.19 -6.83 -9.99
N ALA J 132 -15.63 -5.90 -10.84
CA ALA J 132 -17.04 -5.58 -11.01
C ALA J 132 -17.84 -6.85 -11.31
N GLY J 133 -19.03 -6.94 -10.73
CA GLY J 133 -19.87 -8.11 -10.94
C GLY J 133 -19.67 -9.12 -9.84
N TYR J 134 -18.46 -9.16 -9.29
CA TYR J 134 -18.13 -10.07 -8.19
C TYR J 134 -18.81 -9.53 -6.94
N LYS J 135 -19.53 -10.42 -6.27
CA LYS J 135 -20.25 -10.07 -5.06
C LYS J 135 -19.45 -10.24 -3.78
N GLY J 136 -19.66 -9.30 -2.88
CA GLY J 136 -19.04 -9.34 -1.58
C GLY J 136 -20.16 -9.39 -0.57
N ARG J 137 -19.83 -9.31 0.71
CA ARG J 137 -20.83 -9.38 1.77
C ARG J 137 -20.58 -8.31 2.84
N VAL J 138 -21.63 -7.57 3.17
CA VAL J 138 -21.56 -6.52 4.17
C VAL J 138 -22.51 -6.89 5.30
N THR J 139 -22.07 -6.65 6.54
CA THR J 139 -22.84 -6.98 7.73
C THR J 139 -22.87 -5.78 8.66
N GLY J 140 -23.92 -5.68 9.47
CA GLY J 140 -24.02 -4.56 10.39
C GLY J 140 -25.35 -4.50 11.11
N TRP J 141 -25.39 -3.67 12.15
CA TRP J 141 -26.58 -3.48 12.97
C TRP J 141 -27.19 -2.11 12.70
N GLY J 142 -26.80 -1.49 11.59
CA GLY J 142 -27.30 -0.17 11.25
C GLY J 142 -28.76 -0.05 10.84
N ASN J 143 -29.15 1.15 10.42
CA ASN J 143 -30.52 1.42 10.00
C ASN J 143 -31.03 0.50 8.89
N LEU J 144 -32.29 0.09 9.02
CA LEU J 144 -32.93 -0.78 8.04
C LEU J 144 -33.41 0.02 6.83
N LYS J 145 -33.44 1.33 6.98
CA LYS J 145 -33.87 2.22 5.92
C LYS J 145 -33.26 3.60 6.13
N GLU J 146 -33.21 4.37 5.06
CA GLU J 146 -32.66 5.71 5.11
C GLU J 146 -33.52 6.56 6.05
N THR J 147 -34.83 6.39 5.95
CA THR J 147 -35.82 7.10 6.76
C THR J 147 -35.43 8.50 7.29
N TRP J 148 -35.37 8.65 8.61
CA TRP J 148 -35.08 9.92 9.29
C TRP J 148 -35.83 11.15 8.77
N THR J 149 -37.07 10.92 8.35
CA THR J 149 -37.96 11.97 7.83
C THR J 149 -39.38 11.44 7.84
N ALA J 150 -39.56 10.25 7.27
CA ALA J 150 -40.84 9.56 7.17
C ALA J 150 -40.62 8.38 6.25
N ASN J 151 -40.83 7.17 6.76
CA ASN J 151 -40.64 5.95 5.98
C ASN J 151 -41.10 4.74 6.79
N VAL J 152 -41.82 3.84 6.13
CA VAL J 152 -42.33 2.63 6.79
C VAL J 152 -41.22 1.59 6.94
N GLY J 153 -40.80 1.36 8.18
CA GLY J 153 -39.75 0.39 8.45
C GLY J 153 -39.56 0.13 9.93
N LYS J 154 -38.76 -0.89 10.25
CA LYS J 154 -38.50 -1.25 11.65
C LYS J 154 -37.40 -0.39 12.30
N GLY J 155 -36.80 0.49 11.50
CA GLY J 155 -35.75 1.37 12.01
C GLY J 155 -34.47 0.60 12.25
N GLN J 156 -34.34 0.00 13.43
CA GLN J 156 -33.16 -0.78 13.78
C GLN J 156 -33.48 -2.27 13.85
N PRO J 157 -32.56 -3.13 13.37
CA PRO J 157 -32.79 -4.57 13.40
C PRO J 157 -32.67 -5.16 14.80
N SER J 158 -33.29 -6.31 15.03
CA SER J 158 -33.18 -6.95 16.32
C SER J 158 -31.94 -7.85 16.35
N VAL J 159 -31.46 -8.18 15.15
CA VAL J 159 -30.30 -9.05 14.99
C VAL J 159 -29.37 -8.58 13.85
N LEU J 160 -28.09 -8.99 13.89
CA LEU J 160 -27.12 -8.61 12.88
C LEU J 160 -27.65 -8.88 11.46
N GLN J 161 -27.56 -7.87 10.60
CA GLN J 161 -28.03 -7.99 9.22
C GLN J 161 -26.91 -8.28 8.23
N VAL J 162 -27.28 -8.93 7.13
CA VAL J 162 -26.33 -9.30 6.09
C VAL J 162 -26.89 -9.09 4.69
N VAL J 163 -26.05 -8.59 3.80
CA VAL J 163 -26.44 -8.41 2.42
C VAL J 163 -25.28 -8.72 1.46
N ASN J 164 -25.60 -9.38 0.34
CA ASN J 164 -24.60 -9.70 -0.68
C ASN J 164 -24.72 -8.64 -1.78
N LEU J 165 -23.62 -7.95 -2.06
CA LEU J 165 -23.61 -6.88 -3.04
C LEU J 165 -22.45 -6.94 -4.03
N PRO J 166 -22.75 -6.81 -5.34
CA PRO J 166 -21.72 -6.85 -6.38
C PRO J 166 -20.91 -5.57 -6.49
N ILE J 167 -19.63 -5.73 -6.79
CA ILE J 167 -18.73 -4.59 -6.98
C ILE J 167 -19.15 -3.95 -8.31
N VAL J 168 -19.14 -2.63 -8.33
CA VAL J 168 -19.53 -1.86 -9.51
C VAL J 168 -18.30 -1.26 -10.16
N GLU J 169 -18.28 -1.25 -11.49
CA GLU J 169 -17.14 -0.68 -12.22
C GLU J 169 -16.91 0.78 -11.85
N ARG J 170 -15.64 1.15 -11.73
CA ARG J 170 -15.24 2.50 -11.34
C ARG J 170 -15.91 3.67 -12.04
N PRO J 171 -16.03 3.62 -13.39
CA PRO J 171 -16.68 4.75 -14.05
C PRO J 171 -18.15 4.92 -13.68
N VAL J 172 -18.85 3.81 -13.44
CA VAL J 172 -20.26 3.88 -13.02
C VAL J 172 -20.36 4.43 -11.58
N CYS J 173 -19.36 4.15 -10.76
CA CYS J 173 -19.30 4.64 -9.38
C CYS J 173 -19.07 6.14 -9.45
N LYS J 174 -18.14 6.53 -10.34
CA LYS J 174 -17.77 7.92 -10.54
C LYS J 174 -18.93 8.80 -11.01
N ASP J 175 -19.72 8.28 -11.95
CA ASP J 175 -20.85 9.01 -12.51
C ASP J 175 -22.10 9.02 -11.63
N SER J 176 -22.10 8.23 -10.57
CA SER J 176 -23.26 8.17 -9.66
C SER J 176 -23.30 9.32 -8.66
N THR J 177 -22.17 10.02 -8.49
CA THR J 177 -22.09 11.08 -7.49
C THR J 177 -21.25 12.25 -7.98
N ARG J 178 -21.38 13.39 -7.29
CA ARG J 178 -20.60 14.58 -7.63
C ARG J 178 -19.37 14.65 -6.74
N ILE J 179 -19.37 13.80 -5.72
CA ILE J 179 -18.26 13.73 -4.76
C ILE J 179 -17.09 13.05 -5.46
N ARG J 180 -15.88 13.54 -5.23
CA ARG J 180 -14.70 12.96 -5.85
C ARG J 180 -14.39 11.57 -5.26
N ILE J 181 -14.16 10.62 -6.15
CA ILE J 181 -13.84 9.25 -5.76
C ILE J 181 -12.34 9.05 -5.91
N THR J 182 -11.72 8.45 -4.90
CA THR J 182 -10.28 8.17 -4.95
C THR J 182 -10.05 6.67 -5.11
N ASP J 183 -8.80 6.30 -5.36
CA ASP J 183 -8.44 4.90 -5.51
C ASP J 183 -8.48 4.16 -4.18
N ASN J 184 -8.65 4.91 -3.09
CA ASN J 184 -8.75 4.34 -1.75
C ASN J 184 -10.18 3.96 -1.44
N MET J 185 -11.04 3.98 -2.47
CA MET J 185 -12.44 3.62 -2.32
C MET J 185 -12.89 2.80 -3.51
N PHE J 186 -14.00 2.10 -3.30
CA PHE J 186 -14.64 1.33 -4.35
C PHE J 186 -16.12 1.36 -4.00
N CYS J 187 -16.99 1.09 -4.96
CA CYS J 187 -18.40 1.12 -4.65
C CYS J 187 -19.06 -0.20 -4.98
N ALA J 188 -20.11 -0.53 -4.23
CA ALA J 188 -20.83 -1.78 -4.43
C ALA J 188 -22.33 -1.58 -4.37
N GLY J 189 -23.07 -2.54 -4.91
CA GLY J 189 -24.51 -2.44 -4.93
C GLY J 189 -25.08 -2.77 -6.30
N TYR J 190 -26.36 -3.11 -6.36
CA TYR J 190 -27.00 -3.43 -7.62
C TYR J 190 -27.39 -2.19 -8.42
N LYS J 191 -27.49 -2.37 -9.73
CA LYS J 191 -27.88 -1.29 -10.63
C LYS J 191 -29.41 -1.35 -10.74
N PRO J 192 -30.04 -0.24 -11.17
CA PRO J 192 -31.50 -0.20 -11.30
C PRO J 192 -32.11 -1.32 -12.14
N ASP J 193 -31.46 -1.70 -13.22
CA ASP J 193 -31.97 -2.76 -14.09
C ASP J 193 -31.79 -4.18 -13.55
N GLU J 194 -31.09 -4.33 -12.43
CA GLU J 194 -30.89 -5.65 -11.85
C GLU J 194 -32.07 -6.06 -10.96
N GLY J 195 -32.85 -5.07 -10.55
CA GLY J 195 -34.02 -5.34 -9.73
C GLY J 195 -33.74 -5.64 -8.28
N LYS J 196 -32.76 -6.50 -8.02
CA LYS J 196 -32.37 -6.84 -6.66
C LYS J 196 -31.79 -5.59 -6.03
N ARG J 197 -31.95 -5.45 -4.72
CA ARG J 197 -31.40 -4.29 -4.04
C ARG J 197 -30.67 -4.58 -2.74
N GLY J 198 -30.34 -3.53 -2.00
CA GLY J 198 -29.61 -3.68 -0.76
C GLY J 198 -28.51 -2.65 -0.69
N ASP J 199 -28.08 -2.36 0.55
CA ASP J 199 -27.05 -1.36 0.77
C ASP J 199 -26.78 -1.26 2.26
N ALA J 200 -25.66 -0.62 2.60
CA ALA J 200 -25.30 -0.37 3.98
C ALA J 200 -25.99 0.96 4.33
N CYS J 201 -26.01 1.33 5.60
CA CYS J 201 -26.64 2.58 6.00
C CYS J 201 -26.05 3.06 7.33
N GLU J 202 -26.63 4.13 7.88
CA GLU J 202 -26.19 4.72 9.14
C GLU J 202 -26.05 3.67 10.24
N GLY J 203 -24.87 3.64 10.88
CA GLY J 203 -24.61 2.68 11.92
C GLY J 203 -23.82 1.47 11.45
N ASP J 204 -23.71 1.30 10.13
CA ASP J 204 -22.98 0.17 9.54
C ASP J 204 -21.49 0.44 9.32
N SER J 205 -21.14 1.72 9.35
CA SER J 205 -19.77 2.14 9.13
C SER J 205 -18.79 1.33 9.99
N GLY J 206 -17.62 1.06 9.44
CA GLY J 206 -16.62 0.28 10.14
C GLY J 206 -16.83 -1.20 9.88
N GLY J 207 -18.06 -1.54 9.48
CA GLY J 207 -18.39 -2.91 9.18
C GLY J 207 -17.59 -3.38 7.98
N PRO J 208 -17.29 -4.68 7.91
CA PRO J 208 -16.53 -5.24 6.79
C PRO J 208 -17.29 -5.67 5.55
N PHE J 209 -16.64 -5.49 4.39
CA PHE J 209 -17.17 -5.91 3.10
C PHE J 209 -16.26 -7.11 2.83
N VAL J 210 -16.79 -8.31 3.00
CA VAL J 210 -15.98 -9.51 2.82
C VAL J 210 -16.28 -10.32 1.57
N MET J 211 -15.30 -11.13 1.17
CA MET J 211 -15.41 -11.99 -0.01
C MET J 211 -14.79 -13.34 0.30
N LYS J 212 -15.48 -14.42 -0.07
CA LYS J 212 -14.95 -15.75 0.16
C LYS J 212 -14.14 -16.21 -1.05
N SER J 213 -12.85 -16.46 -0.82
CA SER J 213 -11.96 -16.91 -1.88
C SER J 213 -12.33 -18.29 -2.41
N PRO J 214 -12.54 -18.40 -3.73
CA PRO J 214 -12.89 -19.68 -4.34
C PRO J 214 -11.65 -20.57 -4.42
N PHE J 215 -10.49 -20.00 -4.10
CA PHE J 215 -9.22 -20.72 -4.13
C PHE J 215 -8.94 -21.46 -2.83
N ASN J 216 -8.95 -20.74 -1.70
CA ASN J 216 -8.68 -21.37 -0.41
C ASN J 216 -9.85 -21.39 0.57
N ASN J 217 -11.02 -20.98 0.12
CA ASN J 217 -12.23 -20.94 0.95
C ASN J 217 -12.21 -20.02 2.18
N ARG J 218 -11.24 -19.12 2.27
CA ARG J 218 -11.15 -18.19 3.38
C ARG J 218 -11.85 -16.88 3.05
N TRP J 219 -12.33 -16.19 4.08
CA TRP J 219 -12.99 -14.89 3.89
C TRP J 219 -11.96 -13.78 4.03
N TYR J 220 -12.01 -12.81 3.13
CA TYR J 220 -11.08 -11.68 3.13
C TYR J 220 -11.85 -10.38 3.21
N GLN J 221 -11.40 -9.46 4.06
CA GLN J 221 -12.05 -8.16 4.15
C GLN J 221 -11.47 -7.24 3.08
N MET J 222 -12.23 -7.01 2.01
CA MET J 222 -11.80 -6.17 0.91
C MET J 222 -12.12 -4.69 1.12
N GLY J 223 -13.13 -4.41 1.95
CA GLY J 223 -13.50 -3.04 2.21
C GLY J 223 -14.08 -2.79 3.59
N ILE J 224 -14.24 -1.50 3.91
CA ILE J 224 -14.81 -1.04 5.17
C ILE J 224 -15.99 -0.14 4.81
N VAL J 225 -17.13 -0.31 5.47
CA VAL J 225 -18.28 0.55 5.17
C VAL J 225 -17.85 1.97 5.51
N SER J 226 -17.81 2.81 4.48
CA SER J 226 -17.37 4.19 4.64
C SER J 226 -18.42 5.27 4.47
N TRP J 227 -19.03 5.36 3.28
CA TRP J 227 -20.01 6.41 3.04
C TRP J 227 -20.98 6.18 1.90
N GLY J 228 -21.94 7.10 1.81
CA GLY J 228 -22.95 7.03 0.78
C GLY J 228 -23.82 8.28 0.78
N GLU J 229 -24.85 8.30 -0.07
CA GLU J 229 -25.77 9.44 -0.14
C GLU J 229 -27.13 8.79 -0.05
N GLY J 230 -27.74 8.93 1.13
CA GLY J 230 -29.00 8.28 1.37
C GLY J 230 -28.68 6.80 1.57
N CYS J 231 -29.67 5.93 1.36
CA CYS J 231 -29.45 4.50 1.55
C CYS J 231 -30.34 3.71 0.60
N ASP J 232 -29.69 2.87 -0.20
CA ASP J 232 -30.38 2.03 -1.16
C ASP J 232 -31.22 2.78 -2.20
N ARG J 233 -30.72 3.93 -2.66
CA ARG J 233 -31.42 4.72 -3.69
C ARG J 233 -31.03 4.21 -5.06
N ASP J 234 -31.88 4.47 -6.06
CA ASP J 234 -31.58 4.05 -7.42
C ASP J 234 -30.49 4.95 -7.99
N GLY J 235 -29.50 4.34 -8.65
CA GLY J 235 -28.41 5.10 -9.23
C GLY J 235 -27.34 5.48 -8.23
N LYS J 236 -27.52 5.05 -6.98
CA LYS J 236 -26.54 5.31 -5.92
C LYS J 236 -25.93 3.99 -5.48
N TYR J 237 -24.67 4.05 -5.04
CA TYR J 237 -23.95 2.87 -4.58
C TYR J 237 -23.22 3.17 -3.28
N GLY J 238 -23.11 2.18 -2.41
CA GLY J 238 -22.41 2.37 -1.16
C GLY J 238 -20.92 2.42 -1.45
N PHE J 239 -20.21 3.29 -0.76
CA PHE J 239 -18.78 3.40 -0.96
C PHE J 239 -18.03 2.81 0.23
N TYR J 240 -16.94 2.11 -0.10
CA TYR J 240 -16.13 1.40 0.89
C TYR J 240 -14.65 1.77 0.87
N THR J 241 -14.05 1.76 2.03
CA THR J 241 -12.62 2.04 2.14
C THR J 241 -11.93 0.79 1.60
N HIS J 242 -11.08 1.02 0.60
CA HIS J 242 -10.32 -0.05 -0.06
C HIS J 242 -9.21 -0.54 0.87
N VAL J 243 -9.42 -1.71 1.46
CA VAL J 243 -8.47 -2.27 2.43
C VAL J 243 -7.07 -2.55 1.88
N PHE J 244 -6.98 -3.20 0.73
CA PHE J 244 -5.67 -3.51 0.19
C PHE J 244 -4.81 -2.26 -0.09
N ARG J 245 -5.45 -1.22 -0.63
CA ARG J 245 -4.76 0.02 -0.93
C ARG J 245 -4.11 0.65 0.29
N LEU J 246 -4.70 0.45 1.46
CA LEU J 246 -4.16 1.01 2.71
C LEU J 246 -3.49 -0.05 3.57
N LYS J 247 -3.28 -1.24 3.04
CA LYS J 247 -2.66 -2.32 3.80
C LYS J 247 -1.25 -2.04 4.29
N LYS J 248 -0.54 -1.16 3.60
CA LYS J 248 0.83 -0.79 3.97
C LYS J 248 0.82 -0.06 5.31
N TRP J 249 -0.13 0.86 5.47
CA TRP J 249 -0.28 1.62 6.70
C TRP J 249 -0.76 0.69 7.83
N ILE J 250 -1.66 -0.25 7.50
CA ILE J 250 -2.16 -1.21 8.49
C ILE J 250 -0.96 -2.00 9.05
N GLN J 251 -0.16 -2.58 8.16
CA GLN J 251 1.03 -3.34 8.56
C GLN J 251 2.06 -2.48 9.28
N LYS J 252 2.11 -1.19 8.95
CA LYS J 252 3.08 -0.28 9.58
C LYS J 252 2.78 -0.02 11.07
N VAL J 253 1.55 0.34 11.39
CA VAL J 253 1.22 0.60 12.79
C VAL J 253 1.21 -0.66 13.65
N ILE J 254 0.81 -1.79 13.06
CA ILE J 254 0.78 -3.05 13.78
C ILE J 254 2.20 -3.53 14.13
N ASP J 255 3.13 -3.34 13.20
CA ASP J 255 4.52 -3.74 13.42
C ASP J 255 5.22 -2.81 14.42
N GLN J 256 5.01 -1.51 14.25
CA GLN J 256 5.62 -0.52 15.12
C GLN J 256 5.08 -0.59 16.55
N PHE J 257 3.75 -0.60 16.66
CA PHE J 257 3.10 -0.63 17.96
C PHE J 257 2.77 -2.00 18.56
N GLY J 258 3.48 -3.03 18.10
CA GLY J 258 3.27 -4.36 18.64
C GLY J 258 2.07 -5.11 18.12
N GLU J 259 2.29 -6.36 17.77
CA GLU J 259 1.25 -7.23 17.24
C GLU J 259 0.48 -7.90 18.38
N ILE K 1 18.39 -5.00 -31.49
CA ILE K 1 17.40 -6.09 -31.73
C ILE K 1 17.30 -6.41 -33.22
N VAL K 2 17.56 -7.67 -33.56
CA VAL K 2 17.48 -8.13 -34.95
C VAL K 2 16.13 -8.81 -35.19
N GLU K 3 15.51 -8.48 -36.33
CA GLU K 3 14.23 -9.05 -36.71
C GLU K 3 13.08 -8.72 -35.75
N GLY K 4 13.23 -7.59 -35.05
CA GLY K 4 12.19 -7.18 -34.14
C GLY K 4 11.31 -6.17 -34.83
N SER K 5 10.46 -5.50 -34.05
CA SER K 5 9.58 -4.49 -34.60
C SER K 5 9.57 -3.29 -33.66
N ASP K 6 8.92 -2.22 -34.10
CA ASP K 6 8.81 -0.99 -33.33
C ASP K 6 7.93 -1.21 -32.10
N ALA K 7 8.48 -0.90 -30.93
CA ALA K 7 7.72 -1.04 -29.71
C ALA K 7 6.63 0.03 -29.72
N GLU K 8 5.49 -0.26 -29.08
CA GLU K 8 4.42 0.71 -28.99
C GLU K 8 4.76 1.62 -27.82
N ILE K 9 4.14 2.80 -27.76
CA ILE K 9 4.36 3.74 -26.65
C ILE K 9 3.84 3.04 -25.38
N GLY K 10 4.64 3.07 -24.32
CA GLY K 10 4.24 2.45 -23.07
C GLY K 10 4.23 0.94 -23.01
N MET K 11 4.79 0.29 -24.03
CA MET K 11 4.85 -1.17 -24.08
C MET K 11 5.84 -1.81 -23.07
N SER K 12 6.91 -1.08 -22.75
CA SER K 12 7.93 -1.54 -21.79
C SER K 12 8.33 -0.35 -20.93
N PRO K 13 7.46 0.04 -19.97
CA PRO K 13 7.66 1.17 -19.07
C PRO K 13 8.86 1.02 -18.15
N TRP K 14 9.39 -0.20 -18.07
CA TRP K 14 10.53 -0.52 -17.23
C TRP K 14 11.86 -0.42 -17.97
N GLN K 15 11.80 -0.29 -19.28
CA GLN K 15 12.99 -0.19 -20.13
C GLN K 15 13.79 1.06 -19.83
N VAL K 16 15.06 0.88 -19.46
CA VAL K 16 15.94 1.99 -19.15
C VAL K 16 17.06 2.10 -20.18
N MET K 17 17.51 3.32 -20.45
CA MET K 17 18.61 3.54 -21.37
C MET K 17 19.81 4.09 -20.61
N LEU K 18 20.91 3.35 -20.60
CA LEU K 18 22.12 3.84 -19.94
C LEU K 18 22.80 4.66 -21.02
N PHE K 19 23.02 5.95 -20.72
CA PHE K 19 23.61 6.88 -21.68
C PHE K 19 24.95 7.44 -21.26
N ARG K 20 25.95 7.21 -22.10
CA ARG K 20 27.31 7.71 -21.84
C ARG K 20 27.33 9.21 -22.12
N LYS K 21 27.95 9.98 -21.22
CA LYS K 21 28.02 11.44 -21.35
C LYS K 21 29.05 11.91 -22.36
N SER K 22 30.20 11.24 -22.40
CA SER K 22 31.29 11.61 -23.27
C SER K 22 32.02 10.43 -23.91
N PRO K 23 31.78 10.18 -25.21
CA PRO K 23 30.89 10.93 -26.11
C PRO K 23 29.43 10.63 -25.77
N GLN K 24 28.52 11.46 -26.29
CA GLN K 24 27.08 11.30 -26.04
C GLN K 24 26.57 10.12 -26.86
N GLU K 25 26.37 8.98 -26.22
CA GLU K 25 25.91 7.81 -26.95
C GLU K 25 25.32 6.74 -26.04
N LEU K 26 24.52 5.88 -26.64
CA LEU K 26 23.90 4.76 -25.95
C LEU K 26 25.02 3.84 -25.47
N LEU K 27 24.93 3.44 -24.20
CA LEU K 27 25.91 2.51 -23.64
C LEU K 27 25.28 1.11 -23.61
N CYS K 28 24.09 1.00 -23.02
CA CYS K 28 23.41 -0.28 -22.87
C CYS K 28 21.97 -0.07 -22.43
N GLY K 29 21.22 -1.15 -22.35
CA GLY K 29 19.86 -1.09 -21.85
C GLY K 29 19.92 -1.41 -20.35
N ALA K 30 18.78 -1.37 -19.71
CA ALA K 30 18.67 -1.68 -18.27
C ALA K 30 17.20 -1.80 -17.96
N SER K 31 16.88 -2.03 -16.69
CA SER K 31 15.50 -2.14 -16.26
C SER K 31 15.22 -1.49 -14.92
N LEU K 32 14.01 -0.96 -14.78
CA LEU K 32 13.54 -0.32 -13.56
C LEU K 32 12.87 -1.42 -12.73
N ILE K 33 13.43 -1.74 -11.56
CA ILE K 33 12.85 -2.77 -10.68
C ILE K 33 12.22 -2.22 -9.41
N SER K 34 12.33 -0.91 -9.19
CA SER K 34 11.72 -0.20 -8.06
C SER K 34 11.89 1.27 -8.37
N ASP K 35 11.40 2.15 -7.50
CA ASP K 35 11.51 3.57 -7.76
C ASP K 35 12.93 4.11 -7.59
N ARG K 36 13.82 3.28 -7.07
CA ARG K 36 15.21 3.71 -6.84
C ARG K 36 16.31 2.74 -7.31
N TRP K 37 15.90 1.58 -7.83
CA TRP K 37 16.86 0.59 -8.30
C TRP K 37 16.71 0.23 -9.76
N VAL K 38 17.85 0.12 -10.43
CA VAL K 38 17.91 -0.21 -11.84
C VAL K 38 18.81 -1.44 -11.98
N LEU K 39 18.39 -2.38 -12.80
CA LEU K 39 19.16 -3.60 -13.01
C LEU K 39 19.80 -3.56 -14.40
N THR K 40 21.02 -4.05 -14.53
CA THR K 40 21.70 -4.10 -15.83
C THR K 40 22.72 -5.24 -15.87
N ALA K 41 23.48 -5.30 -16.96
CA ALA K 41 24.51 -6.31 -17.14
C ALA K 41 25.82 -5.71 -16.68
N ALA K 42 26.64 -6.53 -16.02
CA ALA K 42 27.93 -6.11 -15.50
C ALA K 42 28.95 -5.76 -16.58
N HIS K 43 28.95 -6.48 -17.70
CA HIS K 43 29.92 -6.21 -18.78
C HIS K 43 29.73 -4.87 -19.47
N CYS K 44 28.59 -4.22 -19.24
CA CYS K 44 28.29 -2.91 -19.80
C CYS K 44 29.10 -1.85 -19.05
N LEU K 45 29.35 -2.14 -17.78
CA LEU K 45 30.04 -1.22 -16.88
C LEU K 45 31.47 -1.62 -16.58
N LEU K 46 31.76 -2.92 -16.63
CA LEU K 46 33.10 -3.41 -16.30
C LEU K 46 33.62 -4.55 -17.15
N TYR K 47 34.78 -4.32 -17.75
CA TYR K 47 35.45 -5.32 -18.56
C TYR K 47 36.93 -4.94 -18.67
N PRO K 48 37.75 -5.39 -17.71
CA PRO K 48 39.19 -5.13 -17.61
C PRO K 48 40.03 -5.34 -18.87
N PRO K 49 39.80 -6.43 -19.62
CA PRO K 49 40.61 -6.63 -20.83
C PRO K 49 40.61 -5.41 -21.75
N TRP K 50 39.46 -4.76 -21.89
CA TRP K 50 39.37 -3.57 -22.74
C TRP K 50 39.50 -2.31 -21.89
N ASP K 51 39.99 -2.47 -20.66
CA ASP K 51 40.16 -1.36 -19.72
C ASP K 51 38.88 -0.55 -19.56
N LYS K 52 37.77 -1.27 -19.40
CA LYS K 52 36.47 -0.65 -19.25
C LYS K 52 35.97 -0.66 -17.81
N ASN K 53 35.75 0.53 -17.26
CA ASN K 53 35.20 0.70 -15.93
C ASN K 53 34.49 2.03 -15.85
N PHE K 54 33.19 2.01 -16.08
CA PHE K 54 32.38 3.21 -16.00
C PHE K 54 31.97 3.48 -14.56
N ILE K 55 32.10 4.73 -14.15
CA ILE K 55 31.73 5.14 -12.80
C ILE K 55 30.39 5.86 -12.89
N GLU K 56 29.87 6.25 -11.73
CA GLU K 56 28.59 6.94 -11.60
C GLU K 56 28.48 8.20 -12.47
N ASN K 57 29.53 9.01 -12.47
CA ASN K 57 29.55 10.27 -13.21
C ASN K 57 29.75 10.21 -14.73
N ASP K 58 29.90 9.02 -15.27
CA ASP K 58 30.09 8.85 -16.71
C ASP K 58 28.79 8.65 -17.45
N LEU K 59 27.74 8.30 -16.73
CA LEU K 59 26.48 8.01 -17.39
C LEU K 59 25.27 8.76 -16.88
N LEU K 60 24.22 8.63 -17.66
CA LEU K 60 22.91 9.19 -17.36
C LEU K 60 21.92 8.02 -17.50
N VAL K 61 20.98 7.95 -16.58
CA VAL K 61 19.95 6.92 -16.62
C VAL K 61 18.70 7.60 -17.21
N ARG K 62 18.28 7.13 -18.37
CA ARG K 62 17.13 7.70 -19.08
C ARG K 62 15.95 6.72 -19.07
N ILE K 63 14.90 7.08 -18.33
CA ILE K 63 13.73 6.22 -18.19
C ILE K 63 12.53 6.84 -18.89
N GLY K 64 11.64 5.98 -19.42
CA GLY K 64 10.47 6.47 -20.12
C GLY K 64 10.71 6.78 -21.60
N LYS K 65 11.84 6.34 -22.15
CA LYS K 65 12.17 6.61 -23.54
C LYS K 65 11.53 5.66 -24.55
N HIS K 66 11.32 6.19 -25.76
CA HIS K 66 10.76 5.43 -26.88
C HIS K 66 11.75 5.60 -28.03
N SER K 67 11.91 6.83 -28.49
CA SER K 67 12.84 7.16 -29.56
C SER K 67 14.27 6.95 -29.05
N ARG K 68 15.14 6.46 -29.92
CA ARG K 68 16.53 6.23 -29.55
C ARG K 68 17.33 7.52 -29.45
N THR K 69 17.06 8.44 -30.39
CA THR K 69 17.80 9.69 -30.46
C THR K 69 17.18 10.95 -29.85
N ARG K 70 15.86 11.08 -29.94
CA ARG K 70 15.21 12.27 -29.42
C ARG K 70 15.20 12.43 -27.92
N TYR K 71 15.36 13.68 -27.48
CA TYR K 71 15.29 13.99 -26.05
C TYR K 71 13.81 14.20 -25.84
N GLU K 72 13.15 13.18 -25.31
CA GLU K 72 11.72 13.22 -25.08
C GLU K 72 11.34 14.01 -23.84
N ARG K 73 11.45 15.33 -23.98
CA ARG K 73 11.14 16.29 -22.91
C ARG K 73 9.75 16.06 -22.29
N ASN K 74 9.70 16.02 -20.96
CA ASN K 74 8.48 15.79 -20.19
C ASN K 74 7.86 14.38 -20.31
N ILE K 75 8.54 13.50 -21.06
CA ILE K 75 8.09 12.12 -21.18
C ILE K 75 9.17 11.27 -20.51
N GLU K 76 10.41 11.39 -21.00
CA GLU K 76 11.50 10.65 -20.41
C GLU K 76 12.01 11.40 -19.18
N LYS K 77 12.72 10.69 -18.30
CA LYS K 77 13.25 11.29 -17.09
C LYS K 77 14.67 10.85 -16.86
N ILE K 78 15.52 11.80 -16.45
CA ILE K 78 16.91 11.52 -16.21
C ILE K 78 17.14 11.37 -14.71
N SER K 79 17.79 10.27 -14.33
CA SER K 79 18.09 10.01 -12.93
C SER K 79 19.60 9.91 -12.76
N MET K 80 20.13 10.52 -11.69
CA MET K 80 21.56 10.47 -11.42
C MET K 80 21.86 9.20 -10.63
N LEU K 81 23.06 8.64 -10.87
CA LEU K 81 23.49 7.42 -10.20
C LEU K 81 24.14 7.70 -8.85
N GLU K 82 23.60 7.09 -7.79
CA GLU K 82 24.16 7.25 -6.46
C GLU K 82 25.29 6.22 -6.30
N LYS K 83 25.05 4.99 -6.69
CA LYS K 83 26.05 3.94 -6.57
C LYS K 83 25.83 2.74 -7.51
N ILE K 84 26.93 2.26 -8.08
CA ILE K 84 26.90 1.08 -8.96
C ILE K 84 27.37 -0.14 -8.14
N TYR K 85 26.62 -1.22 -8.22
CA TYR K 85 26.96 -2.45 -7.49
C TYR K 85 27.13 -3.62 -8.45
N ILE K 86 28.37 -3.95 -8.76
CA ILE K 86 28.64 -5.05 -9.68
C ILE K 86 28.79 -6.34 -8.90
N HIS K 87 28.26 -7.44 -9.45
CA HIS K 87 28.32 -8.72 -8.77
C HIS K 87 29.78 -9.06 -8.48
N PRO K 88 30.11 -9.30 -7.18
CA PRO K 88 31.47 -9.62 -6.77
C PRO K 88 32.08 -10.83 -7.49
N ARG K 89 31.25 -11.79 -7.86
CA ARG K 89 31.74 -12.99 -8.54
C ARG K 89 31.46 -13.00 -10.04
N TYR K 90 31.43 -11.80 -10.63
CA TYR K 90 31.21 -11.62 -12.06
C TYR K 90 32.47 -12.13 -12.79
N ASN K 91 32.30 -13.20 -13.55
CA ASN K 91 33.40 -13.84 -14.27
C ASN K 91 33.74 -13.24 -15.63
N TRP K 92 34.35 -12.06 -15.64
CA TRP K 92 34.75 -11.42 -16.89
C TRP K 92 35.95 -12.15 -17.50
N ARG K 93 36.63 -12.92 -16.65
CA ARG K 93 37.81 -13.69 -17.03
C ARG K 93 37.52 -14.75 -18.10
N GLU K 94 36.34 -15.36 -18.06
CA GLU K 94 36.00 -16.39 -19.04
C GLU K 94 34.59 -16.35 -19.64
N ASN K 95 33.64 -16.87 -18.88
CA ASN K 95 32.24 -17.01 -19.28
C ASN K 95 31.32 -15.79 -19.28
N LEU K 96 31.67 -14.78 -18.49
CA LEU K 96 30.83 -13.59 -18.30
C LEU K 96 29.70 -14.08 -17.36
N ASP K 97 30.00 -15.14 -16.61
CA ASP K 97 29.07 -15.75 -15.64
C ASP K 97 28.67 -14.69 -14.61
N ARG K 98 27.42 -14.72 -14.19
CA ARG K 98 26.90 -13.75 -13.22
C ARG K 98 27.08 -12.32 -13.78
N ASP K 99 26.65 -12.15 -15.02
CA ASP K 99 26.73 -10.89 -15.73
C ASP K 99 25.55 -10.03 -15.28
N ILE K 100 25.74 -9.38 -14.13
CA ILE K 100 24.69 -8.59 -13.53
C ILE K 100 25.23 -7.47 -12.64
N ALA K 101 24.52 -6.36 -12.60
CA ALA K 101 24.90 -5.21 -11.80
C ALA K 101 23.67 -4.43 -11.39
N LEU K 102 23.74 -3.80 -10.22
CA LEU K 102 22.64 -2.98 -9.72
C LEU K 102 23.10 -1.54 -9.64
N MET K 103 22.16 -0.62 -9.83
CA MET K 103 22.47 0.81 -9.78
C MET K 103 21.44 1.50 -8.89
N LYS K 104 21.91 2.17 -7.84
CA LYS K 104 21.00 2.90 -6.96
C LYS K 104 20.91 4.34 -7.48
N LEU K 105 19.69 4.84 -7.64
CA LEU K 105 19.48 6.19 -8.12
C LEU K 105 19.53 7.15 -6.94
N LYS K 106 20.08 8.34 -7.15
CA LYS K 106 20.18 9.33 -6.09
C LYS K 106 18.81 9.71 -5.51
N LYS K 107 17.80 9.77 -6.38
CA LYS K 107 16.44 10.14 -6.00
C LYS K 107 15.43 9.19 -6.60
N PRO K 108 14.25 9.04 -5.98
CA PRO K 108 13.23 8.14 -6.53
C PRO K 108 12.61 8.66 -7.83
N VAL K 109 12.45 7.77 -8.81
CA VAL K 109 11.86 8.16 -10.08
C VAL K 109 10.35 8.28 -9.96
N ALA K 110 9.80 9.25 -10.67
CA ALA K 110 8.36 9.48 -10.69
C ALA K 110 7.71 8.54 -11.71
N PHE K 111 6.78 7.71 -11.23
CA PHE K 111 6.06 6.78 -12.10
C PHE K 111 5.11 7.56 -13.00
N SER K 112 4.79 6.99 -14.16
CA SER K 112 3.91 7.62 -15.12
C SER K 112 3.48 6.57 -16.13
N ASP K 113 2.81 6.98 -17.19
CA ASP K 113 2.37 6.05 -18.23
C ASP K 113 3.54 5.41 -18.97
N TYR K 114 4.69 6.08 -18.92
CA TYR K 114 5.91 5.61 -19.59
C TYR K 114 6.96 5.05 -18.66
N ILE K 115 6.74 5.24 -17.35
CA ILE K 115 7.67 4.79 -16.34
C ILE K 115 6.97 3.98 -15.26
N HIS K 116 7.44 2.75 -15.08
CA HIS K 116 6.89 1.83 -14.10
C HIS K 116 7.74 0.57 -14.05
N PRO K 117 8.11 0.12 -12.85
CA PRO K 117 8.94 -1.06 -12.62
C PRO K 117 8.29 -2.41 -12.97
N VAL K 118 9.14 -3.30 -13.46
CA VAL K 118 8.76 -4.65 -13.84
C VAL K 118 8.92 -5.50 -12.56
N CYS K 119 8.25 -6.65 -12.51
CA CYS K 119 8.38 -7.53 -11.34
C CYS K 119 9.57 -8.46 -11.51
N LEU K 120 10.12 -8.93 -10.40
CA LEU K 120 11.20 -9.92 -10.43
C LEU K 120 10.51 -11.21 -10.04
N PRO K 121 10.81 -12.31 -10.72
CA PRO K 121 10.19 -13.61 -10.40
C PRO K 121 10.51 -14.16 -9.03
N ASP K 122 9.55 -14.89 -8.46
CA ASP K 122 9.75 -15.57 -7.21
C ASP K 122 9.96 -17.04 -7.61
N ARG K 123 10.12 -17.94 -6.65
CA ARG K 123 10.37 -19.35 -6.95
C ARG K 123 9.37 -20.00 -7.88
N GLU K 124 8.07 -19.81 -7.60
CA GLU K 124 7.00 -20.39 -8.40
C GLU K 124 6.88 -19.82 -9.80
N THR K 125 7.01 -18.51 -9.92
CA THR K 125 6.92 -17.84 -11.22
C THR K 125 8.05 -18.35 -12.12
N ALA K 126 9.25 -18.47 -11.55
CA ALA K 126 10.42 -18.94 -12.29
C ALA K 126 10.25 -20.39 -12.77
N ALA K 127 9.77 -21.25 -11.86
CA ALA K 127 9.56 -22.65 -12.17
C ALA K 127 8.51 -22.82 -13.27
N SER K 128 7.41 -22.08 -13.15
CA SER K 128 6.33 -22.17 -14.11
C SER K 128 6.61 -21.59 -15.49
N LEU K 129 7.22 -20.41 -15.53
CA LEU K 129 7.50 -19.71 -16.78
C LEU K 129 8.78 -20.09 -17.56
N LEU K 130 9.87 -20.35 -16.84
CA LEU K 130 11.13 -20.71 -17.46
C LEU K 130 11.19 -22.12 -18.00
N GLN K 131 10.48 -22.34 -19.09
CA GLN K 131 10.44 -23.66 -19.70
C GLN K 131 10.64 -23.51 -21.21
N ALA K 132 11.36 -24.46 -21.81
CA ALA K 132 11.64 -24.46 -23.23
C ALA K 132 10.34 -24.37 -24.01
N GLY K 133 10.32 -23.51 -25.03
CA GLY K 133 9.13 -23.34 -25.84
C GLY K 133 8.34 -22.12 -25.45
N TYR K 134 8.36 -21.79 -24.15
CA TYR K 134 7.65 -20.62 -23.66
C TYR K 134 8.37 -19.40 -24.18
N LYS K 135 7.60 -18.46 -24.71
CA LYS K 135 8.16 -17.24 -25.27
C LYS K 135 8.28 -16.09 -24.28
N GLY K 136 9.38 -15.37 -24.42
CA GLY K 136 9.65 -14.21 -23.62
C GLY K 136 9.77 -13.04 -24.58
N ARG K 137 10.06 -11.86 -24.05
CA ARG K 137 10.18 -10.65 -24.86
C ARG K 137 11.43 -9.87 -24.46
N VAL K 138 12.20 -9.49 -25.46
CA VAL K 138 13.42 -8.73 -25.28
C VAL K 138 13.25 -7.38 -26.00
N THR K 139 13.73 -6.31 -25.38
CA THR K 139 13.62 -4.95 -25.90
C THR K 139 14.99 -4.24 -25.85
N GLY K 140 15.21 -3.33 -26.79
CA GLY K 140 16.47 -2.61 -26.80
C GLY K 140 16.62 -1.68 -27.99
N TRP K 141 17.63 -0.81 -27.90
CA TRP K 141 17.95 0.16 -28.93
C TRP K 141 19.26 -0.22 -29.61
N GLY K 142 19.65 -1.50 -29.47
CA GLY K 142 20.87 -1.97 -30.07
C GLY K 142 20.87 -2.15 -31.58
N ASN K 143 21.93 -2.75 -32.09
CA ASN K 143 22.07 -2.96 -33.53
C ASN K 143 20.99 -3.85 -34.13
N LEU K 144 20.54 -3.46 -35.32
CA LEU K 144 19.53 -4.17 -36.08
C LEU K 144 20.12 -5.38 -36.78
N LYS K 145 21.44 -5.35 -36.95
CA LYS K 145 22.17 -6.43 -37.60
C LYS K 145 23.52 -6.57 -36.94
N GLU K 146 24.19 -7.68 -37.23
CA GLU K 146 25.49 -7.97 -36.66
C GLU K 146 26.59 -6.92 -36.95
N THR K 147 26.39 -6.08 -37.96
CA THR K 147 27.35 -5.02 -38.28
C THR K 147 28.85 -5.36 -38.28
N TRP K 148 29.68 -4.35 -37.96
CA TRP K 148 31.15 -4.44 -37.93
C TRP K 148 31.80 -5.29 -39.03
N THR K 149 31.34 -5.03 -40.25
CA THR K 149 31.81 -5.69 -41.47
C THR K 149 30.89 -5.17 -42.58
N ALA K 150 30.60 -6.02 -43.56
CA ALA K 150 29.71 -5.63 -44.65
C ALA K 150 28.34 -6.26 -44.39
N ASN K 151 27.30 -5.43 -44.39
CA ASN K 151 25.94 -5.91 -44.15
C ASN K 151 24.90 -4.84 -44.49
N VAL K 152 23.83 -5.25 -45.18
CA VAL K 152 22.76 -4.35 -45.57
C VAL K 152 21.71 -4.19 -44.47
N GLY K 153 21.68 -3.01 -43.84
CA GLY K 153 20.73 -2.75 -42.77
C GLY K 153 20.73 -1.30 -42.36
N LYS K 154 19.80 -0.91 -41.49
CA LYS K 154 19.70 0.48 -41.04
C LYS K 154 20.71 0.76 -39.91
N GLY K 155 21.37 -0.30 -39.45
CA GLY K 155 22.34 -0.18 -38.38
C GLY K 155 21.67 0.01 -37.04
N GLN K 156 21.28 1.24 -36.74
CA GLN K 156 20.63 1.57 -35.48
C GLN K 156 19.19 1.95 -35.69
N PRO K 157 18.30 1.53 -34.78
CA PRO K 157 16.87 1.84 -34.90
C PRO K 157 16.57 3.28 -34.51
N SER K 158 15.46 3.81 -35.03
CA SER K 158 15.05 5.16 -34.68
C SER K 158 14.21 5.08 -33.41
N VAL K 159 13.62 3.91 -33.18
CA VAL K 159 12.75 3.67 -32.02
C VAL K 159 13.05 2.33 -31.33
N LEU K 160 12.72 2.24 -30.04
CA LEU K 160 12.92 1.02 -29.25
C LEU K 160 12.36 -0.19 -29.99
N GLN K 161 13.15 -1.25 -30.06
CA GLN K 161 12.74 -2.47 -30.75
C GLN K 161 12.31 -3.54 -29.76
N VAL K 162 11.41 -4.42 -30.22
CA VAL K 162 10.89 -5.51 -29.43
C VAL K 162 10.85 -6.79 -30.23
N VAL K 163 11.20 -7.91 -29.59
CA VAL K 163 11.13 -9.20 -30.26
C VAL K 163 10.67 -10.28 -29.26
N ASN K 164 9.83 -11.20 -29.71
CA ASN K 164 9.35 -12.30 -28.88
C ASN K 164 10.17 -13.53 -29.22
N LEU K 165 10.84 -14.11 -28.22
CA LEU K 165 11.69 -15.27 -28.43
C LEU K 165 11.42 -16.41 -27.44
N PRO K 166 11.29 -17.65 -27.94
CA PRO K 166 11.05 -18.82 -27.10
C PRO K 166 12.30 -19.32 -26.39
N ILE K 167 12.13 -19.75 -25.14
CA ILE K 167 13.24 -20.30 -24.37
C ILE K 167 13.62 -21.63 -25.01
N VAL K 168 14.90 -21.91 -25.04
CA VAL K 168 15.44 -23.12 -25.66
C VAL K 168 15.96 -24.06 -24.57
N GLU K 169 15.74 -25.36 -24.74
CA GLU K 169 16.19 -26.34 -23.75
C GLU K 169 17.70 -26.31 -23.55
N ARG K 170 18.13 -26.48 -22.30
CA ARG K 170 19.55 -26.42 -21.92
C ARG K 170 20.56 -27.22 -22.75
N PRO K 171 20.25 -28.47 -23.13
CA PRO K 171 21.22 -29.22 -23.94
C PRO K 171 21.43 -28.62 -25.34
N VAL K 172 20.36 -28.07 -25.93
CA VAL K 172 20.47 -27.44 -27.24
C VAL K 172 21.29 -26.14 -27.13
N CYS K 173 21.19 -25.46 -25.99
CA CYS K 173 21.95 -24.22 -25.74
C CYS K 173 23.41 -24.58 -25.60
N LYS K 174 23.68 -25.62 -24.81
CA LYS K 174 25.03 -26.11 -24.55
C LYS K 174 25.76 -26.58 -25.82
N ASP K 175 25.05 -27.29 -26.69
CA ASP K 175 25.65 -27.80 -27.91
C ASP K 175 25.83 -26.76 -29.01
N SER K 176 25.20 -25.60 -28.87
CA SER K 176 25.31 -24.53 -29.86
C SER K 176 26.61 -23.72 -29.74
N THR K 177 27.33 -23.89 -28.63
CA THR K 177 28.55 -23.13 -28.43
C THR K 177 29.62 -23.93 -27.73
N ARG K 178 30.87 -23.47 -27.83
CA ARG K 178 32.00 -24.14 -27.18
C ARG K 178 32.24 -23.48 -25.84
N ILE K 179 31.61 -22.33 -25.63
CA ILE K 179 31.74 -21.57 -24.38
C ILE K 179 30.98 -22.32 -23.28
N ARG K 180 31.55 -22.35 -22.08
CA ARG K 180 30.90 -23.04 -20.96
C ARG K 180 29.65 -22.29 -20.49
N ILE K 181 28.55 -23.03 -20.38
CA ILE K 181 27.26 -22.49 -19.95
C ILE K 181 26.98 -22.84 -18.50
N THR K 182 26.61 -21.83 -17.70
CA THR K 182 26.31 -22.07 -16.28
C THR K 182 24.81 -21.98 -16.01
N ASP K 183 24.43 -22.35 -14.80
CA ASP K 183 23.04 -22.30 -14.38
C ASP K 183 22.55 -20.87 -14.21
N ASN K 184 23.50 -19.93 -14.19
CA ASN K 184 23.19 -18.52 -14.06
C ASN K 184 22.83 -17.91 -15.41
N MET K 185 22.69 -18.78 -16.42
CA MET K 185 22.33 -18.34 -17.77
C MET K 185 21.34 -19.27 -18.42
N PHE K 186 20.63 -18.73 -19.40
CA PHE K 186 19.69 -19.50 -20.19
C PHE K 186 19.77 -18.91 -21.59
N CYS K 187 19.37 -19.67 -22.60
CA CYS K 187 19.42 -19.14 -23.95
C CYS K 187 18.03 -19.12 -24.54
N ALA K 188 17.82 -18.25 -25.51
CA ALA K 188 16.52 -18.13 -26.16
C ALA K 188 16.67 -17.79 -27.64
N GLY K 189 15.58 -17.97 -28.38
CA GLY K 189 15.58 -17.71 -29.81
C GLY K 189 14.99 -18.88 -30.59
N TYR K 190 14.73 -18.67 -31.88
CA TYR K 190 14.17 -19.72 -32.71
C TYR K 190 15.22 -20.69 -33.25
N LYS K 191 14.78 -21.90 -33.57
CA LYS K 191 15.65 -22.91 -34.13
C LYS K 191 15.57 -22.77 -35.65
N PRO K 192 16.59 -23.24 -36.37
CA PRO K 192 16.61 -23.15 -37.84
C PRO K 192 15.35 -23.65 -38.55
N ASP K 193 14.75 -24.72 -38.03
CA ASP K 193 13.55 -25.29 -38.64
C ASP K 193 12.25 -24.57 -38.33
N GLU K 194 12.31 -23.59 -37.44
CA GLU K 194 11.13 -22.82 -37.08
C GLU K 194 10.88 -21.68 -38.05
N GLY K 195 11.91 -21.33 -38.82
CA GLY K 195 11.78 -20.27 -39.80
C GLY K 195 11.83 -18.87 -39.24
N LYS K 196 10.93 -18.57 -38.29
CA LYS K 196 10.88 -17.27 -37.63
C LYS K 196 12.23 -17.01 -37.00
N ARG K 197 12.61 -15.74 -36.92
CA ARG K 197 13.87 -15.42 -36.29
C ARG K 197 13.84 -14.19 -35.39
N GLY K 198 15.02 -13.75 -34.96
CA GLY K 198 15.12 -12.61 -34.09
C GLY K 198 16.19 -12.86 -33.03
N ASP K 199 16.71 -11.79 -32.46
CA ASP K 199 17.76 -11.92 -31.46
C ASP K 199 18.14 -10.55 -30.94
N ALA K 200 18.77 -10.53 -29.78
CA ALA K 200 19.28 -9.31 -29.21
C ALA K 200 20.63 -9.12 -29.93
N CYS K 201 21.30 -7.99 -29.73
CA CYS K 201 22.58 -7.76 -30.39
C CYS K 201 23.35 -6.68 -29.63
N GLU K 202 24.44 -6.20 -30.21
CA GLU K 202 25.28 -5.18 -29.60
C GLU K 202 24.46 -3.94 -29.21
N GLY K 203 24.61 -3.52 -27.96
CA GLY K 203 23.88 -2.35 -27.47
C GLY K 203 22.60 -2.70 -26.72
N ASP K 204 22.15 -3.95 -26.81
CA ASP K 204 20.94 -4.42 -26.13
C ASP K 204 21.22 -4.95 -24.71
N SER K 205 22.48 -5.23 -24.43
CA SER K 205 22.88 -5.75 -23.12
C SER K 205 22.28 -4.95 -21.99
N GLY K 206 21.94 -5.65 -20.91
CA GLY K 206 21.33 -5.02 -19.76
C GLY K 206 19.81 -4.95 -19.91
N GLY K 207 19.36 -5.03 -21.16
CA GLY K 207 17.94 -5.00 -21.43
C GLY K 207 17.26 -6.19 -20.78
N PRO K 208 15.97 -6.08 -20.50
CA PRO K 208 15.21 -7.17 -19.86
C PRO K 208 14.55 -8.18 -20.81
N PHE K 209 14.58 -9.44 -20.39
CA PHE K 209 13.90 -10.53 -21.10
C PHE K 209 12.71 -10.74 -20.17
N VAL K 210 11.53 -10.29 -20.59
CA VAL K 210 10.33 -10.40 -19.78
C VAL K 210 9.29 -11.41 -20.25
N MET K 211 8.47 -11.87 -19.30
CA MET K 211 7.41 -12.82 -19.60
C MET K 211 6.15 -12.38 -18.88
N LYS K 212 5.01 -12.45 -19.57
CA LYS K 212 3.75 -12.07 -18.95
C LYS K 212 3.08 -13.29 -18.32
N SER K 213 2.87 -13.23 -17.00
CA SER K 213 2.24 -14.34 -16.30
C SER K 213 0.78 -14.54 -16.69
N PRO K 214 0.43 -15.77 -17.10
CA PRO K 214 -0.95 -16.08 -17.49
C PRO K 214 -1.84 -16.21 -16.24
N PHE K 215 -1.21 -16.17 -15.07
CA PHE K 215 -1.92 -16.27 -13.79
C PHE K 215 -2.38 -14.92 -13.26
N ASN K 216 -1.43 -14.01 -13.02
CA ASN K 216 -1.80 -12.67 -12.50
C ASN K 216 -1.67 -11.54 -13.52
N ASN K 217 -1.39 -11.89 -14.78
CA ASN K 217 -1.24 -10.90 -15.86
C ASN K 217 -0.10 -9.88 -15.72
N ARG K 218 0.79 -10.08 -14.74
CA ARG K 218 1.92 -9.18 -14.55
C ARG K 218 3.14 -9.63 -15.36
N TRP K 219 3.98 -8.67 -15.75
CA TRP K 219 5.21 -8.94 -16.47
C TRP K 219 6.35 -9.16 -15.49
N TYR K 220 7.19 -10.17 -15.75
CA TYR K 220 8.32 -10.50 -14.89
C TYR K 220 9.61 -10.54 -15.70
N GLN K 221 10.68 -9.99 -15.13
CA GLN K 221 11.97 -10.03 -15.80
C GLN K 221 12.70 -11.33 -15.45
N MET K 222 12.68 -12.28 -16.38
CA MET K 222 13.31 -13.58 -16.21
C MET K 222 14.79 -13.56 -16.58
N GLY K 223 15.18 -12.61 -17.44
CA GLY K 223 16.56 -12.52 -17.86
C GLY K 223 17.07 -11.13 -18.21
N ILE K 224 18.39 -11.03 -18.34
CA ILE K 224 19.07 -9.79 -18.71
C ILE K 224 19.90 -10.13 -19.96
N VAL K 225 19.78 -9.34 -21.03
CA VAL K 225 20.57 -9.61 -22.23
C VAL K 225 22.04 -9.61 -21.78
N SER K 226 22.68 -10.75 -21.98
CA SER K 226 24.07 -10.91 -21.55
C SER K 226 25.10 -11.06 -22.66
N TRP K 227 24.99 -12.14 -23.43
CA TRP K 227 25.95 -12.40 -24.48
C TRP K 227 25.45 -13.28 -25.62
N GLY K 228 26.31 -13.41 -26.63
CA GLY K 228 26.02 -14.24 -27.79
C GLY K 228 27.22 -14.30 -28.71
N GLU K 229 27.08 -14.99 -29.83
CA GLU K 229 28.16 -15.10 -30.81
C GLU K 229 27.54 -14.62 -32.12
N GLY K 230 27.90 -13.40 -32.51
CA GLY K 230 27.32 -12.80 -33.69
C GLY K 230 25.92 -12.40 -33.26
N CYS K 231 24.99 -12.31 -34.22
CA CYS K 231 23.62 -11.92 -33.91
C CYS K 231 22.63 -12.53 -34.89
N ASP K 232 21.69 -13.30 -34.36
CA ASP K 232 20.66 -13.95 -35.16
C ASP K 232 21.19 -14.96 -36.19
N ARG K 233 22.27 -15.67 -35.85
CA ARG K 233 22.84 -16.68 -36.75
C ARG K 233 22.08 -18.00 -36.58
N ASP K 234 22.09 -18.85 -37.61
CA ASP K 234 21.43 -20.15 -37.52
C ASP K 234 22.24 -21.05 -36.60
N GLY K 235 21.56 -21.71 -35.66
CA GLY K 235 22.26 -22.60 -34.74
C GLY K 235 22.82 -21.88 -33.53
N LYS K 236 22.64 -20.57 -33.48
CA LYS K 236 23.10 -19.77 -32.35
C LYS K 236 21.89 -19.23 -31.59
N TYR K 237 22.06 -18.99 -30.30
CA TYR K 237 20.99 -18.47 -29.45
C TYR K 237 21.54 -17.40 -28.53
N GLY K 238 20.75 -16.37 -28.27
CA GLY K 238 21.18 -15.32 -27.37
C GLY K 238 21.22 -15.86 -25.95
N PHE K 239 22.22 -15.46 -25.17
CA PHE K 239 22.33 -15.92 -23.80
C PHE K 239 21.96 -14.78 -22.85
N TYR K 240 21.24 -15.14 -21.80
CA TYR K 240 20.76 -14.19 -20.80
C TYR K 240 21.13 -14.56 -19.39
N THR K 241 21.28 -13.54 -18.55
CA THR K 241 21.60 -13.74 -17.15
C THR K 241 20.29 -14.17 -16.49
N HIS K 242 20.34 -15.33 -15.84
CA HIS K 242 19.20 -15.93 -15.15
C HIS K 242 18.93 -15.12 -13.88
N VAL K 243 17.92 -14.25 -13.96
CA VAL K 243 17.57 -13.36 -12.83
C VAL K 243 17.21 -14.06 -11.52
N PHE K 244 16.31 -15.03 -11.57
CA PHE K 244 15.91 -15.71 -10.35
C PHE K 244 17.09 -16.37 -9.60
N ARG K 245 18.01 -16.97 -10.35
CA ARG K 245 19.18 -17.63 -9.77
C ARG K 245 20.07 -16.65 -9.00
N LEU K 246 20.04 -15.39 -9.38
CA LEU K 246 20.84 -14.37 -8.72
C LEU K 246 19.98 -13.46 -7.85
N LYS K 247 18.71 -13.80 -7.68
CA LYS K 247 17.80 -12.97 -6.91
C LYS K 247 18.19 -12.82 -5.44
N LYS K 248 18.97 -13.76 -4.92
CA LYS K 248 19.42 -13.74 -3.53
C LYS K 248 20.42 -12.61 -3.33
N TRP K 249 21.31 -12.43 -4.31
CA TRP K 249 22.30 -11.35 -4.25
C TRP K 249 21.60 -10.00 -4.49
N ILE K 250 20.64 -9.97 -5.41
CA ILE K 250 19.90 -8.73 -5.69
C ILE K 250 19.26 -8.19 -4.41
N GLN K 251 18.46 -9.03 -3.74
CA GLN K 251 17.78 -8.68 -2.49
C GLN K 251 18.73 -8.30 -1.37
N LYS K 252 19.88 -8.98 -1.30
CA LYS K 252 20.88 -8.71 -0.30
C LYS K 252 21.44 -7.28 -0.38
N VAL K 253 21.87 -6.85 -1.57
CA VAL K 253 22.41 -5.50 -1.69
C VAL K 253 21.34 -4.42 -1.56
N ILE K 254 20.13 -4.74 -2.01
CA ILE K 254 19.02 -3.80 -1.89
C ILE K 254 18.61 -3.61 -0.42
N ASP K 255 18.64 -4.69 0.36
CA ASP K 255 18.30 -4.61 1.78
C ASP K 255 19.40 -3.96 2.60
N GLN K 256 20.65 -4.25 2.25
CA GLN K 256 21.79 -3.70 2.96
C GLN K 256 22.00 -2.22 2.64
N PHE K 257 21.93 -1.88 1.36
CA PHE K 257 22.13 -0.50 0.94
C PHE K 257 20.88 0.35 0.80
N GLY K 258 19.81 -0.08 1.46
CA GLY K 258 18.56 0.66 1.44
C GLY K 258 17.70 0.61 0.19
N GLU K 259 16.41 0.89 0.37
CA GLU K 259 15.43 0.92 -0.71
C GLU K 259 15.51 2.26 -1.44
N ILE L 1 -9.14 33.53 -9.56
CA ILE L 1 -7.98 33.34 -8.64
C ILE L 1 -7.11 32.18 -9.12
N VAL L 2 -5.83 32.47 -9.33
CA VAL L 2 -4.88 31.46 -9.78
C VAL L 2 -4.10 30.94 -8.56
N GLU L 3 -3.96 29.61 -8.49
CA GLU L 3 -3.23 28.95 -7.40
C GLU L 3 -3.81 29.11 -6.01
N GLY L 4 -5.14 29.19 -5.92
CA GLY L 4 -5.78 29.32 -4.64
C GLY L 4 -6.50 28.03 -4.30
N SER L 5 -7.36 28.07 -3.29
CA SER L 5 -8.09 26.88 -2.90
C SER L 5 -9.54 27.25 -2.64
N ASP L 6 -10.38 26.25 -2.43
CA ASP L 6 -11.78 26.45 -2.16
C ASP L 6 -11.96 27.19 -0.84
N ALA L 7 -12.75 28.26 -0.88
CA ALA L 7 -13.02 29.02 0.32
C ALA L 7 -13.94 28.16 1.17
N GLU L 8 -13.84 28.29 2.49
CA GLU L 8 -14.72 27.56 3.40
C GLU L 8 -16.03 28.32 3.50
N ILE L 9 -17.09 27.64 3.91
CA ILE L 9 -18.39 28.27 4.08
C ILE L 9 -18.25 29.39 5.12
N GLY L 10 -18.70 30.59 4.77
CA GLY L 10 -18.62 31.71 5.70
C GLY L 10 -17.24 32.28 5.96
N MET L 11 -16.29 31.96 5.10
CA MET L 11 -14.92 32.46 5.24
C MET L 11 -14.76 33.93 4.87
N SER L 12 -15.59 34.41 3.94
CA SER L 12 -15.59 35.80 3.46
C SER L 12 -17.05 36.22 3.33
N PRO L 13 -17.73 36.48 4.45
CA PRO L 13 -19.15 36.87 4.44
C PRO L 13 -19.42 38.23 3.81
N TRP L 14 -18.33 38.95 3.51
CA TRP L 14 -18.41 40.27 2.89
C TRP L 14 -18.30 40.20 1.37
N GLN L 15 -17.89 39.05 0.85
CA GLN L 15 -17.73 38.82 -0.59
C GLN L 15 -19.05 38.98 -1.35
N VAL L 16 -19.06 39.88 -2.33
CA VAL L 16 -20.27 40.12 -3.13
C VAL L 16 -20.01 39.73 -4.58
N MET L 17 -21.04 39.17 -5.23
CA MET L 17 -20.95 38.81 -6.63
C MET L 17 -21.82 39.76 -7.45
N LEU L 18 -21.19 40.51 -8.36
CA LEU L 18 -21.93 41.41 -9.23
C LEU L 18 -22.29 40.53 -10.42
N PHE L 19 -23.60 40.30 -10.60
CA PHE L 19 -24.13 39.43 -11.65
C PHE L 19 -24.85 40.18 -12.78
N ARG L 20 -24.39 39.97 -14.00
CA ARG L 20 -25.01 40.60 -15.16
C ARG L 20 -26.31 39.83 -15.49
N LYS L 21 -27.38 40.57 -15.75
CA LYS L 21 -28.68 39.97 -16.06
C LYS L 21 -28.80 39.42 -17.49
N SER L 22 -28.20 40.10 -18.45
CA SER L 22 -28.28 39.69 -19.85
C SER L 22 -27.01 39.92 -20.65
N PRO L 23 -26.26 38.84 -20.97
CA PRO L 23 -26.55 37.45 -20.61
C PRO L 23 -26.32 37.23 -19.11
N GLN L 24 -26.81 36.12 -18.59
CA GLN L 24 -26.69 35.76 -17.18
C GLN L 24 -25.26 35.29 -16.92
N GLU L 25 -24.44 36.14 -16.32
CA GLU L 25 -23.07 35.77 -16.05
C GLU L 25 -22.41 36.64 -14.99
N LEU L 26 -21.31 36.15 -14.45
CA LEU L 26 -20.53 36.89 -13.45
C LEU L 26 -19.94 38.12 -14.12
N LEU L 27 -20.10 39.27 -13.49
CA LEU L 27 -19.53 40.49 -14.00
C LEU L 27 -18.20 40.74 -13.27
N CYS L 28 -18.28 40.81 -11.94
CA CYS L 28 -17.12 41.08 -11.11
C CYS L 28 -17.42 40.72 -9.65
N GLY L 29 -16.41 40.88 -8.81
CA GLY L 29 -16.60 40.66 -7.39
C GLY L 29 -16.85 42.03 -6.78
N ALA L 30 -17.07 42.07 -5.47
CA ALA L 30 -17.33 43.31 -4.73
C ALA L 30 -17.33 42.97 -3.26
N SER L 31 -17.54 43.97 -2.41
CA SER L 31 -17.56 43.77 -0.96
C SER L 31 -18.68 44.50 -0.25
N LEU L 32 -19.12 43.96 0.87
CA LEU L 32 -20.16 44.53 1.70
C LEU L 32 -19.45 45.33 2.78
N ILE L 33 -19.65 46.65 2.78
CA ILE L 33 -19.01 47.54 3.76
C ILE L 33 -19.99 48.11 4.78
N SER L 34 -21.27 47.78 4.62
CA SER L 34 -22.34 48.19 5.53
C SER L 34 -23.61 47.45 5.08
N ASP L 35 -24.72 47.62 5.81
CA ASP L 35 -25.94 46.94 5.42
C ASP L 35 -26.57 47.55 4.17
N ARG L 36 -26.01 48.65 3.68
CA ARG L 36 -26.56 49.30 2.48
C ARG L 36 -25.53 49.73 1.43
N TRP L 37 -24.25 49.53 1.72
CA TRP L 37 -23.18 49.92 0.81
C TRP L 37 -22.27 48.80 0.38
N VAL L 38 -22.00 48.79 -0.92
CA VAL L 38 -21.15 47.79 -1.54
C VAL L 38 -20.02 48.51 -2.25
N LEU L 39 -18.82 47.95 -2.13
CA LEU L 39 -17.65 48.53 -2.77
C LEU L 39 -17.17 47.63 -3.89
N THR L 40 -16.72 48.23 -5.01
CA THR L 40 -16.19 47.47 -6.13
C THR L 40 -15.19 48.31 -6.92
N ALA L 41 -14.73 47.77 -8.05
CA ALA L 41 -13.79 48.48 -8.92
C ALA L 41 -14.59 49.19 -10.00
N ALA L 42 -14.15 50.41 -10.33
CA ALA L 42 -14.82 51.22 -11.34
C ALA L 42 -14.75 50.67 -12.76
N HIS L 43 -13.69 49.93 -13.10
CA HIS L 43 -13.55 49.39 -14.46
C HIS L 43 -14.53 48.26 -14.77
N CYS L 44 -15.12 47.69 -13.72
CA CYS L 44 -16.10 46.61 -13.89
C CYS L 44 -17.41 47.19 -14.43
N LEU L 45 -17.62 48.46 -14.12
CA LEU L 45 -18.85 49.16 -14.50
C LEU L 45 -18.67 50.17 -15.62
N LEU L 46 -17.47 50.74 -15.73
CA LEU L 46 -17.21 51.75 -16.74
C LEU L 46 -15.85 51.70 -17.39
N TYR L 47 -15.86 51.59 -18.71
CA TYR L 47 -14.63 51.59 -19.50
C TYR L 47 -15.00 51.99 -20.93
N PRO L 48 -15.08 53.32 -21.19
CA PRO L 48 -15.42 53.91 -22.49
C PRO L 48 -14.80 53.29 -23.75
N PRO L 49 -13.49 52.98 -23.74
CA PRO L 49 -12.86 52.39 -24.92
C PRO L 49 -13.61 51.18 -25.47
N TRP L 50 -14.16 50.36 -24.58
CA TRP L 50 -14.93 49.19 -25.01
C TRP L 50 -16.42 49.44 -24.90
N ASP L 51 -16.80 50.72 -24.79
CA ASP L 51 -18.19 51.14 -24.67
C ASP L 51 -18.91 50.44 -23.52
N LYS L 52 -18.18 50.21 -22.43
CA LYS L 52 -18.73 49.56 -21.25
C LYS L 52 -19.32 50.63 -20.36
N ASN L 53 -20.56 50.42 -19.93
CA ASN L 53 -21.23 51.38 -19.08
C ASN L 53 -22.48 50.71 -18.47
N PHE L 54 -22.25 49.92 -17.42
CA PHE L 54 -23.35 49.23 -16.74
C PHE L 54 -24.15 50.11 -15.79
N ILE L 55 -25.47 50.11 -15.97
CA ILE L 55 -26.36 50.89 -15.12
C ILE L 55 -26.96 49.98 -14.04
N GLU L 56 -27.71 50.58 -13.11
CA GLU L 56 -28.31 49.86 -11.99
C GLU L 56 -29.18 48.68 -12.39
N ASN L 57 -29.99 48.85 -13.44
CA ASN L 57 -30.89 47.81 -13.91
C ASN L 57 -30.25 46.68 -14.71
N ASP L 58 -28.95 46.78 -14.99
CA ASP L 58 -28.25 45.75 -15.76
C ASP L 58 -27.69 44.66 -14.89
N LEU L 59 -27.63 44.90 -13.58
CA LEU L 59 -27.02 43.94 -12.67
C LEU L 59 -27.84 43.53 -11.46
N LEU L 60 -27.34 42.48 -10.82
CA LEU L 60 -27.91 41.92 -9.60
C LEU L 60 -26.75 41.81 -8.61
N VAL L 61 -26.98 42.18 -7.35
CA VAL L 61 -25.98 42.10 -6.30
C VAL L 61 -26.31 40.87 -5.47
N ARG L 62 -25.44 39.87 -5.57
CA ARG L 62 -25.62 38.60 -4.89
C ARG L 62 -24.66 38.44 -3.71
N ILE L 63 -25.23 38.48 -2.51
CA ILE L 63 -24.45 38.38 -1.28
C ILE L 63 -24.69 37.06 -0.57
N GLY L 64 -23.68 36.56 0.16
CA GLY L 64 -23.79 35.31 0.87
C GLY L 64 -23.50 34.06 0.04
N LYS L 65 -22.87 34.25 -1.11
CA LYS L 65 -22.58 33.13 -2.00
C LYS L 65 -21.30 32.36 -1.74
N HIS L 66 -21.31 31.10 -2.16
CA HIS L 66 -20.17 30.19 -2.03
C HIS L 66 -19.95 29.59 -3.44
N SER L 67 -20.96 28.87 -3.93
CA SER L 67 -20.92 28.27 -5.25
C SER L 67 -21.00 29.36 -6.30
N ARG L 68 -20.27 29.19 -7.38
CA ARG L 68 -20.26 30.15 -8.48
C ARG L 68 -21.52 30.10 -9.36
N THR L 69 -22.02 28.90 -9.60
CA THR L 69 -23.17 28.71 -10.49
C THR L 69 -24.54 28.48 -9.83
N ARG L 70 -24.54 27.75 -8.72
CA ARG L 70 -25.78 27.45 -8.04
C ARG L 70 -26.49 28.66 -7.45
N TYR L 71 -27.81 28.65 -7.54
CA TYR L 71 -28.61 29.70 -6.94
C TYR L 71 -28.80 29.16 -5.54
N GLU L 72 -28.07 29.72 -4.59
CA GLU L 72 -28.12 29.28 -3.22
C GLU L 72 -29.29 29.85 -2.44
N ARG L 73 -30.45 29.29 -2.75
CA ARG L 73 -31.74 29.67 -2.16
C ARG L 73 -31.70 29.66 -0.62
N ASN L 74 -32.22 30.71 -0.01
CA ASN L 74 -32.26 30.86 1.44
C ASN L 74 -30.89 31.06 2.11
N ILE L 75 -29.83 31.10 1.31
CA ILE L 75 -28.49 31.34 1.83
C ILE L 75 -28.04 32.68 1.27
N GLU L 76 -27.95 32.77 -0.05
CA GLU L 76 -27.57 34.00 -0.70
C GLU L 76 -28.76 34.94 -0.77
N LYS L 77 -28.52 36.23 -0.91
CA LYS L 77 -29.59 37.21 -0.99
C LYS L 77 -29.29 38.18 -2.11
N ILE L 78 -30.33 38.53 -2.86
CA ILE L 78 -30.20 39.44 -3.99
C ILE L 78 -30.69 40.81 -3.56
N SER L 79 -29.87 41.83 -3.82
CA SER L 79 -30.23 43.21 -3.50
C SER L 79 -30.25 44.03 -4.80
N MET L 80 -31.20 44.97 -4.90
CA MET L 80 -31.32 45.81 -6.08
C MET L 80 -30.49 47.07 -5.86
N LEU L 81 -29.92 47.58 -6.95
CA LEU L 81 -29.11 48.79 -6.90
C LEU L 81 -29.93 50.08 -6.95
N GLU L 82 -29.75 50.93 -5.95
CA GLU L 82 -30.43 52.21 -5.92
C GLU L 82 -29.62 53.19 -6.75
N LYS L 83 -28.30 53.18 -6.54
CA LYS L 83 -27.41 54.06 -7.26
C LYS L 83 -25.95 53.61 -7.27
N ILE L 84 -25.29 53.83 -8.40
CA ILE L 84 -23.88 53.51 -8.61
C ILE L 84 -23.09 54.83 -8.55
N TYR L 85 -22.02 54.85 -7.76
CA TYR L 85 -21.18 56.04 -7.61
C TYR L 85 -19.75 55.71 -8.03
N ILE L 86 -19.39 56.15 -9.22
CA ILE L 86 -18.04 55.91 -9.75
C ILE L 86 -17.16 57.11 -9.37
N HIS L 87 -15.91 56.84 -8.97
CA HIS L 87 -15.01 57.91 -8.59
C HIS L 87 -14.85 58.91 -9.74
N PRO L 88 -15.13 60.20 -9.48
CA PRO L 88 -15.04 61.28 -10.47
C PRO L 88 -13.67 61.41 -11.17
N ARG L 89 -12.60 61.03 -10.46
CA ARG L 89 -11.27 61.11 -11.04
C ARG L 89 -10.72 59.75 -11.46
N TYR L 90 -11.63 58.82 -11.76
CA TYR L 90 -11.27 57.48 -12.22
C TYR L 90 -10.54 57.65 -13.56
N ASN L 91 -9.27 57.24 -13.58
CA ASN L 91 -8.44 57.39 -14.76
C ASN L 91 -8.48 56.19 -15.71
N TRP L 92 -9.59 56.06 -16.44
CA TRP L 92 -9.74 54.96 -17.39
C TRP L 92 -8.89 55.21 -18.64
N ARG L 93 -8.46 56.46 -18.77
CA ARG L 93 -7.65 56.93 -19.90
C ARG L 93 -6.28 56.27 -20.00
N GLU L 94 -5.60 56.10 -18.87
CA GLU L 94 -4.29 55.49 -18.89
C GLU L 94 -4.03 54.40 -17.85
N ASN L 95 -3.86 54.84 -16.59
CA ASN L 95 -3.53 54.00 -15.44
C ASN L 95 -4.62 53.17 -14.76
N LEU L 96 -5.88 53.60 -14.88
CA LEU L 96 -6.99 52.94 -14.18
C LEU L 96 -6.83 53.35 -12.71
N ASP L 97 -6.21 54.52 -12.50
CA ASP L 97 -5.96 55.11 -11.17
C ASP L 97 -7.32 55.42 -10.54
N ARG L 98 -7.42 55.23 -9.23
CA ARG L 98 -8.68 55.45 -8.49
C ARG L 98 -9.77 54.55 -9.05
N ASP L 99 -9.41 53.29 -9.22
CA ASP L 99 -10.31 52.26 -9.76
C ASP L 99 -11.21 51.81 -8.61
N ILE L 100 -12.25 52.58 -8.38
CA ILE L 100 -13.13 52.34 -7.27
C ILE L 100 -14.51 52.92 -7.49
N ALA L 101 -15.52 52.18 -7.05
CA ALA L 101 -16.91 52.59 -7.18
C ALA L 101 -17.74 52.10 -5.98
N LEU L 102 -18.78 52.87 -5.67
CA LEU L 102 -19.66 52.55 -4.56
C LEU L 102 -21.05 52.28 -5.12
N MET L 103 -21.78 51.39 -4.45
CA MET L 103 -23.12 51.04 -4.90
C MET L 103 -24.04 51.06 -3.71
N LYS L 104 -25.06 51.91 -3.76
CA LYS L 104 -26.03 51.96 -2.68
C LYS L 104 -27.13 50.96 -3.01
N LEU L 105 -27.48 50.12 -2.06
CA LEU L 105 -28.52 49.12 -2.24
C LEU L 105 -29.86 49.78 -1.92
N LYS L 106 -30.91 49.43 -2.66
CA LYS L 106 -32.24 49.99 -2.43
C LYS L 106 -32.74 49.73 -1.02
N LYS L 107 -32.44 48.55 -0.49
CA LYS L 107 -32.86 48.13 0.85
C LYS L 107 -31.70 47.55 1.63
N PRO L 108 -31.75 47.63 2.97
CA PRO L 108 -30.66 47.09 3.78
C PRO L 108 -30.62 45.56 3.77
N VAL L 109 -29.43 45.00 3.58
CA VAL L 109 -29.31 43.55 3.57
C VAL L 109 -29.38 42.98 4.98
N ALA L 110 -29.94 41.78 5.10
CA ALA L 110 -30.05 41.11 6.38
C ALA L 110 -28.78 40.31 6.61
N PHE L 111 -28.11 40.56 7.73
CA PHE L 111 -26.89 39.85 8.08
C PHE L 111 -27.25 38.44 8.48
N SER L 112 -26.29 37.53 8.33
CA SER L 112 -26.49 36.12 8.65
C SER L 112 -25.11 35.49 8.81
N ASP L 113 -25.07 34.16 8.88
CA ASP L 113 -23.80 33.45 9.01
C ASP L 113 -22.97 33.61 7.74
N TYR L 114 -23.66 33.89 6.63
CA TYR L 114 -23.02 34.04 5.32
C TYR L 114 -22.88 35.48 4.85
N ILE L 115 -23.61 36.39 5.49
CA ILE L 115 -23.58 37.79 5.12
C ILE L 115 -23.20 38.67 6.31
N HIS L 116 -22.11 39.43 6.14
CA HIS L 116 -21.61 40.33 7.17
C HIS L 116 -20.51 41.21 6.58
N PRO L 117 -20.58 42.54 6.81
CA PRO L 117 -19.62 43.53 6.33
C PRO L 117 -18.21 43.47 6.91
N VAL L 118 -17.25 43.81 6.04
CA VAL L 118 -15.83 43.83 6.40
C VAL L 118 -15.54 45.24 6.89
N CYS L 119 -14.47 45.40 7.65
CA CYS L 119 -14.11 46.72 8.15
C CYS L 119 -13.24 47.46 7.13
N LEU L 120 -13.30 48.78 7.17
CA LEU L 120 -12.45 49.60 6.30
C LEU L 120 -11.37 50.10 7.26
N PRO L 121 -10.11 50.12 6.80
CA PRO L 121 -8.99 50.58 7.64
C PRO L 121 -9.03 52.05 8.01
N ASP L 122 -8.58 52.36 9.24
CA ASP L 122 -8.46 53.74 9.69
C ASP L 122 -6.96 54.03 9.51
N ARG L 123 -6.49 55.19 9.94
CA ARG L 123 -5.08 55.56 9.76
C ARG L 123 -4.07 54.59 10.34
N GLU L 124 -4.27 54.20 11.60
CA GLU L 124 -3.35 53.29 12.29
C GLU L 124 -3.32 51.87 11.72
N THR L 125 -4.50 51.33 11.40
CA THR L 125 -4.60 50.00 10.83
C THR L 125 -3.84 49.91 9.51
N ALA L 126 -4.01 50.94 8.67
CA ALA L 126 -3.33 50.98 7.38
C ALA L 126 -1.81 51.08 7.50
N ALA L 127 -1.33 51.96 8.38
CA ALA L 127 0.12 52.11 8.57
C ALA L 127 0.73 50.83 9.11
N SER L 128 0.06 50.21 10.07
CA SER L 128 0.53 48.98 10.69
C SER L 128 0.49 47.74 9.79
N LEU L 129 -0.64 47.54 9.10
CA LEU L 129 -0.84 46.37 8.26
C LEU L 129 -0.26 46.41 6.84
N LEU L 130 -0.35 47.56 6.17
CA LEU L 130 0.17 47.70 4.82
C LEU L 130 1.68 47.81 4.75
N GLN L 131 2.34 46.67 4.93
CA GLN L 131 3.79 46.63 4.89
C GLN L 131 4.22 45.42 4.07
N ALA L 132 5.29 45.59 3.28
CA ALA L 132 5.83 44.52 2.44
C ALA L 132 6.11 43.27 3.26
N GLY L 133 5.78 42.11 2.69
CA GLY L 133 6.00 40.84 3.37
C GLY L 133 4.76 40.41 4.12
N TYR L 134 3.96 41.39 4.55
CA TYR L 134 2.71 41.10 5.26
C TYR L 134 1.75 40.51 4.25
N LYS L 135 1.12 39.42 4.62
CA LYS L 135 0.17 38.73 3.77
C LYS L 135 -1.28 39.16 3.97
N GLY L 136 -1.95 39.33 2.85
CA GLY L 136 -3.36 39.66 2.85
C GLY L 136 -4.07 38.47 2.22
N ARG L 137 -5.36 38.63 1.92
CA ARG L 137 -6.17 37.55 1.33
C ARG L 137 -7.07 38.08 0.23
N VAL L 138 -7.08 37.41 -0.91
CA VAL L 138 -7.90 37.82 -2.04
C VAL L 138 -8.85 36.68 -2.37
N THR L 139 -10.11 37.02 -2.66
CA THR L 139 -11.14 36.04 -2.99
C THR L 139 -11.89 36.47 -4.24
N GLY L 140 -12.48 35.50 -4.93
CA GLY L 140 -13.21 35.79 -6.15
C GLY L 140 -13.56 34.54 -6.93
N TRP L 141 -14.46 34.68 -7.89
CA TRP L 141 -14.90 33.55 -8.73
C TRP L 141 -14.32 33.70 -10.14
N GLY L 142 -13.25 34.47 -10.27
CA GLY L 142 -12.63 34.68 -11.57
C GLY L 142 -11.87 33.49 -12.15
N ASN L 143 -11.27 33.70 -13.32
CA ASN L 143 -10.53 32.65 -14.00
C ASN L 143 -9.43 32.01 -13.17
N LEU L 144 -9.29 30.70 -13.29
CA LEU L 144 -8.28 29.92 -12.57
C LEU L 144 -6.92 30.02 -13.27
N LYS L 145 -6.92 30.60 -14.46
CA LYS L 145 -5.71 30.77 -15.25
C LYS L 145 -5.91 31.92 -16.22
N GLU L 146 -4.81 32.56 -16.57
CA GLU L 146 -4.83 33.68 -17.49
C GLU L 146 -5.42 33.25 -18.82
N THR L 147 -4.93 32.15 -19.34
CA THR L 147 -5.38 31.57 -20.60
C THR L 147 -5.75 32.46 -21.79
N TRP L 148 -7.04 32.47 -22.14
CA TRP L 148 -7.57 33.16 -23.31
C TRP L 148 -6.70 32.92 -24.55
N THR L 149 -6.35 31.64 -24.70
CA THR L 149 -5.53 31.11 -25.78
C THR L 149 -5.60 29.58 -25.65
N ALA L 150 -4.51 28.96 -25.22
CA ALA L 150 -4.45 27.52 -25.04
C ALA L 150 -3.68 27.23 -23.75
N ASN L 151 -4.23 26.36 -22.91
CA ASN L 151 -3.61 26.00 -21.64
C ASN L 151 -4.48 25.02 -20.87
N VAL L 152 -3.84 24.11 -20.13
CA VAL L 152 -4.55 23.12 -19.33
C VAL L 152 -5.10 23.73 -18.05
N GLY L 153 -6.42 23.78 -17.92
CA GLY L 153 -7.04 24.34 -16.75
C GLY L 153 -8.56 24.17 -16.76
N LYS L 154 -9.18 24.33 -15.59
CA LYS L 154 -10.63 24.19 -15.47
C LYS L 154 -11.38 25.46 -15.88
N GLY L 155 -10.63 26.50 -16.23
CA GLY L 155 -11.21 27.76 -16.63
C GLY L 155 -11.84 28.54 -15.48
N GLN L 156 -13.06 28.16 -15.12
CA GLN L 156 -13.80 28.81 -14.04
C GLN L 156 -13.97 27.84 -12.87
N PRO L 157 -13.91 28.35 -11.64
CA PRO L 157 -14.06 27.50 -10.46
C PRO L 157 -15.52 27.15 -10.19
N SER L 158 -15.76 26.09 -9.42
CA SER L 158 -17.12 25.73 -9.08
C SER L 158 -17.52 26.47 -7.79
N VAL L 159 -16.51 26.78 -6.99
CA VAL L 159 -16.72 27.45 -5.70
C VAL L 159 -15.77 28.65 -5.54
N LEU L 160 -16.15 29.61 -4.68
CA LEU L 160 -15.34 30.79 -4.40
C LEU L 160 -13.91 30.38 -4.07
N GLN L 161 -12.94 31.05 -4.69
CA GLN L 161 -11.53 30.75 -4.47
C GLN L 161 -10.87 31.75 -3.52
N VAL L 162 -9.87 31.27 -2.80
CA VAL L 162 -9.13 32.08 -1.84
C VAL L 162 -7.63 31.88 -1.97
N VAL L 163 -6.88 32.97 -1.89
CA VAL L 163 -5.42 32.89 -1.94
C VAL L 163 -4.80 33.93 -0.99
N ASN L 164 -3.74 33.55 -0.28
CA ASN L 164 -3.05 34.48 0.61
C ASN L 164 -1.82 35.01 -0.13
N LEU L 165 -1.71 36.33 -0.26
CA LEU L 165 -0.60 36.94 -0.98
C LEU L 165 0.08 38.05 -0.18
N PRO L 166 1.42 38.04 -0.15
CA PRO L 166 2.20 39.05 0.57
C PRO L 166 2.31 40.37 -0.18
N ILE L 167 2.31 41.47 0.56
CA ILE L 167 2.44 42.79 -0.04
C ILE L 167 3.90 42.93 -0.47
N VAL L 168 4.12 43.59 -1.60
CA VAL L 168 5.45 43.76 -2.15
C VAL L 168 5.87 45.22 -2.03
N GLU L 169 7.14 45.44 -1.69
CA GLU L 169 7.67 46.80 -1.55
C GLU L 169 7.47 47.59 -2.84
N ARG L 170 7.10 48.85 -2.70
CA ARG L 170 6.81 49.73 -3.83
C ARG L 170 7.79 49.73 -5.01
N PRO L 171 9.12 49.83 -4.76
CA PRO L 171 10.05 49.83 -5.89
C PRO L 171 9.99 48.54 -6.75
N VAL L 172 9.84 47.38 -6.09
CA VAL L 172 9.73 46.11 -6.82
C VAL L 172 8.45 46.08 -7.68
N CYS L 173 7.39 46.75 -7.21
CA CYS L 173 6.13 46.82 -7.94
C CYS L 173 6.34 47.72 -9.15
N LYS L 174 7.10 48.79 -8.93
CA LYS L 174 7.40 49.79 -9.97
C LYS L 174 8.22 49.25 -11.13
N ASP L 175 9.22 48.45 -10.81
CA ASP L 175 10.12 47.87 -11.80
C ASP L 175 9.55 46.66 -12.55
N SER L 176 8.43 46.12 -12.08
CA SER L 176 7.81 44.95 -12.69
C SER L 176 6.94 45.29 -13.91
N THR L 177 6.65 46.57 -14.10
CA THR L 177 5.80 47.00 -15.21
C THR L 177 6.23 48.34 -15.74
N ARG L 178 5.80 48.67 -16.95
CA ARG L 178 6.12 49.96 -17.56
C ARG L 178 4.96 50.91 -17.33
N ILE L 179 3.88 50.37 -16.78
CA ILE L 179 2.69 51.16 -16.48
C ILE L 179 2.97 52.00 -15.24
N ARG L 180 2.55 53.26 -15.27
CA ARG L 180 2.79 54.14 -14.14
C ARG L 180 1.97 53.72 -12.92
N ILE L 181 2.64 53.60 -11.79
CA ILE L 181 2.04 53.22 -10.52
C ILE L 181 1.82 54.48 -9.69
N THR L 182 0.64 54.59 -9.09
CA THR L 182 0.30 55.74 -8.25
C THR L 182 0.19 55.29 -6.80
N ASP L 183 0.10 56.25 -5.90
CA ASP L 183 -0.03 55.98 -4.47
C ASP L 183 -1.41 55.40 -4.14
N ASN L 184 -2.33 55.49 -5.09
CA ASN L 184 -3.67 54.96 -4.94
C ASN L 184 -3.70 53.46 -5.27
N MET L 185 -2.52 52.85 -5.42
CA MET L 185 -2.42 51.43 -5.69
C MET L 185 -1.25 50.79 -4.97
N PHE L 186 -1.35 49.49 -4.79
CA PHE L 186 -0.30 48.70 -4.18
C PHE L 186 -0.29 47.35 -4.88
N CYS L 187 0.81 46.62 -4.79
CA CYS L 187 0.86 45.34 -5.46
C CYS L 187 1.16 44.23 -4.49
N ALA L 188 0.73 43.01 -4.83
CA ALA L 188 0.94 41.86 -3.96
C ALA L 188 1.18 40.60 -4.79
N GLY L 189 1.73 39.59 -4.14
CA GLY L 189 2.04 38.34 -4.82
C GLY L 189 3.44 37.88 -4.47
N TYR L 190 3.71 36.59 -4.64
CA TYR L 190 5.04 36.07 -4.34
C TYR L 190 6.07 36.41 -5.41
N LYS L 191 7.34 36.43 -5.01
CA LYS L 191 8.44 36.71 -5.91
C LYS L 191 8.91 35.36 -6.46
N PRO L 192 9.59 35.37 -7.63
CA PRO L 192 10.09 34.13 -8.26
C PRO L 192 10.89 33.20 -7.33
N ASP L 193 11.72 33.77 -6.47
CA ASP L 193 12.54 32.97 -5.55
C ASP L 193 11.81 32.39 -4.35
N GLU L 194 10.56 32.80 -4.14
CA GLU L 194 9.77 32.30 -3.01
C GLU L 194 9.11 30.97 -3.34
N GLY L 195 9.07 30.62 -4.62
CA GLY L 195 8.48 29.35 -5.01
C GLY L 195 6.97 29.31 -5.02
N LYS L 196 6.35 29.66 -3.89
CA LYS L 196 4.90 29.69 -3.77
C LYS L 196 4.34 30.67 -4.79
N ARG L 197 3.11 30.46 -5.23
CA ARG L 197 2.52 31.38 -6.17
C ARG L 197 1.04 31.70 -5.95
N GLY L 198 0.45 32.45 -6.87
CA GLY L 198 -0.93 32.84 -6.74
C GLY L 198 -1.13 34.24 -7.22
N ASP L 199 -2.37 34.57 -7.56
CA ASP L 199 -2.68 35.88 -8.07
C ASP L 199 -4.17 35.95 -8.37
N ALA L 200 -4.65 37.18 -8.55
CA ALA L 200 -6.04 37.41 -8.91
C ALA L 200 -6.06 37.31 -10.45
N CYS L 201 -7.23 37.32 -11.06
CA CYS L 201 -7.32 37.24 -12.51
C CYS L 201 -8.67 37.78 -12.98
N GLU L 202 -8.93 37.67 -14.28
CA GLU L 202 -10.16 38.12 -14.90
C GLU L 202 -11.41 37.64 -14.15
N GLY L 203 -12.28 38.58 -13.79
CA GLY L 203 -13.48 38.23 -13.05
C GLY L 203 -13.35 38.40 -11.54
N ASP L 204 -12.12 38.59 -11.05
CA ASP L 204 -11.87 38.80 -9.62
C ASP L 204 -11.96 40.28 -9.23
N SER L 205 -11.91 41.15 -10.25
CA SER L 205 -11.96 42.60 -10.03
C SER L 205 -13.10 42.99 -9.10
N GLY L 206 -12.82 43.96 -8.24
CA GLY L 206 -13.84 44.42 -7.29
C GLY L 206 -13.77 43.62 -6.01
N GLY L 207 -13.16 42.45 -6.08
CA GLY L 207 -13.03 41.60 -4.91
C GLY L 207 -12.14 42.25 -3.88
N PRO L 208 -12.32 41.92 -2.60
CA PRO L 208 -11.52 42.50 -1.52
C PRO L 208 -10.19 41.82 -1.21
N PHE L 209 -9.18 42.63 -0.91
CA PHE L 209 -7.87 42.17 -0.47
C PHE L 209 -7.96 42.48 1.01
N VAL L 210 -8.15 41.45 1.84
CA VAL L 210 -8.31 41.66 3.28
C VAL L 210 -7.16 41.21 4.16
N MET L 211 -7.09 41.81 5.34
CA MET L 211 -6.06 41.49 6.32
C MET L 211 -6.68 41.38 7.70
N LYS L 212 -6.28 40.35 8.45
CA LYS L 212 -6.82 40.15 9.80
C LYS L 212 -5.94 40.84 10.83
N SER L 213 -6.53 41.79 11.56
CA SER L 213 -5.79 42.53 12.56
C SER L 213 -5.33 41.66 13.72
N PRO L 214 -4.02 41.60 13.96
CA PRO L 214 -3.48 40.80 15.06
C PRO L 214 -3.79 41.50 16.39
N PHE L 215 -4.29 42.73 16.28
CA PHE L 215 -4.65 43.56 17.44
C PHE L 215 -6.07 43.31 17.95
N ASN L 216 -7.07 43.49 17.09
CA ASN L 216 -8.46 43.26 17.50
C ASN L 216 -9.14 42.08 16.81
N ASN L 217 -8.36 41.28 16.09
CA ASN L 217 -8.87 40.11 15.38
C ASN L 217 -9.96 40.36 14.33
N ARG L 218 -10.08 41.59 13.85
CA ARG L 218 -11.07 41.92 12.82
C ARG L 218 -10.40 41.96 11.45
N TRP L 219 -11.18 41.66 10.41
CA TRP L 219 -10.69 41.70 9.02
C TRP L 219 -10.91 43.08 8.40
N TYR L 220 -9.90 43.59 7.70
CA TYR L 220 -9.99 44.90 7.07
C TYR L 220 -9.73 44.84 5.58
N GLN L 221 -10.56 45.51 4.79
CA GLN L 221 -10.31 45.54 3.35
C GLN L 221 -9.28 46.63 3.02
N MET L 222 -8.04 46.20 2.80
CA MET L 222 -6.95 47.11 2.45
C MET L 222 -6.90 47.46 0.97
N GLY L 223 -7.45 46.56 0.13
CA GLY L 223 -7.46 46.78 -1.29
C GLY L 223 -8.62 46.19 -2.07
N ILE L 224 -8.69 46.55 -3.35
CA ILE L 224 -9.70 46.08 -4.27
C ILE L 224 -8.94 45.54 -5.48
N VAL L 225 -9.28 44.34 -5.93
CA VAL L 225 -8.63 43.76 -7.09
C VAL L 225 -8.90 44.77 -8.21
N SER L 226 -7.83 45.31 -8.78
CA SER L 226 -7.94 46.32 -9.83
C SER L 226 -7.39 45.92 -11.20
N TRP L 227 -6.10 45.62 -11.26
CA TRP L 227 -5.46 45.27 -12.53
C TRP L 227 -4.20 44.45 -12.42
N GLY L 228 -3.74 44.02 -13.59
CA GLY L 228 -2.52 43.24 -13.71
C GLY L 228 -2.15 43.04 -15.18
N GLU L 229 -1.08 42.30 -15.42
CA GLU L 229 -0.65 42.00 -16.78
C GLU L 229 -0.55 40.49 -16.82
N GLY L 230 -1.56 39.87 -17.42
CA GLY L 230 -1.63 38.43 -17.45
C GLY L 230 -2.06 38.05 -16.04
N CYS L 231 -1.78 36.82 -15.64
CA CYS L 231 -2.15 36.37 -14.29
C CYS L 231 -1.15 35.34 -13.80
N ASP L 232 -0.59 35.59 -12.62
CA ASP L 232 0.38 34.71 -11.98
C ASP L 232 1.67 34.46 -12.76
N ARG L 233 2.14 35.48 -13.48
CA ARG L 233 3.38 35.39 -14.24
C ARG L 233 4.57 35.68 -13.33
N ASP L 234 5.74 35.16 -13.68
CA ASP L 234 6.94 35.43 -12.89
C ASP L 234 7.36 36.88 -13.11
N GLY L 235 7.70 37.57 -12.02
CA GLY L 235 8.10 38.96 -12.12
C GLY L 235 6.95 39.95 -12.19
N LYS L 236 5.73 39.43 -12.24
CA LYS L 236 4.54 40.30 -12.27
C LYS L 236 3.81 40.17 -10.92
N TYR L 237 3.00 41.17 -10.58
CA TYR L 237 2.26 41.17 -9.32
C TYR L 237 0.89 41.79 -9.55
N GLY L 238 -0.12 41.30 -8.84
CA GLY L 238 -1.44 41.86 -8.97
C GLY L 238 -1.47 43.25 -8.35
N PHE L 239 -2.18 44.17 -8.97
CA PHE L 239 -2.29 45.52 -8.48
C PHE L 239 -3.69 45.76 -7.92
N TYR L 240 -3.73 46.41 -6.77
CA TYR L 240 -4.96 46.67 -6.03
C TYR L 240 -5.18 48.15 -5.73
N THR L 241 -6.44 48.52 -5.71
CA THR L 241 -6.82 49.89 -5.38
C THR L 241 -6.62 50.04 -3.88
N HIS L 242 -5.80 51.02 -3.50
CA HIS L 242 -5.46 51.32 -2.12
C HIS L 242 -6.68 51.93 -1.42
N VAL L 243 -7.38 51.12 -0.62
CA VAL L 243 -8.61 51.59 0.04
C VAL L 243 -8.46 52.79 0.97
N PHE L 244 -7.49 52.75 1.88
CA PHE L 244 -7.33 53.85 2.81
C PHE L 244 -7.11 55.20 2.10
N ARG L 245 -6.28 55.19 1.06
CA ARG L 245 -5.97 56.40 0.30
C ARG L 245 -7.21 57.07 -0.27
N LEU L 246 -8.24 56.27 -0.56
CA LEU L 246 -9.49 56.80 -1.11
C LEU L 246 -10.65 56.80 -0.10
N LYS L 247 -10.36 56.47 1.16
CA LYS L 247 -11.39 56.43 2.20
C LYS L 247 -12.13 57.76 2.39
N LYS L 248 -11.46 58.86 2.06
CA LYS L 248 -12.05 60.18 2.18
C LYS L 248 -13.22 60.32 1.21
N TRP L 249 -13.00 59.88 -0.03
CA TRP L 249 -14.05 59.92 -1.05
C TRP L 249 -15.19 58.96 -0.66
N ILE L 250 -14.83 57.80 -0.12
CA ILE L 250 -15.82 56.81 0.32
C ILE L 250 -16.76 57.43 1.39
N GLN L 251 -16.16 57.99 2.45
CA GLN L 251 -16.92 58.60 3.54
C GLN L 251 -17.76 59.79 3.05
N LYS L 252 -17.22 60.53 2.09
CA LYS L 252 -17.91 61.69 1.52
C LYS L 252 -19.24 61.32 0.84
N VAL L 253 -19.21 60.36 -0.09
CA VAL L 253 -20.45 59.99 -0.78
C VAL L 253 -21.46 59.29 0.14
N ILE L 254 -20.96 58.45 1.04
CA ILE L 254 -21.81 57.76 1.99
C ILE L 254 -22.53 58.75 2.93
N ASP L 255 -21.81 59.80 3.35
CA ASP L 255 -22.38 60.81 4.24
C ASP L 255 -23.39 61.74 3.56
N GLN L 256 -23.09 62.19 2.35
CA GLN L 256 -24.00 63.09 1.64
C GLN L 256 -25.13 62.36 0.93
N PHE L 257 -24.93 61.07 0.67
CA PHE L 257 -25.96 60.29 0.00
C PHE L 257 -26.66 59.31 0.92
N GLY L 258 -26.45 59.51 2.23
CA GLY L 258 -27.09 58.66 3.22
C GLY L 258 -26.42 57.33 3.43
N GLU L 259 -26.38 56.88 4.68
CA GLU L 259 -25.77 55.61 5.04
C GLU L 259 -26.84 54.50 5.13
C FMT M . 36.25 -59.69 25.71
O1 FMT M . 37.17 -59.64 24.79
O2 FMT M . 36.68 -59.05 26.78
CA CA N . 39.59 -42.06 9.99
NA NA O . 39.51 -58.57 26.06
C FMT P . -33.23 12.18 37.54
O1 FMT P . -33.64 11.07 38.09
O2 FMT P . -32.70 12.94 38.47
CA CA Q . -19.38 -6.98 37.55
NA NA R . -32.67 11.52 40.94
C FMT S . 38.21 22.35 -32.05
O1 FMT S . 37.17 23.10 -32.34
O2 FMT S . 39.19 23.14 -31.66
CA CA T . 19.19 23.41 -17.67
NA NA U . 37.84 25.53 -31.13
C FMT V . -35.13 30.94 -30.76
O1 FMT V . -35.91 29.96 -30.39
O2 FMT V . -35.81 31.73 -31.57
CA CA W . -40.76 34.89 -8.19
NA NA X . -38.47 30.97 -30.72
C1 NAG Y . 19.03 -35.32 30.51
C2 NAG Y . 17.89 -34.32 30.52
C3 NAG Y . 17.96 -33.48 29.27
C4 NAG Y . 19.31 -32.81 29.14
C5 NAG Y . 20.44 -33.85 29.27
C6 NAG Y . 21.81 -33.19 29.41
C7 NAG Y . 16.25 -35.79 31.59
C8 NAG Y . 14.88 -36.42 31.46
N2 NAG Y . 16.58 -35.02 30.56
O3 NAG Y . 16.88 -32.51 29.33
O4 NAG Y . 19.43 -32.20 27.86
O5 NAG Y . 20.25 -34.64 30.46
O6 NAG Y . 22.83 -34.20 29.52
O7 NAG Y . 16.98 -35.99 32.57
NA NA Z . -3.52 -51.90 7.99
N 0GJ AA . 1.87 -45.81 21.79
CA 0GJ AA . 3.22 -46.44 21.80
C 0GJ AA . 4.12 -45.75 20.76
O 0GJ AA . 3.90 -45.89 19.56
CB 0GJ AA . 3.08 -47.93 21.49
CG 0GJ AA . 4.36 -48.73 21.50
CD 0GJ AA . 4.09 -50.25 21.05
OE1 0GJ AA . 3.10 -50.49 20.30
OE2 0GJ AA . 4.88 -51.15 21.45
N1 0GJ BA . 5.13 -45.05 21.27
CA1 0GJ BA . 6.06 -44.32 20.41
C1 0GJ BA . 6.86 -45.13 19.42
O1 0GJ BA . 7.40 -46.17 19.77
N2 0GJ CA . 6.95 -44.64 18.18
CA2 0GJ CA . 7.69 -45.32 17.12
C2 0GJ CA . 9.06 -44.68 16.81
O2 0GJ CA . 9.91 -45.41 16.31
CB1 0GJ CA . 6.86 -45.40 15.84
CG1 0GJ CA . 5.60 -46.27 15.95
CD1 0GJ CA . 4.76 -46.16 14.68
NE 0GJ CA . 3.69 -47.14 14.68
CZ 0GJ CA . 2.75 -47.24 13.76
NH1 0GJ CA . 2.71 -46.40 12.72
NH2 0GJ CA . 1.86 -48.24 13.82
C3 0GJ DA . 9.75 -43.95 18.09
C1 NAG EA . -9.56 14.63 20.50
C2 NAG EA . -8.23 15.20 20.07
C3 NAG EA . -7.12 14.55 20.85
C4 NAG EA . -7.34 14.66 22.34
C5 NAG EA . -8.75 14.17 22.71
C6 NAG EA . -9.10 14.50 24.17
C7 NAG EA . -8.53 15.76 17.70
C8 NAG EA . -8.13 15.36 16.30
N2 NAG EA . -7.98 14.98 18.63
O3 NAG EA . -5.86 15.16 20.44
O4 NAG EA . -6.40 13.83 23.03
O5 NAG EA . -9.74 14.84 21.88
O6 NAG EA . -10.42 14.04 24.49
O7 NAG EA . -9.28 16.72 17.93
NA NA FA . -28.79 1.68 -5.03
N 0GJ GA . -22.38 11.22 2.60
CA 0GJ GA . -22.09 11.44 4.05
C 0GJ GA . -21.56 10.16 4.67
O 0GJ GA . -21.82 9.05 4.16
CB 0GJ GA . -23.34 11.92 4.80
CG 0GJ GA . -24.44 10.87 4.98
CD 0GJ GA . -25.57 10.88 3.82
OE1 0GJ GA . -25.64 11.87 3.05
OE2 0GJ GA . -26.36 9.92 3.74
N1 0GJ HA . -20.82 10.31 5.77
CA1 0GJ HA . -20.24 9.17 6.45
C1 0GJ HA . -21.26 8.23 7.06
O1 0GJ HA . -22.29 8.66 7.54
N2 0GJ IA . -20.96 6.93 7.00
CA2 0GJ IA . -21.83 5.89 7.56
C2 0GJ IA . -21.19 5.25 8.80
O2 0GJ IA . -21.95 4.74 9.62
CB1 0GJ IA . -22.13 4.81 6.50
CG1 0GJ IA . -22.94 5.31 5.32
CD1 0GJ IA . -23.02 4.25 4.23
NE 0GJ IA . -24.08 4.57 3.29
CZ 0GJ IA . -24.40 3.82 2.24
NH1 0GJ IA . -23.73 2.71 1.99
NH2 0GJ IA . -25.44 4.17 1.49
C3 0GJ JA . -20.21 6.24 9.62
C1 NAG KA . 37.56 1.57 -11.71
C2 NAG KA . 38.14 0.75 -10.57
C3 NAG KA . 37.63 1.28 -9.25
C4 NAG KA . 37.94 2.74 -9.09
C5 NAG KA . 37.43 3.53 -10.30
C6 NAG KA . 37.95 4.97 -10.29
C7 NAG KA . 38.44 -1.47 -11.52
C8 NAG KA . 37.91 -2.88 -11.53
N2 NAG KA . 37.75 -0.67 -10.71
O3 NAG KA . 38.23 0.49 -8.19
O4 NAG KA . 37.28 3.26 -7.94
O5 NAG KA . 37.92 2.92 -11.52
O6 NAG KA . 37.47 5.70 -11.43
O7 NAG KA . 39.40 -1.13 -12.21
NA NA LA . 19.69 -18.07 -34.24
N 0GJ MA . 30.83 -13.48 -26.27
CA 0GJ MA . 30.97 -12.04 -26.62
C 0GJ MA . 29.85 -11.23 -25.97
O 0GJ MA . 28.68 -11.36 -26.33
CB 0GJ MA . 30.91 -11.88 -28.14
CG 0GJ MA . 31.09 -10.47 -28.66
CD 0GJ MA . 30.80 -10.40 -30.25
OE1 0GJ MA . 29.95 -11.17 -30.75
OE2 0GJ MA . 31.47 -9.58 -30.93
N1 0GJ NA . 30.23 -10.39 -25.00
CA1 0GJ NA . 29.28 -9.56 -24.27
C1 0GJ NA . 28.45 -8.64 -25.13
O1 0GJ NA . 28.95 -8.07 -26.10
N2 0GJ OA . 27.16 -8.53 -24.81
CA2 0GJ OA . 26.23 -7.67 -25.54
C2 0GJ OA . 25.83 -6.44 -24.71
O2 0GJ OA . 25.48 -5.43 -25.32
CB1 0GJ OA . 24.97 -8.45 -25.96
CG1 0GJ OA . 25.21 -9.52 -27.03
CD1 0GJ OA . 23.96 -10.35 -27.26
NE 0GJ OA . 24.07 -11.16 -28.47
CZ 0GJ OA . 23.15 -12.01 -28.93
NH1 0GJ OA . 22.02 -12.19 -28.24
NH2 0GJ OA . 23.34 -12.64 -30.09
C3 0GJ PA . 26.97 -5.97 -23.65
C1 NAG QA . -23.47 56.23 -19.50
C2 NAG QA . -22.74 57.19 -18.56
C3 NAG QA . -23.14 56.88 -17.13
C4 NAG QA . -24.63 56.91 -16.94
C5 NAG QA . -25.35 56.05 -18.02
C6 NAG QA . -26.84 56.29 -18.06
C7 NAG QA . -20.70 57.24 -19.90
C8 NAG QA . -19.19 57.09 -19.87
N2 NAG QA . -21.27 57.06 -18.71
O3 NAG QA . -22.46 57.83 -16.27
O4 NAG QA . -24.97 56.37 -15.67
O5 NAG QA . -24.85 56.38 -19.33
O6 NAG QA . -27.45 55.46 -19.07
O7 NAG QA . -21.30 57.50 -20.94
NA NA RA . 3.76 36.50 -10.11
C FMT SA . -9.99 47.85 -17.87
O1 FMT SA . -8.96 47.62 -18.63
O2 FMT SA . -11.05 47.35 -18.44
N 0GJ TA . -3.84 45.29 -17.70
CA 0GJ TA . -5.28 45.51 -18.04
C 0GJ TA . -6.13 45.32 -16.80
O 0GJ TA . -5.69 44.69 -15.83
CB 0GJ TA . -5.75 44.55 -19.15
CG 0GJ TA . -5.68 43.06 -18.82
CD 0GJ TA . -4.23 42.39 -19.11
OE1 0GJ TA . -3.45 42.97 -19.91
OE2 0GJ TA . -3.93 41.30 -18.56
N1 0GJ UA . -7.34 45.84 -16.86
CA1 0GJ UA . -8.27 45.75 -15.75
C1 0GJ UA . -8.79 44.35 -15.51
O1 0GJ UA . -8.99 43.59 -16.46
N2 0GJ VA . -8.97 44.00 -14.23
CA2 0GJ VA . -9.47 42.70 -13.84
C2 0GJ VA . -10.91 42.78 -13.30
O2 0GJ VA . -11.59 41.76 -13.37
CB1 0GJ VA . -8.56 42.09 -12.77
CG1 0GJ VA . -7.13 41.79 -13.25
CD1 0GJ VA . -6.24 41.37 -12.08
NE 0GJ VA . -4.98 40.83 -12.55
CZ 0GJ VA . -4.03 40.32 -11.77
NH1 0GJ VA . -4.17 40.32 -10.46
NH2 0GJ VA . -2.97 39.73 -12.32
C3 0GJ WA . -11.77 43.98 -13.97
#